data_8PIR
#
_entry.id   8PIR
#
_cell.length_a   60.599
_cell.length_b   95.726
_cell.length_c   109.252
_cell.angle_alpha   69.92
_cell.angle_beta   89.53
_cell.angle_gamma   86.06
#
_symmetry.space_group_name_H-M   'P 1'
#
loop_
_entity.id
_entity.type
_entity.pdbx_description
1 polymer 'phosphoglycerate dehydrogenase'
2 non-polymer NICOTINAMIDE-ADENINE-DINUCLEOTIDE
3 non-polymer '3-PHOSPHOGLYCERIC ACID'
4 non-polymer 1,4-BUTANEDIOL
5 water water
#
_entity_poly.entity_id   1
_entity_poly.type   'polypeptide(L)'
_entity_poly.pdbx_seq_one_letter_code
;GSGAMSYSAADNLQDSFQRAMNFSGSPGAVSTSPTQSFMNTLPRRVSITKQPKALKPFSTGDMNILLLENVNATAIKIFK
DQGYQVEFHKSSLPEDELIEKIKDVHAIGIRSKTRLTEKILQHARNLVCIGCFCIGTNQVDLKYAASKGIAVFNSPFSNS
RSVAELVIGEIISLARQLGDRSIELHTGTWNKVAARCWEVRGKTLGIIGYGHIGSQLSVLAEAMGLHVLYYDIVTIMALG
TARQVSTLDELLNKSDFVTLHVPATPETEKMLSAPQFAAMKDGAYVINASRGTVVDIPSLIQAVKANKIAGAALDVYPHE
PAKNGEGSFNDELNSWTSELVSLPNIILTPHIGGSTEEAQSSIGIEVATALSKYINEGNSVGSVNFPEVSLKSLDYDQEN
TVRVLYIHRNVPGVLKTVNDILSDHNIEKQFSDSHGEIAYLMADISSVNQSEIKDIYEKLNQTSAKVSIRLLY
;
_entity_poly.pdbx_strand_id   F,A,B,C
#
# COMPACT_ATOMS: atom_id res chain seq x y z
N ALA A 29 19.13 -5.59 -27.39
CA ALA A 29 18.23 -4.54 -27.95
C ALA A 29 17.12 -4.20 -26.94
N VAL A 30 16.75 -2.92 -26.84
CA VAL A 30 15.43 -2.47 -26.28
C VAL A 30 14.33 -3.11 -27.14
N SER A 31 13.44 -3.87 -26.50
CA SER A 31 12.38 -4.67 -27.15
C SER A 31 11.06 -4.50 -26.40
N THR A 32 9.95 -4.87 -27.07
CA THR A 32 8.57 -4.85 -26.55
C THR A 32 8.54 -5.54 -25.18
N SER A 33 7.98 -4.87 -24.16
CA SER A 33 7.60 -5.46 -22.85
C SER A 33 6.67 -6.65 -23.08
N PRO A 34 6.65 -7.65 -22.16
CA PRO A 34 5.55 -8.63 -22.11
C PRO A 34 4.19 -7.99 -21.79
N THR A 35 3.13 -8.48 -22.44
CA THR A 35 1.71 -8.04 -22.27
C THR A 35 1.24 -8.33 -20.84
N GLN A 36 0.47 -7.40 -20.26
CA GLN A 36 0.18 -7.33 -18.79
C GLN A 36 -0.96 -8.28 -18.42
N PRO A 43 -12.98 -0.01 -11.71
CA PRO A 43 -14.09 0.83 -11.24
C PRO A 43 -15.45 0.23 -11.65
N ARG A 44 -16.19 -0.33 -10.68
CA ARG A 44 -17.62 -0.68 -10.82
C ARG A 44 -18.43 0.61 -11.00
N ARG A 45 -19.46 0.51 -11.85
CA ARG A 45 -20.23 1.72 -12.18
C ARG A 45 -21.72 1.43 -12.17
N VAL A 46 -22.54 2.47 -12.03
CA VAL A 46 -24.02 2.31 -12.13
C VAL A 46 -24.29 1.90 -13.58
N SER A 47 -25.04 0.82 -13.80
CA SER A 47 -25.21 0.30 -15.17
C SER A 47 -26.45 0.91 -15.81
N ILE A 48 -26.30 1.96 -16.61
CA ILE A 48 -27.54 2.45 -17.29
C ILE A 48 -27.89 1.48 -18.44
N THR A 49 -28.67 0.45 -18.12
CA THR A 49 -29.25 -0.53 -19.08
C THR A 49 -30.76 -0.24 -19.22
N LYS A 50 -31.39 -0.64 -20.32
CA LYS A 50 -32.88 -0.79 -20.39
C LYS A 50 -33.30 -1.65 -19.21
N GLN A 51 -34.20 -1.14 -18.35
CA GLN A 51 -34.72 -1.87 -17.18
C GLN A 51 -35.25 -3.22 -17.63
N PRO A 52 -35.02 -4.31 -16.86
CA PRO A 52 -35.47 -5.63 -17.24
C PRO A 52 -36.98 -5.80 -17.04
N LYS A 53 -37.57 -6.77 -17.76
CA LYS A 53 -38.98 -7.19 -17.63
C LYS A 53 -39.10 -8.16 -16.45
N ALA A 54 -40.04 -7.90 -15.54
CA ALA A 54 -40.34 -8.76 -14.37
C ALA A 54 -41.30 -9.86 -14.81
N LEU A 55 -40.82 -11.11 -14.77
CA LEU A 55 -41.57 -12.30 -15.26
C LEU A 55 -42.36 -12.91 -14.09
N LYS A 56 -43.58 -13.36 -14.39
CA LYS A 56 -44.41 -14.03 -13.37
C LYS A 56 -44.64 -15.46 -13.82
N PRO A 57 -44.96 -16.40 -12.92
CA PRO A 57 -45.28 -17.75 -13.33
C PRO A 57 -46.67 -17.82 -13.95
N PHE A 58 -46.93 -18.82 -14.78
CA PHE A 58 -48.23 -18.85 -15.50
C PHE A 58 -49.34 -19.50 -14.71
N SER A 59 -49.22 -20.78 -14.35
CA SER A 59 -50.37 -21.47 -13.71
C SER A 59 -50.32 -21.27 -12.21
N THR A 60 -49.33 -20.52 -11.77
CA THR A 60 -49.17 -20.42 -10.32
C THR A 60 -49.93 -19.23 -9.77
N GLY A 61 -50.73 -19.45 -8.72
CA GLY A 61 -51.36 -18.33 -7.99
C GLY A 61 -50.37 -17.55 -7.14
N ASP A 62 -49.56 -18.25 -6.35
CA ASP A 62 -48.59 -17.57 -5.45
C ASP A 62 -47.54 -18.59 -5.02
N MET A 63 -46.37 -18.12 -4.60
CA MET A 63 -45.28 -19.07 -4.29
C MET A 63 -45.14 -19.19 -2.78
N ASN A 64 -45.07 -20.42 -2.29
CA ASN A 64 -44.96 -20.67 -0.83
C ASN A 64 -43.53 -21.12 -0.48
N ILE A 65 -42.84 -20.39 0.39
CA ILE A 65 -41.47 -20.71 0.87
C ILE A 65 -41.59 -21.23 2.31
N LEU A 66 -40.98 -22.38 2.60
CA LEU A 66 -40.76 -22.88 3.97
C LEU A 66 -39.28 -22.75 4.32
N LEU A 67 -38.98 -22.04 5.41
CA LEU A 67 -37.59 -21.85 5.92
C LEU A 67 -37.48 -22.50 7.31
N LEU A 68 -36.55 -23.45 7.45
CA LEU A 68 -36.30 -24.21 8.71
C LEU A 68 -34.98 -23.76 9.35
N GLU A 69 -34.72 -24.22 10.57
CA GLU A 69 -33.39 -24.21 11.22
C GLU A 69 -32.90 -22.76 11.40
N ASN A 70 -33.84 -21.82 11.50
CA ASN A 70 -33.55 -20.41 11.90
C ASN A 70 -32.59 -19.78 10.87
N VAL A 71 -33.00 -19.77 9.60
CA VAL A 71 -32.31 -19.01 8.52
C VAL A 71 -32.39 -17.52 8.85
N ASN A 72 -31.37 -16.76 8.45
CA ASN A 72 -31.19 -15.32 8.77
C ASN A 72 -32.35 -14.49 8.19
N ALA A 73 -32.61 -13.33 8.79
CA ALA A 73 -33.73 -12.41 8.45
C ALA A 73 -33.51 -11.77 7.08
N THR A 74 -32.27 -11.72 6.60
CA THR A 74 -31.91 -11.16 5.27
C THR A 74 -32.61 -11.99 4.18
N ALA A 75 -32.60 -13.32 4.34
CA ALA A 75 -33.28 -14.27 3.43
C ALA A 75 -34.78 -13.96 3.44
N ILE A 76 -35.37 -13.86 4.64
CA ILE A 76 -36.82 -13.56 4.87
C ILE A 76 -37.19 -12.27 4.12
N LYS A 77 -36.40 -11.21 4.25
CA LYS A 77 -36.66 -9.88 3.64
C LYS A 77 -36.69 -10.04 2.11
N ILE A 78 -35.71 -10.75 1.56
CA ILE A 78 -35.53 -10.88 0.08
C ILE A 78 -36.75 -11.61 -0.50
N PHE A 79 -37.27 -12.61 0.22
CA PHE A 79 -38.37 -13.49 -0.23
C PHE A 79 -39.71 -12.75 -0.17
N LYS A 80 -39.95 -11.97 0.89
CA LYS A 80 -41.18 -11.14 1.06
C LYS A 80 -41.24 -10.07 -0.03
N ASP A 81 -40.09 -9.47 -0.39
CA ASP A 81 -39.98 -8.39 -1.41
C ASP A 81 -40.25 -8.94 -2.81
N GLN A 82 -40.20 -10.27 -2.98
CA GLN A 82 -40.46 -10.94 -4.29
C GLN A 82 -41.95 -11.26 -4.42
N GLY A 83 -42.72 -11.05 -3.35
CA GLY A 83 -44.15 -11.40 -3.29
C GLY A 83 -44.38 -12.72 -2.60
N TYR A 84 -43.34 -13.55 -2.47
CA TYR A 84 -43.46 -14.94 -1.97
C TYR A 84 -44.08 -14.91 -0.57
N GLN A 85 -44.82 -15.96 -0.21
CA GLN A 85 -45.38 -16.17 1.16
C GLN A 85 -44.37 -17.01 1.95
N VAL A 86 -43.88 -16.51 3.08
CA VAL A 86 -42.82 -17.18 3.89
C VAL A 86 -43.43 -17.79 5.14
N GLU A 87 -43.13 -19.06 5.38
CA GLU A 87 -43.32 -19.73 6.70
C GLU A 87 -41.93 -20.00 7.31
N PHE A 88 -41.69 -19.45 8.50
CA PHE A 88 -40.37 -19.42 9.18
C PHE A 88 -40.45 -20.25 10.47
N HIS A 89 -39.52 -21.19 10.64
CA HIS A 89 -39.29 -21.94 11.91
C HIS A 89 -37.84 -21.76 12.37
N LYS A 90 -37.62 -21.87 13.69
CA LYS A 90 -36.28 -21.78 14.34
C LYS A 90 -35.66 -23.17 14.45
N SER A 91 -36.44 -24.23 14.22
CA SER A 91 -36.07 -25.65 14.48
C SER A 91 -36.19 -26.44 13.18
N SER A 92 -35.51 -27.60 13.10
CA SER A 92 -35.87 -28.71 12.17
C SER A 92 -37.30 -29.16 12.47
N LEU A 93 -37.91 -29.97 11.61
CA LEU A 93 -39.29 -30.51 11.80
C LEU A 93 -39.22 -32.03 11.91
N PRO A 94 -40.09 -32.67 12.73
CA PRO A 94 -40.24 -34.13 12.73
C PRO A 94 -40.73 -34.62 11.36
N GLU A 95 -40.28 -35.79 10.91
CA GLU A 95 -40.52 -36.30 9.54
C GLU A 95 -42.02 -36.26 9.22
N ASP A 96 -42.87 -36.43 10.24
CA ASP A 96 -44.36 -36.40 10.11
C ASP A 96 -44.79 -35.03 9.59
N GLU A 97 -44.55 -33.96 10.36
CA GLU A 97 -45.08 -32.60 10.11
C GLU A 97 -44.45 -32.03 8.82
N LEU A 98 -43.22 -32.44 8.50
CA LEU A 98 -42.46 -31.97 7.30
C LEU A 98 -43.17 -32.47 6.04
N ILE A 99 -43.40 -33.79 5.95
CA ILE A 99 -44.14 -34.43 4.82
C ILE A 99 -45.47 -33.71 4.60
N GLU A 100 -46.19 -33.38 5.67
CA GLU A 100 -47.47 -32.61 5.60
C GLU A 100 -47.19 -31.24 4.97
N LYS A 101 -46.11 -30.57 5.39
CA LYS A 101 -45.82 -29.14 5.09
C LYS A 101 -45.37 -29.00 3.63
N ILE A 102 -44.59 -29.96 3.10
CA ILE A 102 -43.87 -29.81 1.80
C ILE A 102 -44.77 -30.25 0.64
N LYS A 103 -45.97 -30.74 0.92
CA LYS A 103 -46.96 -31.11 -0.13
C LYS A 103 -47.16 -29.90 -1.04
N ASP A 104 -47.32 -28.71 -0.46
CA ASP A 104 -47.92 -27.51 -1.11
C ASP A 104 -46.86 -26.39 -1.22
N VAL A 105 -45.57 -26.75 -1.19
CA VAL A 105 -44.44 -25.78 -1.02
C VAL A 105 -43.66 -25.69 -2.34
N HIS A 106 -43.22 -24.48 -2.69
CA HIS A 106 -42.55 -24.16 -3.97
C HIS A 106 -41.03 -24.13 -3.78
N ALA A 107 -40.57 -23.69 -2.60
CA ALA A 107 -39.14 -23.66 -2.24
C ALA A 107 -38.99 -23.89 -0.74
N ILE A 108 -38.00 -24.70 -0.34
CA ILE A 108 -37.67 -24.97 1.08
C ILE A 108 -36.22 -24.54 1.32
N GLY A 109 -35.99 -23.81 2.41
CA GLY A 109 -34.64 -23.48 2.92
C GLY A 109 -34.32 -24.25 4.19
N ILE A 110 -33.21 -24.99 4.18
CA ILE A 110 -32.75 -25.82 5.33
C ILE A 110 -31.34 -25.37 5.72
N ARG A 111 -30.82 -25.92 6.81
CA ARG A 111 -29.37 -25.96 7.13
C ARG A 111 -28.94 -27.43 7.21
N SER A 112 -27.92 -27.74 8.01
CA SER A 112 -27.23 -29.06 8.02
C SER A 112 -28.12 -30.16 8.63
N LYS A 113 -29.14 -29.81 9.40
CA LYS A 113 -29.87 -30.78 10.26
C LYS A 113 -30.99 -31.46 9.47
N THR A 114 -31.88 -30.69 8.83
CA THR A 114 -33.06 -31.22 8.09
C THR A 114 -32.58 -32.11 6.95
N ARG A 115 -32.80 -33.42 7.06
CA ARG A 115 -32.41 -34.41 6.02
C ARG A 115 -33.56 -34.54 5.02
N LEU A 116 -33.31 -34.19 3.76
CA LEU A 116 -34.30 -34.28 2.65
C LEU A 116 -34.01 -35.52 1.81
N THR A 117 -34.57 -36.65 2.21
CA THR A 117 -34.37 -38.00 1.61
C THR A 117 -35.41 -38.22 0.53
N GLU A 118 -35.23 -39.25 -0.31
CA GLU A 118 -36.27 -39.77 -1.23
C GLU A 118 -37.59 -39.91 -0.48
N LYS A 119 -37.53 -40.44 0.76
CA LYS A 119 -38.71 -40.74 1.60
C LYS A 119 -39.61 -39.50 1.69
N ILE A 120 -39.04 -38.30 1.82
CA ILE A 120 -39.79 -37.06 2.12
C ILE A 120 -39.91 -36.19 0.86
N LEU A 121 -38.98 -36.29 -0.09
CA LEU A 121 -39.00 -35.49 -1.34
C LEU A 121 -40.03 -36.07 -2.32
N GLN A 122 -40.49 -37.31 -2.09
CA GLN A 122 -41.38 -38.04 -3.04
C GLN A 122 -42.82 -37.48 -2.93
N HIS A 123 -43.14 -36.76 -1.85
CA HIS A 123 -44.48 -36.17 -1.59
C HIS A 123 -44.52 -34.71 -2.05
N ALA A 124 -43.43 -34.20 -2.63
CA ALA A 124 -43.22 -32.77 -2.91
C ALA A 124 -43.72 -32.43 -4.33
N ARG A 125 -45.04 -32.23 -4.48
CA ARG A 125 -45.71 -32.03 -5.79
C ARG A 125 -45.14 -30.78 -6.46
N ASN A 126 -44.96 -29.69 -5.71
CA ASN A 126 -44.83 -28.31 -6.24
C ASN A 126 -43.37 -27.83 -6.16
N LEU A 127 -42.49 -28.60 -5.54
CA LEU A 127 -41.15 -28.13 -5.11
C LEU A 127 -40.29 -27.81 -6.35
N VAL A 128 -39.92 -26.54 -6.48
CA VAL A 128 -39.11 -25.99 -7.62
C VAL A 128 -37.61 -26.12 -7.28
N CYS A 129 -37.21 -25.78 -6.06
CA CYS A 129 -35.77 -25.66 -5.64
C CYS A 129 -35.61 -25.77 -4.12
N ILE A 130 -34.44 -26.24 -3.69
CA ILE A 130 -34.02 -26.34 -2.26
C ILE A 130 -32.87 -25.37 -2.01
N GLY A 131 -32.95 -24.56 -0.95
CA GLY A 131 -31.84 -23.72 -0.45
C GLY A 131 -31.14 -24.35 0.75
N CYS A 132 -29.87 -24.72 0.60
CA CYS A 132 -28.96 -25.07 1.72
C CYS A 132 -28.26 -23.81 2.23
N PHE A 133 -28.77 -23.21 3.31
CA PHE A 133 -28.22 -21.97 3.92
C PHE A 133 -27.03 -22.34 4.79
N CYS A 134 -25.97 -22.83 4.14
CA CYS A 134 -24.79 -23.52 4.75
C CYS A 134 -23.93 -24.10 3.63
N ILE A 135 -22.81 -24.73 3.94
CA ILE A 135 -21.87 -25.26 2.91
C ILE A 135 -22.28 -26.67 2.51
N GLY A 136 -22.78 -27.46 3.46
CA GLY A 136 -23.11 -28.87 3.19
C GLY A 136 -24.34 -29.10 2.37
N THR A 137 -24.29 -30.08 1.48
CA THR A 137 -25.46 -30.48 0.66
C THR A 137 -25.72 -31.99 0.87
N ASN A 138 -25.06 -32.65 1.82
CA ASN A 138 -25.14 -34.13 1.97
C ASN A 138 -26.45 -34.52 2.67
N GLN A 139 -27.03 -33.61 3.43
CA GLN A 139 -28.33 -33.81 4.10
C GLN A 139 -29.46 -33.85 3.06
N VAL A 140 -29.13 -33.66 1.78
CA VAL A 140 -30.10 -33.74 0.65
C VAL A 140 -29.68 -34.89 -0.29
N ASP A 141 -30.65 -35.70 -0.71
CA ASP A 141 -30.51 -36.67 -1.81
C ASP A 141 -30.47 -35.91 -3.14
N LEU A 142 -29.28 -35.43 -3.53
CA LEU A 142 -29.08 -34.61 -4.75
C LEU A 142 -29.55 -35.37 -5.99
N LYS A 143 -29.04 -36.59 -6.22
CA LYS A 143 -29.35 -37.40 -7.43
C LYS A 143 -30.87 -37.55 -7.55
N TYR A 144 -31.58 -37.87 -6.47
CA TYR A 144 -33.06 -38.03 -6.49
C TYR A 144 -33.72 -36.68 -6.82
N ALA A 145 -33.30 -35.61 -6.15
CA ALA A 145 -33.85 -34.25 -6.32
C ALA A 145 -33.76 -33.84 -7.81
N ALA A 146 -32.61 -34.11 -8.43
CA ALA A 146 -32.32 -33.78 -9.84
C ALA A 146 -33.28 -34.54 -10.77
N SER A 147 -33.52 -35.83 -10.49
CA SER A 147 -34.39 -36.72 -11.31
C SER A 147 -35.87 -36.28 -11.21
N LYS A 148 -36.24 -35.45 -10.24
CA LYS A 148 -37.61 -34.86 -10.11
C LYS A 148 -37.60 -33.41 -10.61
N GLY A 149 -36.45 -32.92 -11.09
CA GLY A 149 -36.29 -31.55 -11.62
C GLY A 149 -36.20 -30.51 -10.52
N ILE A 150 -35.60 -30.88 -9.38
CA ILE A 150 -35.51 -30.02 -8.16
C ILE A 150 -34.07 -29.52 -8.03
N ALA A 151 -33.85 -28.22 -8.22
CA ALA A 151 -32.51 -27.59 -8.23
C ALA A 151 -32.11 -27.24 -6.80
N VAL A 152 -30.88 -27.60 -6.41
CA VAL A 152 -30.31 -27.32 -5.05
C VAL A 152 -29.19 -26.28 -5.15
N PHE A 153 -29.20 -25.30 -4.24
CA PHE A 153 -28.18 -24.24 -4.11
C PHE A 153 -27.64 -24.20 -2.67
N ASN A 154 -26.40 -23.73 -2.50
CA ASN A 154 -25.74 -23.61 -1.18
C ASN A 154 -24.92 -22.32 -1.14
N SER A 155 -24.22 -22.04 -0.04
CA SER A 155 -23.23 -20.95 0.13
C SER A 155 -21.90 -21.54 0.62
N PRO A 156 -21.00 -21.95 -0.30
CA PRO A 156 -19.77 -22.63 0.09
C PRO A 156 -18.72 -21.74 0.78
N PHE A 157 -18.67 -20.44 0.45
CA PHE A 157 -17.47 -19.57 0.65
C PHE A 157 -17.80 -18.31 1.47
N SER A 158 -19.03 -18.19 1.97
CA SER A 158 -19.49 -16.95 2.66
C SER A 158 -18.98 -16.93 4.12
N ASN A 159 -18.10 -17.85 4.50
CA ASN A 159 -17.65 -18.03 5.90
C ASN A 159 -16.15 -17.72 6.04
N SER A 160 -15.48 -17.43 4.93
CA SER A 160 -13.99 -17.35 4.82
C SER A 160 -13.44 -16.37 5.85
N ARG A 161 -13.97 -15.14 5.86
CA ARG A 161 -13.43 -14.01 6.65
C ARG A 161 -13.57 -14.36 8.14
N SER A 162 -14.70 -14.98 8.52
CA SER A 162 -15.02 -15.34 9.93
C SER A 162 -14.00 -16.37 10.44
N VAL A 163 -13.55 -17.29 9.58
CA VAL A 163 -12.55 -18.35 9.94
C VAL A 163 -11.15 -17.73 10.01
N ALA A 164 -10.79 -16.86 9.08
CA ALA A 164 -9.46 -16.19 9.02
C ALA A 164 -9.25 -15.36 10.28
N GLU A 165 -10.22 -14.51 10.64
CA GLU A 165 -10.16 -13.69 11.87
C GLU A 165 -10.00 -14.59 13.10
N LEU A 166 -10.76 -15.68 13.17
CA LEU A 166 -10.64 -16.62 14.32
C LEU A 166 -9.19 -17.07 14.44
N VAL A 167 -8.53 -17.40 13.33
CA VAL A 167 -7.16 -17.97 13.35
C VAL A 167 -6.17 -16.90 13.83
N ILE A 168 -6.37 -15.64 13.43
CA ILE A 168 -5.54 -14.50 13.92
C ILE A 168 -5.68 -14.42 15.45
N GLY A 169 -6.92 -14.35 15.94
CA GLY A 169 -7.22 -14.31 17.37
C GLY A 169 -6.52 -15.42 18.14
N GLU A 170 -6.49 -16.61 17.55
CA GLU A 170 -5.99 -17.85 18.20
C GLU A 170 -4.47 -17.91 18.12
N ILE A 171 -3.87 -17.39 17.05
CA ILE A 171 -2.39 -17.26 16.94
C ILE A 171 -1.91 -16.43 18.13
N ILE A 172 -2.53 -15.25 18.32
CA ILE A 172 -2.16 -14.30 19.41
C ILE A 172 -2.45 -14.99 20.75
N SER A 173 -3.63 -15.62 20.88
CA SER A 173 -4.10 -16.19 22.17
C SER A 173 -3.15 -17.32 22.60
N LEU A 174 -2.70 -18.14 21.67
CA LEU A 174 -1.74 -19.24 21.92
C LEU A 174 -0.36 -18.64 22.24
N ALA A 175 0.09 -17.69 21.43
CA ALA A 175 1.40 -17.01 21.57
C ALA A 175 1.57 -16.49 23.00
N ARG A 176 0.48 -16.05 23.63
CA ARG A 176 0.52 -15.24 24.88
C ARG A 176 -0.13 -16.04 26.02
N GLN A 177 -0.66 -17.23 25.71
CA GLN A 177 -1.36 -18.12 26.67
C GLN A 177 -2.49 -17.37 27.37
N LEU A 178 -3.33 -16.64 26.63
CA LEU A 178 -4.39 -15.78 27.20
C LEU A 178 -5.38 -16.64 27.99
N GLY A 179 -5.95 -17.64 27.32
CA GLY A 179 -6.95 -18.57 27.91
C GLY A 179 -6.49 -19.07 29.27
N ASP A 180 -5.25 -19.58 29.37
CA ASP A 180 -4.67 -20.13 30.62
C ASP A 180 -4.64 -19.01 31.69
N ARG A 181 -4.14 -17.83 31.31
CA ARG A 181 -4.02 -16.66 32.21
C ARG A 181 -5.40 -16.34 32.79
N SER A 182 -6.45 -16.33 31.96
CA SER A 182 -7.81 -15.88 32.36
C SER A 182 -8.51 -16.97 33.20
N ILE A 183 -8.21 -18.24 32.93
CA ILE A 183 -8.74 -19.40 33.71
C ILE A 183 -8.13 -19.36 35.12
N GLU A 184 -6.81 -19.14 35.20
CA GLU A 184 -6.07 -18.96 36.48
C GLU A 184 -6.75 -17.87 37.32
N LEU A 185 -6.86 -16.64 36.81
CA LEU A 185 -7.36 -15.49 37.62
C LEU A 185 -8.80 -15.68 38.06
N HIS A 186 -9.56 -16.43 37.29
CA HIS A 186 -10.99 -16.68 37.60
C HIS A 186 -11.10 -17.61 38.81
N THR A 187 -10.10 -18.49 39.01
CA THR A 187 -9.96 -19.37 40.21
C THR A 187 -9.14 -18.66 41.29
N GLY A 188 -8.66 -17.45 41.00
CA GLY A 188 -8.06 -16.54 41.99
C GLY A 188 -6.54 -16.54 41.93
N THR A 189 -5.95 -17.32 41.00
CA THR A 189 -4.48 -17.48 40.82
C THR A 189 -3.92 -16.36 39.93
N TRP A 190 -2.90 -15.67 40.42
CA TRP A 190 -2.17 -14.57 39.73
C TRP A 190 -0.82 -15.11 39.27
N ASN A 191 -0.63 -15.23 37.95
CA ASN A 191 0.56 -15.91 37.37
C ASN A 191 1.06 -15.10 36.17
N LYS A 192 1.75 -13.99 36.44
CA LYS A 192 2.43 -13.14 35.43
C LYS A 192 3.64 -13.91 34.85
N VAL A 193 3.52 -14.35 33.60
CA VAL A 193 4.52 -15.21 32.90
C VAL A 193 4.89 -14.57 31.57
N ALA A 194 6.19 -14.47 31.27
CA ALA A 194 6.75 -13.95 30.00
C ALA A 194 7.47 -15.06 29.24
N ALA A 195 7.82 -16.15 29.94
CA ALA A 195 8.68 -17.23 29.41
C ALA A 195 7.94 -17.95 28.28
N ARG A 196 8.53 -17.95 27.08
CA ARG A 196 7.97 -18.63 25.88
C ARG A 196 6.54 -18.15 25.67
N CYS A 197 6.26 -16.89 26.01
CA CYS A 197 5.18 -16.05 25.41
C CYS A 197 5.78 -15.08 24.39
N TRP A 198 5.20 -15.05 23.20
CA TRP A 198 5.87 -14.36 22.10
C TRP A 198 5.04 -13.31 21.40
N GLU A 199 5.75 -12.37 20.73
CA GLU A 199 5.09 -11.37 19.88
C GLU A 199 5.00 -12.03 18.51
N VAL A 200 3.85 -11.93 17.85
CA VAL A 200 3.63 -12.62 16.56
C VAL A 200 4.57 -12.00 15.52
N ARG A 201 4.85 -10.71 15.60
CA ARG A 201 5.70 -10.09 14.56
C ARG A 201 7.04 -10.80 14.51
N GLY A 202 7.49 -11.18 13.31
CA GLY A 202 8.76 -11.88 13.14
C GLY A 202 8.60 -13.38 13.07
N LYS A 203 7.43 -13.86 13.45
CA LYS A 203 7.16 -15.32 13.48
C LYS A 203 6.69 -15.78 12.10
N THR A 204 6.73 -17.08 11.84
CA THR A 204 6.35 -17.69 10.54
C THR A 204 5.01 -18.44 10.69
N LEU A 205 4.01 -18.03 9.90
CA LEU A 205 2.76 -18.78 9.70
C LEU A 205 2.94 -19.72 8.53
N GLY A 206 2.79 -21.03 8.77
CA GLY A 206 2.63 -22.05 7.73
C GLY A 206 1.17 -22.33 7.43
N ILE A 207 0.71 -21.95 6.24
CA ILE A 207 -0.70 -22.20 5.79
C ILE A 207 -0.71 -23.44 4.89
N ILE A 208 -1.36 -24.50 5.36
CA ILE A 208 -1.62 -25.73 4.55
C ILE A 208 -3.00 -25.59 3.89
N GLY A 209 -3.01 -25.32 2.60
CA GLY A 209 -4.22 -25.07 1.80
C GLY A 209 -4.45 -23.59 1.60
N TYR A 210 -4.03 -23.06 0.45
CA TYR A 210 -4.05 -21.61 0.12
C TYR A 210 -5.29 -21.33 -0.76
N GLY A 211 -6.47 -21.73 -0.27
CA GLY A 211 -7.75 -21.53 -0.95
C GLY A 211 -8.41 -20.24 -0.51
N HIS A 212 -9.74 -20.24 -0.40
CA HIS A 212 -10.54 -19.04 -0.09
C HIS A 212 -10.12 -18.48 1.27
N ILE A 213 -10.01 -19.35 2.26
CA ILE A 213 -9.68 -19.00 3.67
C ILE A 213 -8.17 -18.80 3.80
N GLY A 214 -7.39 -19.78 3.36
CA GLY A 214 -5.92 -19.69 3.33
C GLY A 214 -5.45 -18.33 2.86
N SER A 215 -5.99 -17.85 1.74
CA SER A 215 -5.52 -16.64 1.03
C SER A 215 -5.92 -15.37 1.80
N GLN A 216 -7.16 -15.31 2.32
CA GLN A 216 -7.61 -14.18 3.16
C GLN A 216 -6.77 -14.12 4.44
N LEU A 217 -6.46 -15.27 5.04
CA LEU A 217 -5.60 -15.38 6.23
C LEU A 217 -4.19 -14.86 5.91
N SER A 218 -3.65 -15.22 4.75
CA SER A 218 -2.31 -14.77 4.27
C SER A 218 -2.16 -13.27 4.47
N VAL A 219 -3.16 -12.49 4.05
CA VAL A 219 -3.12 -11.00 4.00
C VAL A 219 -3.18 -10.44 5.43
N LEU A 220 -4.12 -10.95 6.25
CA LEU A 220 -4.25 -10.58 7.69
C LEU A 220 -2.93 -10.86 8.42
N ALA A 221 -2.35 -12.05 8.21
CA ALA A 221 -1.10 -12.50 8.87
C ALA A 221 0.05 -11.55 8.54
N GLU A 222 0.18 -11.13 7.28
CA GLU A 222 1.28 -10.22 6.84
C GLU A 222 1.09 -8.85 7.51
N ALA A 223 -0.16 -8.39 7.60
CA ALA A 223 -0.56 -7.15 8.29
C ALA A 223 -0.22 -7.22 9.79
N MET A 224 -0.32 -8.39 10.42
CA MET A 224 0.05 -8.61 11.85
C MET A 224 1.55 -8.90 11.95
N GLY A 225 2.28 -8.87 10.83
CA GLY A 225 3.76 -8.85 10.82
C GLY A 225 4.35 -10.25 10.79
N LEU A 226 3.58 -11.22 10.29
CA LEU A 226 4.03 -12.62 10.15
C LEU A 226 4.56 -12.82 8.73
N HIS A 227 5.68 -13.52 8.59
CA HIS A 227 6.08 -14.28 7.38
C HIS A 227 5.08 -15.41 7.12
N VAL A 228 4.60 -15.53 5.88
CA VAL A 228 3.63 -16.58 5.43
C VAL A 228 4.36 -17.51 4.45
N LEU A 229 4.49 -18.80 4.81
CA LEU A 229 4.72 -19.89 3.84
C LEU A 229 3.39 -20.61 3.64
N TYR A 230 3.20 -21.26 2.48
CA TYR A 230 2.05 -22.14 2.21
C TYR A 230 2.48 -23.33 1.34
N TYR A 231 2.05 -24.53 1.75
CA TYR A 231 2.00 -25.75 0.92
C TYR A 231 0.60 -25.91 0.33
N ASP A 232 0.52 -26.30 -0.95
CA ASP A 232 -0.74 -26.69 -1.62
C ASP A 232 -0.40 -27.69 -2.74
N ILE A 233 -1.30 -28.63 -3.01
CA ILE A 233 -1.10 -29.71 -4.02
C ILE A 233 -1.20 -29.09 -5.42
N VAL A 234 -1.53 -27.81 -5.49
CA VAL A 234 -1.59 -27.03 -6.76
C VAL A 234 -0.65 -25.81 -6.63
N THR A 235 -0.07 -25.37 -7.74
CA THR A 235 0.70 -24.10 -7.85
C THR A 235 -0.27 -22.93 -7.88
N ILE A 236 -0.09 -21.96 -6.98
CA ILE A 236 -1.02 -20.81 -6.76
C ILE A 236 -0.18 -19.53 -6.62
N MET A 237 -0.67 -18.44 -7.22
CA MET A 237 -0.03 -17.09 -7.18
C MET A 237 -0.18 -16.51 -5.77
N ALA A 238 0.95 -16.25 -5.09
CA ALA A 238 1.02 -15.62 -3.75
C ALA A 238 0.29 -14.27 -3.78
N LEU A 239 -0.49 -13.97 -2.73
CA LEU A 239 -0.87 -12.59 -2.34
C LEU A 239 0.28 -11.98 -1.53
N GLY A 240 0.40 -10.65 -1.56
CA GLY A 240 1.45 -9.89 -0.87
C GLY A 240 2.81 -10.51 -1.12
N THR A 241 3.50 -10.94 -0.05
CA THR A 241 4.90 -11.43 -0.09
C THR A 241 4.99 -12.82 0.55
N ALA A 242 3.92 -13.61 0.50
CA ALA A 242 3.90 -15.04 0.88
C ALA A 242 4.69 -15.83 -0.17
N ARG A 243 5.27 -16.96 0.24
CA ARG A 243 6.10 -17.82 -0.64
C ARG A 243 5.56 -19.25 -0.56
N GLN A 244 5.20 -19.83 -1.71
CA GLN A 244 4.78 -21.25 -1.81
C GLN A 244 6.01 -22.14 -1.67
N VAL A 245 5.90 -23.21 -0.88
CA VAL A 245 7.02 -24.17 -0.61
C VAL A 245 6.64 -25.52 -1.22
N SER A 246 7.63 -26.26 -1.71
CA SER A 246 7.45 -27.42 -2.61
C SER A 246 6.97 -28.63 -1.80
N THR A 247 7.42 -28.80 -0.57
CA THR A 247 7.02 -29.93 0.33
C THR A 247 6.33 -29.41 1.59
N LEU A 248 5.40 -30.20 2.14
CA LEU A 248 4.83 -30.04 3.50
C LEU A 248 5.96 -29.95 4.53
N ASP A 249 7.01 -30.75 4.36
CA ASP A 249 8.06 -30.90 5.40
C ASP A 249 8.90 -29.63 5.51
N GLU A 250 9.09 -28.88 4.41
CA GLU A 250 9.74 -27.54 4.43
C GLU A 250 8.90 -26.57 5.25
N LEU A 251 7.57 -26.59 5.05
CA LEU A 251 6.62 -25.74 5.81
C LEU A 251 6.74 -26.05 7.30
N LEU A 252 6.60 -27.32 7.69
CA LEU A 252 6.61 -27.75 9.12
C LEU A 252 7.95 -27.37 9.75
N ASN A 253 9.03 -27.34 8.96
CA ASN A 253 10.42 -27.13 9.45
C ASN A 253 10.61 -25.66 9.82
N LYS A 254 9.97 -24.76 9.08
CA LYS A 254 10.33 -23.32 9.05
C LYS A 254 9.21 -22.48 9.65
N SER A 255 8.18 -23.12 10.23
CA SER A 255 6.94 -22.46 10.70
C SER A 255 6.90 -22.46 12.23
N ASP A 256 6.38 -21.38 12.80
CA ASP A 256 6.14 -21.21 14.26
C ASP A 256 4.71 -21.62 14.56
N PHE A 257 3.77 -21.21 13.69
CA PHE A 257 2.34 -21.61 13.71
C PHE A 257 2.00 -22.35 12.42
N VAL A 258 1.44 -23.55 12.53
CA VAL A 258 0.89 -24.32 11.37
C VAL A 258 -0.63 -24.34 11.47
N THR A 259 -1.32 -23.86 10.43
CA THR A 259 -2.80 -23.81 10.34
C THR A 259 -3.24 -24.57 9.08
N LEU A 260 -4.35 -25.28 9.16
CA LEU A 260 -4.80 -26.12 8.04
C LEU A 260 -6.10 -25.56 7.49
N HIS A 261 -6.18 -25.38 6.18
CA HIS A 261 -7.42 -24.93 5.53
C HIS A 261 -7.59 -25.81 4.31
N VAL A 262 -7.78 -27.11 4.53
CA VAL A 262 -7.79 -28.08 3.41
C VAL A 262 -9.12 -28.80 3.34
N PRO A 263 -9.52 -29.35 2.17
CA PRO A 263 -10.74 -30.10 2.10
C PRO A 263 -10.58 -31.48 2.73
N ALA A 264 -11.69 -32.16 2.97
CA ALA A 264 -11.65 -33.54 3.47
C ALA A 264 -11.49 -34.48 2.31
N THR A 265 -10.31 -35.07 2.17
CA THR A 265 -10.00 -35.96 1.05
C THR A 265 -9.30 -37.16 1.64
N PRO A 266 -9.11 -38.25 0.90
CA PRO A 266 -8.35 -39.38 1.38
C PRO A 266 -6.89 -39.00 1.69
N GLU A 267 -6.38 -37.96 1.04
CA GLU A 267 -4.97 -37.54 1.22
C GLU A 267 -4.83 -36.52 2.34
N THR A 268 -5.90 -35.87 2.76
CA THR A 268 -5.89 -34.94 3.94
C THR A 268 -6.14 -35.72 5.23
N GLU A 269 -6.75 -36.90 5.14
CA GLU A 269 -7.07 -37.76 6.31
C GLU A 269 -5.81 -37.94 7.17
N LYS A 270 -5.82 -37.37 8.37
CA LYS A 270 -4.75 -37.55 9.38
C LYS A 270 -3.40 -37.15 8.78
N MET A 271 -3.37 -36.10 7.94
CA MET A 271 -2.16 -35.68 7.20
C MET A 271 -1.16 -35.03 8.17
N LEU A 272 -1.63 -34.50 9.31
CA LEU A 272 -0.78 -34.16 10.48
C LEU A 272 -0.86 -35.30 11.50
N SER A 273 0.26 -36.00 11.65
CA SER A 273 0.42 -37.14 12.58
C SER A 273 1.84 -37.13 13.13
N ALA A 274 2.22 -38.16 13.90
CA ALA A 274 3.51 -38.23 14.62
C ALA A 274 4.64 -37.69 13.74
N PRO A 275 4.83 -38.22 12.50
CA PRO A 275 5.96 -37.80 11.67
C PRO A 275 5.97 -36.31 11.32
N GLN A 276 4.80 -35.67 11.22
CA GLN A 276 4.67 -34.22 10.89
C GLN A 276 5.05 -33.39 12.12
N PHE A 277 4.54 -33.76 13.29
CA PHE A 277 4.84 -33.13 14.60
C PHE A 277 6.33 -33.26 14.91
N ALA A 278 6.95 -34.38 14.51
CA ALA A 278 8.39 -34.66 14.66
C ALA A 278 9.20 -33.66 13.81
N ALA A 279 8.63 -33.21 12.70
CA ALA A 279 9.29 -32.36 11.67
C ALA A 279 9.11 -30.88 12.03
N MET A 280 8.25 -30.57 13.01
CA MET A 280 7.88 -29.19 13.39
C MET A 280 8.91 -28.67 14.40
N LYS A 281 9.02 -27.35 14.56
CA LYS A 281 9.95 -26.70 15.52
C LYS A 281 9.56 -27.08 16.94
N ASP A 282 10.53 -27.23 17.85
CA ASP A 282 10.28 -27.33 19.30
C ASP A 282 9.55 -26.05 19.75
N GLY A 283 8.33 -26.19 20.28
CA GLY A 283 7.53 -25.07 20.82
C GLY A 283 6.68 -24.38 19.76
N ALA A 284 6.48 -25.02 18.60
CA ALA A 284 5.57 -24.58 17.52
C ALA A 284 4.11 -24.90 17.90
N TYR A 285 3.16 -24.34 17.15
CA TYR A 285 1.72 -24.33 17.49
C TYR A 285 0.91 -24.87 16.30
N VAL A 286 -0.16 -25.60 16.58
CA VAL A 286 -1.02 -26.24 15.54
C VAL A 286 -2.44 -25.70 15.68
N ILE A 287 -3.00 -25.20 14.59
CA ILE A 287 -4.41 -24.72 14.54
C ILE A 287 -5.15 -25.51 13.46
N ASN A 288 -6.28 -26.10 13.82
CA ASN A 288 -7.18 -26.80 12.86
C ASN A 288 -8.60 -26.26 13.00
N ALA A 289 -8.99 -25.39 12.06
CA ALA A 289 -10.39 -24.98 11.81
C ALA A 289 -10.84 -25.45 10.41
N SER A 290 -10.28 -26.55 9.90
CA SER A 290 -10.66 -27.14 8.58
C SER A 290 -11.70 -28.26 8.77
N ARG A 291 -11.25 -29.52 8.90
CA ARG A 291 -12.13 -30.72 9.00
C ARG A 291 -11.69 -31.61 10.17
N GLY A 292 -12.65 -32.32 10.77
CA GLY A 292 -12.45 -33.07 12.03
C GLY A 292 -11.42 -34.19 11.90
N THR A 293 -11.05 -34.55 10.67
CA THR A 293 -10.35 -35.83 10.33
C THR A 293 -8.89 -35.56 9.95
N VAL A 294 -8.57 -34.30 9.62
CA VAL A 294 -7.30 -33.89 8.96
C VAL A 294 -6.14 -33.96 9.97
N VAL A 295 -6.42 -33.97 11.27
CA VAL A 295 -5.40 -34.07 12.35
C VAL A 295 -5.62 -35.34 13.17
N ASP A 296 -4.53 -36.06 13.52
CA ASP A 296 -4.60 -37.23 14.43
C ASP A 296 -4.46 -36.72 15.86
N ILE A 297 -5.55 -36.65 16.61
CA ILE A 297 -5.51 -36.03 17.96
C ILE A 297 -4.61 -36.83 18.92
N PRO A 298 -4.62 -38.17 18.98
CA PRO A 298 -3.69 -38.91 19.84
C PRO A 298 -2.23 -38.51 19.62
N SER A 299 -1.79 -38.33 18.38
CA SER A 299 -0.43 -37.83 18.03
C SER A 299 -0.22 -36.41 18.56
N LEU A 300 -1.15 -35.49 18.28
CA LEU A 300 -1.12 -34.11 18.82
C LEU A 300 -0.92 -34.17 20.34
N ILE A 301 -1.71 -34.99 21.03
CA ILE A 301 -1.74 -35.10 22.52
C ILE A 301 -0.36 -35.57 22.99
N GLN A 302 0.21 -36.55 22.29
CA GLN A 302 1.58 -37.10 22.53
C GLN A 302 2.59 -35.96 22.44
N ALA A 303 2.55 -35.20 21.34
CA ALA A 303 3.50 -34.13 20.99
C ALA A 303 3.43 -33.02 22.05
N VAL A 304 2.23 -32.64 22.49
CA VAL A 304 2.03 -31.61 23.54
C VAL A 304 2.63 -32.14 24.85
N LYS A 305 2.38 -33.42 25.16
CA LYS A 305 2.86 -34.08 26.40
C LYS A 305 4.40 -34.13 26.39
N ALA A 306 5.02 -34.24 25.21
CA ALA A 306 6.48 -34.41 25.04
C ALA A 306 7.15 -33.03 24.85
N ASN A 307 6.38 -31.95 25.00
CA ASN A 307 6.88 -30.55 25.00
C ASN A 307 7.42 -30.19 23.61
N LYS A 308 6.93 -30.87 22.57
CA LYS A 308 7.26 -30.60 21.14
C LYS A 308 6.35 -29.49 20.62
N ILE A 309 5.07 -29.57 20.99
CA ILE A 309 4.02 -28.56 20.63
C ILE A 309 3.65 -27.78 21.89
N ALA A 310 3.73 -26.45 21.81
CA ALA A 310 3.54 -25.53 22.95
C ALA A 310 2.06 -25.17 23.13
N GLY A 311 1.24 -25.34 22.09
CA GLY A 311 -0.20 -25.02 22.13
C GLY A 311 -0.93 -25.50 20.88
N ALA A 312 -2.26 -25.63 20.95
CA ALA A 312 -3.11 -25.97 19.80
C ALA A 312 -4.49 -25.33 19.96
N ALA A 313 -5.13 -24.98 18.85
CA ALA A 313 -6.55 -24.60 18.80
C ALA A 313 -7.27 -25.52 17.81
N LEU A 314 -8.29 -26.24 18.28
CA LEU A 314 -9.16 -27.12 17.46
C LEU A 314 -10.58 -26.56 17.44
N ASP A 315 -11.17 -26.44 16.24
CA ASP A 315 -12.57 -26.02 16.03
C ASP A 315 -13.42 -27.23 15.60
N VAL A 316 -12.71 -28.26 15.11
CA VAL A 316 -13.37 -29.42 14.47
C VAL A 316 -12.80 -30.73 15.01
N TYR A 317 -13.63 -31.76 15.12
CA TYR A 317 -13.22 -33.04 15.72
C TYR A 317 -13.80 -34.21 14.90
N PRO A 318 -13.24 -35.43 14.95
CA PRO A 318 -13.71 -36.56 14.14
C PRO A 318 -15.17 -36.90 14.40
N HIS A 319 -15.64 -36.73 15.63
CA HIS A 319 -17.05 -36.91 16.04
C HIS A 319 -17.53 -35.68 16.81
N GLU A 320 -18.70 -35.15 16.45
CA GLU A 320 -19.28 -33.91 17.02
C GLU A 320 -20.71 -34.20 17.50
N PRO A 321 -21.16 -33.59 18.61
CA PRO A 321 -22.57 -33.63 18.98
C PRO A 321 -23.47 -33.23 17.79
N ALA A 322 -24.74 -33.64 17.83
CA ALA A 322 -25.75 -33.34 16.80
C ALA A 322 -26.53 -32.09 17.21
N LYS A 323 -26.79 -31.94 18.51
CA LYS A 323 -27.38 -30.73 19.13
C LYS A 323 -26.35 -30.11 20.07
N ASN A 324 -26.56 -28.86 20.48
CA ASN A 324 -25.90 -28.24 21.65
C ASN A 324 -26.44 -28.90 22.92
N GLY A 325 -25.59 -29.13 23.92
CA GLY A 325 -25.98 -29.68 25.23
C GLY A 325 -24.79 -29.85 26.16
N GLU A 326 -25.06 -30.16 27.43
CA GLU A 326 -24.16 -29.84 28.58
C GLU A 326 -23.18 -30.99 28.81
N GLY A 327 -23.53 -32.21 28.42
CA GLY A 327 -22.69 -33.39 28.63
C GLY A 327 -22.31 -34.09 27.32
N SER A 328 -22.19 -33.33 26.23
CA SER A 328 -22.13 -33.83 24.84
C SER A 328 -20.68 -34.19 24.47
N PHE A 329 -19.71 -33.42 24.97
CA PHE A 329 -18.28 -33.51 24.55
C PHE A 329 -17.52 -34.32 25.59
N ASN A 330 -17.35 -35.62 25.35
CA ASN A 330 -16.94 -36.63 26.36
C ASN A 330 -16.31 -37.85 25.67
N ASP A 331 -15.99 -38.89 26.46
CA ASP A 331 -15.16 -40.04 26.03
C ASP A 331 -16.04 -41.03 25.24
N GLU A 332 -17.37 -40.93 25.37
CA GLU A 332 -18.35 -41.67 24.52
C GLU A 332 -18.22 -41.17 23.08
N LEU A 333 -18.05 -39.86 22.90
CA LEU A 333 -17.99 -39.18 21.57
C LEU A 333 -16.60 -39.34 20.96
N ASN A 334 -15.56 -38.99 21.72
CA ASN A 334 -14.13 -39.17 21.32
C ASN A 334 -13.36 -39.71 22.54
N SER A 335 -12.71 -40.85 22.38
CA SER A 335 -12.05 -41.57 23.51
C SER A 335 -11.04 -40.72 24.26
N TRP A 336 -10.45 -39.72 23.61
CA TRP A 336 -9.34 -38.96 24.22
C TRP A 336 -9.79 -37.64 24.82
N THR A 337 -11.09 -37.39 24.95
CA THR A 337 -11.53 -36.05 25.39
C THR A 337 -10.97 -35.73 26.76
N SER A 338 -11.01 -36.67 27.70
CA SER A 338 -10.60 -36.36 29.08
C SER A 338 -9.12 -36.03 29.09
N GLU A 339 -8.40 -36.66 28.22
CA GLU A 339 -6.93 -36.47 28.12
C GLU A 339 -6.65 -35.10 27.47
N LEU A 340 -7.32 -34.81 26.34
CA LEU A 340 -7.21 -33.54 25.58
C LEU A 340 -7.46 -32.35 26.52
N VAL A 341 -8.53 -32.40 27.32
CA VAL A 341 -9.00 -31.26 28.16
C VAL A 341 -8.13 -31.15 29.43
N SER A 342 -7.16 -32.06 29.60
CA SER A 342 -6.22 -32.08 30.75
C SER A 342 -5.06 -31.09 30.50
N LEU A 343 -4.84 -30.73 29.24
CA LEU A 343 -3.55 -30.20 28.73
C LEU A 343 -3.53 -28.68 28.86
N PRO A 344 -2.34 -28.05 29.02
CA PRO A 344 -2.24 -26.59 29.03
C PRO A 344 -2.21 -25.99 27.63
N ASN A 345 -2.76 -24.77 27.48
CA ASN A 345 -2.67 -23.92 26.26
C ASN A 345 -3.28 -24.65 25.05
N ILE A 346 -4.41 -25.31 25.24
CA ILE A 346 -5.25 -25.88 24.15
C ILE A 346 -6.60 -25.15 24.14
N ILE A 347 -6.86 -24.37 23.08
CA ILE A 347 -8.18 -23.75 22.80
C ILE A 347 -9.06 -24.76 22.08
N LEU A 348 -10.18 -25.14 22.68
CA LEU A 348 -11.22 -26.00 22.04
C LEU A 348 -12.47 -25.16 21.79
N THR A 349 -12.93 -25.14 20.55
CA THR A 349 -14.12 -24.32 20.18
C THR A 349 -15.13 -25.24 19.49
N PRO A 350 -16.47 -25.02 19.61
CA PRO A 350 -17.48 -25.94 19.06
C PRO A 350 -17.92 -25.59 17.62
N HIS A 351 -17.05 -25.82 16.64
CA HIS A 351 -17.38 -25.55 15.22
C HIS A 351 -17.94 -24.15 15.06
N ILE A 352 -17.24 -23.16 15.58
CA ILE A 352 -17.76 -21.76 15.51
C ILE A 352 -16.97 -20.95 14.49
N GLY A 353 -16.11 -21.60 13.71
CA GLY A 353 -15.35 -20.99 12.60
C GLY A 353 -16.16 -19.95 11.84
N GLY A 354 -17.36 -20.30 11.40
CA GLY A 354 -18.24 -19.43 10.58
C GLY A 354 -19.36 -18.81 11.39
N SER A 355 -19.35 -18.99 12.71
CA SER A 355 -20.49 -18.65 13.59
C SER A 355 -20.42 -17.16 13.96
N THR A 356 -20.66 -16.29 12.98
CA THR A 356 -20.80 -14.82 13.16
C THR A 356 -22.12 -14.35 12.54
N GLU A 357 -22.60 -13.18 12.98
CA GLU A 357 -23.80 -12.49 12.43
C GLU A 357 -23.55 -12.13 10.95
N GLU A 358 -22.35 -11.64 10.65
CA GLU A 358 -21.96 -11.27 9.26
C GLU A 358 -22.12 -12.48 8.35
N ALA A 359 -21.55 -13.63 8.73
CA ALA A 359 -21.50 -14.87 7.91
C ALA A 359 -22.93 -15.37 7.64
N GLN A 360 -23.76 -15.47 8.69
CA GLN A 360 -25.15 -15.97 8.60
C GLN A 360 -25.97 -15.05 7.67
N SER A 361 -25.78 -13.74 7.79
CA SER A 361 -26.59 -12.72 7.04
C SER A 361 -26.22 -12.78 5.56
N SER A 362 -24.96 -13.04 5.24
CA SER A 362 -24.44 -13.07 3.84
C SER A 362 -24.70 -14.44 3.21
N ILE A 363 -24.86 -15.50 4.01
CA ILE A 363 -25.46 -16.80 3.60
C ILE A 363 -26.91 -16.55 3.22
N GLY A 364 -27.66 -15.82 4.06
CA GLY A 364 -29.04 -15.40 3.77
C GLY A 364 -29.16 -14.77 2.39
N ILE A 365 -28.32 -13.77 2.09
CA ILE A 365 -28.41 -12.97 0.84
C ILE A 365 -28.01 -13.86 -0.33
N GLU A 366 -26.88 -14.57 -0.22
CA GLU A 366 -26.28 -15.38 -1.31
C GLU A 366 -27.33 -16.39 -1.83
N VAL A 367 -28.00 -17.08 -0.90
CA VAL A 367 -28.82 -18.29 -1.19
C VAL A 367 -30.25 -17.87 -1.54
N ALA A 368 -30.83 -16.91 -0.81
CA ALA A 368 -32.15 -16.32 -1.12
C ALA A 368 -32.12 -15.64 -2.50
N THR A 369 -31.04 -14.93 -2.82
CA THR A 369 -30.84 -14.34 -4.16
C THR A 369 -30.85 -15.47 -5.20
N ALA A 370 -30.12 -16.56 -4.93
CA ALA A 370 -29.90 -17.67 -5.88
C ALA A 370 -31.24 -18.33 -6.21
N LEU A 371 -32.02 -18.69 -5.18
CA LEU A 371 -33.39 -19.23 -5.33
C LEU A 371 -34.25 -18.23 -6.08
N SER A 372 -34.22 -16.96 -5.66
CA SER A 372 -35.08 -15.87 -6.19
C SER A 372 -34.87 -15.74 -7.69
N LYS A 373 -33.63 -15.90 -8.16
CA LYS A 373 -33.27 -15.75 -9.59
C LYS A 373 -33.63 -17.04 -10.35
N TYR A 374 -33.65 -18.18 -9.66
CA TYR A 374 -34.03 -19.47 -10.29
C TYR A 374 -35.56 -19.51 -10.43
N ILE A 375 -36.28 -19.04 -9.42
CA ILE A 375 -37.77 -19.01 -9.42
C ILE A 375 -38.26 -17.95 -10.42
N ASN A 376 -37.56 -16.82 -10.55
CA ASN A 376 -38.05 -15.63 -11.31
C ASN A 376 -37.52 -15.63 -12.74
N GLU A 377 -36.38 -16.27 -12.99
CA GLU A 377 -35.64 -16.15 -14.28
C GLU A 377 -35.20 -17.52 -14.77
N GLY A 378 -35.28 -18.55 -13.93
CA GLY A 378 -34.83 -19.92 -14.27
C GLY A 378 -33.31 -20.07 -14.25
N ASN A 379 -32.59 -19.12 -13.64
CA ASN A 379 -31.11 -19.14 -13.50
C ASN A 379 -30.70 -20.29 -12.59
N SER A 380 -29.94 -21.26 -13.11
CA SER A 380 -29.49 -22.47 -12.39
C SER A 380 -27.96 -22.44 -12.17
N VAL A 381 -27.31 -21.33 -12.50
CA VAL A 381 -25.83 -21.17 -12.37
C VAL A 381 -25.47 -21.19 -10.89
N GLY A 382 -24.48 -22.01 -10.51
CA GLY A 382 -24.05 -22.19 -9.11
C GLY A 382 -24.80 -23.30 -8.39
N SER A 383 -25.82 -23.87 -9.02
CA SER A 383 -26.54 -25.08 -8.52
C SER A 383 -25.56 -26.25 -8.43
N VAL A 384 -25.81 -27.15 -7.48
CA VAL A 384 -24.87 -28.26 -7.19
C VAL A 384 -25.35 -29.57 -7.83
N ASN A 385 -26.61 -29.64 -8.24
CA ASN A 385 -27.20 -30.91 -8.76
C ASN A 385 -27.87 -30.75 -10.11
N PHE A 386 -27.71 -29.61 -10.77
CA PHE A 386 -28.47 -29.36 -12.01
C PHE A 386 -27.56 -28.80 -13.07
N PRO A 387 -27.96 -28.86 -14.35
CA PRO A 387 -27.19 -28.21 -15.39
C PRO A 387 -27.15 -26.70 -15.11
N GLU A 388 -26.03 -26.05 -15.38
CA GLU A 388 -25.88 -24.59 -15.16
C GLU A 388 -26.34 -23.86 -16.42
N VAL A 389 -27.45 -23.13 -16.32
CA VAL A 389 -28.12 -22.50 -17.50
C VAL A 389 -28.70 -21.15 -17.06
N SER A 390 -28.48 -20.13 -17.87
CA SER A 390 -29.07 -18.78 -17.72
C SER A 390 -29.14 -18.10 -19.09
N LEU A 391 -29.95 -17.05 -19.20
CA LEU A 391 -30.01 -16.15 -20.38
C LEU A 391 -30.04 -14.72 -19.86
N LYS A 392 -29.59 -13.76 -20.67
CA LYS A 392 -29.70 -12.31 -20.36
C LYS A 392 -31.17 -12.00 -20.12
N SER A 393 -31.46 -11.11 -19.16
CA SER A 393 -32.82 -10.56 -18.93
C SER A 393 -33.39 -10.00 -20.23
N LEU A 394 -34.71 -9.90 -20.31
CA LEU A 394 -35.45 -9.21 -21.40
C LEU A 394 -35.64 -7.74 -21.03
N ASP A 395 -35.49 -6.83 -21.99
CA ASP A 395 -35.86 -5.39 -21.85
C ASP A 395 -37.34 -5.29 -21.46
N TYR A 396 -37.72 -4.24 -20.72
CA TYR A 396 -39.09 -3.98 -20.21
C TYR A 396 -40.08 -3.92 -21.38
N ASP A 397 -39.60 -3.58 -22.57
CA ASP A 397 -40.45 -3.18 -23.72
C ASP A 397 -40.61 -4.36 -24.69
N GLN A 398 -40.13 -5.55 -24.30
CA GLN A 398 -40.41 -6.83 -25.01
C GLN A 398 -41.75 -7.38 -24.52
N GLU A 399 -42.84 -6.65 -24.75
CA GLU A 399 -44.24 -7.10 -24.56
C GLU A 399 -44.43 -8.42 -25.31
N ASN A 400 -45.13 -9.38 -24.69
CA ASN A 400 -45.60 -10.64 -25.34
C ASN A 400 -44.41 -11.55 -25.66
N THR A 401 -43.28 -11.40 -24.96
CA THR A 401 -42.19 -12.41 -24.95
C THR A 401 -42.33 -13.28 -23.69
N VAL A 402 -42.18 -14.58 -23.87
CA VAL A 402 -42.42 -15.63 -22.83
C VAL A 402 -41.15 -16.46 -22.70
N ARG A 403 -40.83 -16.89 -21.49
CA ARG A 403 -39.64 -17.73 -21.22
C ARG A 403 -40.08 -19.15 -20.86
N VAL A 404 -39.61 -20.13 -21.62
CA VAL A 404 -39.90 -21.57 -21.41
C VAL A 404 -38.75 -22.18 -20.61
N LEU A 405 -39.07 -22.74 -19.45
CA LEU A 405 -38.13 -23.50 -18.58
C LEU A 405 -38.52 -24.97 -18.58
N TYR A 406 -37.83 -25.79 -19.38
CA TYR A 406 -38.23 -27.19 -19.69
C TYR A 406 -37.12 -28.13 -19.22
N ILE A 407 -37.30 -28.73 -18.03
CA ILE A 407 -36.39 -29.77 -17.49
C ILE A 407 -36.89 -31.12 -17.99
N HIS A 408 -35.98 -31.98 -18.47
CA HIS A 408 -36.30 -33.11 -19.36
C HIS A 408 -35.20 -34.16 -19.30
N ARG A 409 -35.50 -35.38 -19.76
CA ARG A 409 -34.58 -36.54 -19.76
C ARG A 409 -33.61 -36.39 -20.94
N ASN A 410 -32.31 -36.51 -20.67
CA ASN A 410 -31.22 -36.24 -21.63
C ASN A 410 -31.15 -37.39 -22.65
N VAL A 411 -32.07 -37.40 -23.60
CA VAL A 411 -32.15 -38.44 -24.66
C VAL A 411 -32.37 -37.76 -26.00
N PRO A 412 -32.02 -38.43 -27.12
CA PRO A 412 -32.22 -37.85 -28.45
C PRO A 412 -33.70 -37.56 -28.70
N GLY A 413 -33.98 -36.43 -29.37
CA GLY A 413 -35.27 -36.15 -30.02
C GLY A 413 -36.09 -35.08 -29.29
N VAL A 414 -35.65 -34.66 -28.10
CA VAL A 414 -36.48 -33.84 -27.18
C VAL A 414 -36.53 -32.39 -27.68
N LEU A 415 -35.39 -31.87 -28.14
CA LEU A 415 -35.30 -30.51 -28.73
C LEU A 415 -36.18 -30.47 -30.00
N LYS A 416 -36.15 -31.54 -30.80
CA LYS A 416 -36.98 -31.69 -32.03
C LYS A 416 -38.44 -31.44 -31.69
N THR A 417 -38.97 -32.16 -30.69
CA THR A 417 -40.35 -32.02 -30.17
C THR A 417 -40.62 -30.57 -29.74
N VAL A 418 -39.79 -30.05 -28.82
CA VAL A 418 -40.01 -28.72 -28.15
C VAL A 418 -40.03 -27.64 -29.23
N ASN A 419 -39.04 -27.67 -30.13
CA ASN A 419 -38.83 -26.59 -31.13
C ASN A 419 -39.94 -26.68 -32.19
N ASP A 420 -40.52 -27.88 -32.37
CA ASP A 420 -41.76 -28.11 -33.15
C ASP A 420 -42.93 -27.42 -32.44
N ILE A 421 -43.10 -27.68 -31.14
CA ILE A 421 -44.22 -27.13 -30.33
C ILE A 421 -44.17 -25.59 -30.35
N LEU A 422 -42.98 -25.00 -30.54
CA LEU A 422 -42.77 -23.53 -30.37
C LEU A 422 -42.75 -22.83 -31.74
N SER A 423 -42.92 -23.55 -32.84
CA SER A 423 -42.42 -23.12 -34.19
C SER A 423 -43.31 -22.02 -34.79
N ASP A 424 -44.46 -21.70 -34.18
CA ASP A 424 -45.38 -20.60 -34.60
C ASP A 424 -44.86 -19.26 -34.06
N HIS A 425 -43.75 -19.29 -33.32
CA HIS A 425 -43.17 -18.13 -32.61
C HIS A 425 -41.68 -18.08 -32.89
N ASN A 426 -41.15 -16.86 -33.07
CA ASN A 426 -39.70 -16.63 -33.18
C ASN A 426 -39.08 -16.93 -31.82
N ILE A 427 -38.13 -17.85 -31.79
CA ILE A 427 -37.22 -18.05 -30.63
C ILE A 427 -36.10 -17.02 -30.72
N GLU A 428 -36.21 -15.96 -29.91
CA GLU A 428 -35.19 -14.88 -29.80
C GLU A 428 -33.85 -15.53 -29.43
N LYS A 429 -33.89 -16.45 -28.47
CA LYS A 429 -32.70 -17.27 -28.08
C LYS A 429 -33.10 -18.44 -27.19
N GLN A 430 -32.15 -19.33 -26.96
CA GLN A 430 -32.40 -20.70 -26.44
C GLN A 430 -31.06 -21.29 -25.99
N PHE A 431 -31.06 -21.89 -24.80
CA PHE A 431 -29.88 -22.56 -24.18
C PHE A 431 -30.34 -23.85 -23.51
N SER A 432 -29.75 -24.97 -23.94
CA SER A 432 -29.95 -26.32 -23.36
C SER A 432 -28.59 -26.88 -22.95
N ASP A 433 -28.50 -27.41 -21.73
CA ASP A 433 -27.30 -28.10 -21.18
C ASP A 433 -27.74 -29.37 -20.43
N SER A 434 -26.87 -30.37 -20.41
CA SER A 434 -27.14 -31.72 -19.84
C SER A 434 -26.21 -31.96 -18.65
N HIS A 435 -26.72 -32.60 -17.60
CA HIS A 435 -25.96 -33.07 -16.41
C HIS A 435 -26.30 -34.54 -16.15
N GLY A 436 -25.52 -35.45 -16.71
CA GLY A 436 -25.83 -36.90 -16.77
C GLY A 436 -27.14 -37.16 -17.49
N GLU A 437 -28.18 -37.55 -16.75
CA GLU A 437 -29.43 -38.13 -17.31
C GLU A 437 -30.51 -37.05 -17.37
N ILE A 438 -30.28 -35.92 -16.69
CA ILE A 438 -31.19 -34.73 -16.62
C ILE A 438 -30.62 -33.65 -17.55
N ALA A 439 -31.49 -32.83 -18.14
CA ALA A 439 -31.11 -31.68 -19.00
C ALA A 439 -32.15 -30.57 -18.85
N TYR A 440 -31.78 -29.35 -19.22
CA TYR A 440 -32.49 -28.09 -18.89
C TYR A 440 -32.41 -27.15 -20.09
N LEU A 441 -33.56 -26.94 -20.73
CA LEU A 441 -33.74 -25.96 -21.85
C LEU A 441 -34.38 -24.69 -21.30
N MET A 442 -33.79 -23.54 -21.64
CA MET A 442 -34.41 -22.20 -21.49
C MET A 442 -34.56 -21.61 -22.89
N ALA A 443 -35.75 -21.10 -23.21
CA ALA A 443 -36.02 -20.44 -24.51
C ALA A 443 -36.84 -19.17 -24.30
N ASP A 444 -36.45 -18.10 -25.02
CA ASP A 444 -37.22 -16.83 -25.09
C ASP A 444 -37.93 -16.78 -26.46
N ILE A 445 -39.26 -16.67 -26.44
CA ILE A 445 -40.12 -16.69 -27.66
C ILE A 445 -41.02 -15.45 -27.65
N SER A 446 -41.18 -14.81 -28.83
CA SER A 446 -41.86 -13.50 -29.00
C SER A 446 -43.24 -13.70 -29.63
N SER A 447 -44.13 -12.71 -29.50
CA SER A 447 -45.47 -12.66 -30.12
C SER A 447 -46.33 -13.81 -29.59
N VAL A 448 -46.53 -13.84 -28.27
CA VAL A 448 -47.37 -14.83 -27.55
C VAL A 448 -48.43 -14.06 -26.76
N ASN A 449 -49.73 -14.29 -27.04
CA ASN A 449 -50.85 -13.69 -26.28
C ASN A 449 -51.36 -14.72 -25.26
N GLN A 450 -52.11 -14.25 -24.26
CA GLN A 450 -52.60 -15.06 -23.11
C GLN A 450 -53.19 -16.39 -23.62
N SER A 451 -53.82 -16.37 -24.80
CA SER A 451 -54.44 -17.55 -25.46
C SER A 451 -53.37 -18.64 -25.69
N GLU A 452 -52.28 -18.28 -26.38
CA GLU A 452 -51.30 -19.24 -26.94
C GLU A 452 -50.43 -19.82 -25.80
N ILE A 453 -50.36 -19.14 -24.65
CA ILE A 453 -49.58 -19.59 -23.46
C ILE A 453 -50.13 -20.95 -23.02
N LYS A 454 -51.41 -20.99 -22.67
CA LYS A 454 -52.14 -22.19 -22.17
C LYS A 454 -51.87 -23.37 -23.10
N ASP A 455 -51.98 -23.16 -24.42
CA ASP A 455 -51.71 -24.17 -25.46
C ASP A 455 -50.31 -24.75 -25.26
N ILE A 456 -49.30 -23.87 -25.17
CA ILE A 456 -47.86 -24.27 -25.17
C ILE A 456 -47.55 -25.02 -23.87
N TYR A 457 -48.03 -24.55 -22.72
CA TYR A 457 -47.86 -25.24 -21.41
C TYR A 457 -48.36 -26.68 -21.57
N GLU A 458 -49.62 -26.85 -21.97
CA GLU A 458 -50.33 -28.15 -22.04
C GLU A 458 -49.54 -29.11 -22.93
N LYS A 459 -49.03 -28.63 -24.07
CA LYS A 459 -48.30 -29.45 -25.07
C LYS A 459 -46.97 -29.92 -24.49
N LEU A 460 -46.20 -29.00 -23.88
CA LEU A 460 -44.88 -29.30 -23.27
C LEU A 460 -45.10 -30.24 -22.08
N ASN A 461 -46.19 -30.05 -21.33
CA ASN A 461 -46.56 -30.88 -20.15
C ASN A 461 -46.86 -32.33 -20.61
N GLN A 462 -47.24 -32.52 -21.87
CA GLN A 462 -47.73 -33.82 -22.41
C GLN A 462 -46.59 -34.59 -23.08
N THR A 463 -45.38 -34.02 -23.17
CA THR A 463 -44.24 -34.64 -23.90
C THR A 463 -43.64 -35.77 -23.05
N SER A 464 -43.04 -36.77 -23.71
CA SER A 464 -42.61 -38.05 -23.10
C SER A 464 -41.42 -37.79 -22.16
N ALA A 465 -40.53 -36.87 -22.53
CA ALA A 465 -39.21 -36.66 -21.91
C ALA A 465 -39.32 -35.67 -20.75
N LYS A 466 -40.47 -35.01 -20.64
CA LYS A 466 -40.72 -33.93 -19.65
C LYS A 466 -40.47 -34.45 -18.22
N VAL A 467 -39.72 -33.67 -17.43
CA VAL A 467 -39.53 -33.87 -15.96
C VAL A 467 -40.23 -32.74 -15.21
N SER A 468 -40.03 -31.48 -15.62
CA SER A 468 -40.87 -30.33 -15.18
C SER A 468 -40.78 -29.18 -16.18
N ILE A 469 -41.89 -28.45 -16.32
CA ILE A 469 -42.05 -27.25 -17.19
C ILE A 469 -42.68 -26.14 -16.35
N ARG A 470 -42.07 -24.94 -16.41
CA ARG A 470 -42.70 -23.67 -15.99
C ARG A 470 -42.64 -22.70 -17.17
N LEU A 471 -43.66 -21.85 -17.32
CA LEU A 471 -43.63 -20.70 -18.27
C LEU A 471 -43.64 -19.41 -17.47
N LEU A 472 -42.73 -18.50 -17.80
CA LEU A 472 -42.65 -17.13 -17.24
C LEU A 472 -43.03 -16.13 -18.32
N TYR A 473 -43.88 -15.16 -17.98
CA TYR A 473 -44.44 -14.14 -18.92
C TYR A 473 -44.66 -12.83 -18.18
N SER B 26 -29.87 4.95 24.22
CA SER B 26 -28.51 4.59 23.77
C SER B 26 -28.20 5.30 22.45
N PRO B 27 -26.91 5.52 22.11
CA PRO B 27 -26.53 6.11 20.82
C PRO B 27 -26.39 5.06 19.70
N GLY B 28 -27.37 4.16 19.59
CA GLY B 28 -27.34 3.00 18.68
C GLY B 28 -26.95 1.73 19.42
N ALA B 29 -26.97 0.60 18.72
CA ALA B 29 -26.49 -0.72 19.17
C ALA B 29 -25.40 -1.22 18.24
N VAL B 30 -24.41 -1.96 18.77
CA VAL B 30 -23.46 -2.79 17.95
C VAL B 30 -24.29 -3.79 17.14
N SER B 31 -24.15 -3.77 15.81
CA SER B 31 -24.97 -4.55 14.86
C SER B 31 -24.12 -4.94 13.63
N THR B 32 -24.67 -5.83 12.80
CA THR B 32 -23.96 -6.54 11.69
C THR B 32 -23.33 -5.49 10.76
N SER B 33 -22.03 -5.62 10.47
CA SER B 33 -21.29 -4.88 9.41
C SER B 33 -22.00 -5.05 8.07
N PRO B 34 -21.88 -4.12 7.09
CA PRO B 34 -22.43 -4.40 5.77
C PRO B 34 -21.37 -5.18 4.98
N THR B 35 -21.80 -6.03 4.04
CA THR B 35 -20.84 -6.87 3.29
C THR B 35 -20.84 -6.50 1.80
N LEU B 42 -10.19 -15.05 -4.39
CA LEU B 42 -9.12 -16.07 -4.56
C LEU B 42 -7.97 -15.47 -5.38
N PRO B 43 -6.72 -15.99 -5.23
CA PRO B 43 -5.67 -15.76 -6.22
C PRO B 43 -5.65 -16.82 -7.33
N ARG B 44 -4.91 -16.56 -8.41
CA ARG B 44 -4.84 -17.41 -9.63
C ARG B 44 -4.17 -18.74 -9.28
N ARG B 45 -4.74 -19.85 -9.74
CA ARG B 45 -4.23 -21.22 -9.50
C ARG B 45 -4.05 -21.92 -10.84
N VAL B 46 -2.87 -22.50 -11.08
CA VAL B 46 -2.57 -23.35 -12.27
C VAL B 46 -3.41 -24.62 -12.16
N SER B 47 -4.45 -24.77 -12.99
CA SER B 47 -5.42 -25.90 -12.97
C SER B 47 -6.13 -26.00 -14.32
N LYS B 50 -8.65 -31.62 -17.67
CA LYS B 50 -8.73 -32.37 -18.95
C LYS B 50 -8.27 -31.46 -20.09
N GLN B 51 -7.25 -31.88 -20.86
CA GLN B 51 -6.81 -31.19 -22.09
C GLN B 51 -8.02 -31.00 -23.00
N PRO B 52 -8.14 -29.86 -23.74
CA PRO B 52 -9.22 -29.68 -24.70
C PRO B 52 -9.02 -30.54 -25.95
N LYS B 53 -10.10 -30.80 -26.69
CA LYS B 53 -10.07 -31.47 -28.02
C LYS B 53 -9.71 -30.42 -29.09
N ALA B 54 -8.73 -30.74 -29.95
CA ALA B 54 -8.30 -29.90 -31.09
C ALA B 54 -9.24 -30.16 -32.27
N LEU B 55 -10.11 -29.18 -32.60
CA LEU B 55 -11.26 -29.38 -33.50
C LEU B 55 -10.90 -28.93 -34.91
N LYS B 56 -11.05 -29.83 -35.88
CA LYS B 56 -10.66 -29.65 -37.31
C LYS B 56 -11.92 -29.31 -38.11
N PRO B 57 -11.87 -28.44 -39.14
CA PRO B 57 -13.06 -28.23 -39.92
C PRO B 57 -13.27 -29.38 -40.91
N PHE B 58 -14.51 -29.67 -41.27
CA PHE B 58 -14.81 -30.67 -42.32
C PHE B 58 -14.42 -29.99 -43.64
N SER B 59 -13.62 -28.93 -43.55
CA SER B 59 -13.10 -28.32 -44.80
C SER B 59 -11.69 -28.84 -44.95
N THR B 60 -11.44 -29.61 -46.00
CA THR B 60 -10.09 -30.20 -46.21
C THR B 60 -9.11 -29.05 -46.45
N GLY B 61 -9.56 -27.99 -47.11
CA GLY B 61 -8.62 -26.91 -47.47
C GLY B 61 -7.96 -26.26 -46.29
N ASP B 62 -6.68 -25.94 -46.41
CA ASP B 62 -5.98 -25.20 -45.33
C ASP B 62 -6.52 -23.77 -45.30
N MET B 63 -6.54 -23.14 -44.12
CA MET B 63 -7.15 -21.80 -44.01
C MET B 63 -6.24 -20.75 -44.62
N ASN B 64 -6.81 -19.75 -45.29
CA ASN B 64 -6.01 -18.68 -45.93
C ASN B 64 -6.29 -17.34 -45.23
N ILE B 65 -5.28 -16.81 -44.51
CA ILE B 65 -5.41 -15.49 -43.84
C ILE B 65 -4.72 -14.43 -44.70
N LEU B 66 -5.42 -13.33 -44.98
CA LEU B 66 -4.84 -12.09 -45.58
C LEU B 66 -4.78 -11.00 -44.51
N LEU B 67 -3.57 -10.46 -44.26
CA LEU B 67 -3.33 -9.37 -43.28
C LEU B 67 -2.81 -8.14 -44.03
N LEU B 68 -3.51 -7.00 -43.90
CA LEU B 68 -3.17 -5.72 -44.57
C LEU B 68 -2.64 -4.72 -43.53
N GLU B 69 -2.11 -3.59 -44.02
CA GLU B 69 -1.88 -2.34 -43.24
C GLU B 69 -0.87 -2.61 -42.11
N ASN B 70 0.00 -3.60 -42.30
CA ASN B 70 1.16 -3.85 -41.40
C ASN B 70 0.63 -4.18 -40.00
N VAL B 71 -0.18 -5.23 -39.90
CA VAL B 71 -0.59 -5.84 -38.60
C VAL B 71 0.67 -6.37 -37.90
N ASN B 72 0.69 -6.32 -36.57
CA ASN B 72 1.87 -6.67 -35.73
C ASN B 72 2.25 -8.14 -35.95
N ALA B 73 3.52 -8.48 -35.72
CA ALA B 73 4.11 -9.81 -35.97
C ALA B 73 3.53 -10.86 -35.01
N THR B 74 2.99 -10.41 -33.87
CA THR B 74 2.36 -11.29 -32.84
C THR B 74 1.15 -12.00 -33.47
N ALA B 75 0.35 -11.27 -34.25
CA ALA B 75 -0.81 -11.81 -34.99
C ALA B 75 -0.33 -12.89 -35.96
N ILE B 76 0.69 -12.55 -36.77
CA ILE B 76 1.30 -13.46 -37.77
C ILE B 76 1.72 -14.77 -37.09
N LYS B 77 2.41 -14.69 -35.95
CA LYS B 77 2.96 -15.86 -35.21
C LYS B 77 1.80 -16.75 -34.76
N ILE B 78 0.73 -16.15 -34.21
CA ILE B 78 -0.45 -16.88 -33.66
C ILE B 78 -1.09 -17.72 -34.77
N PHE B 79 -1.20 -17.14 -35.98
CA PHE B 79 -1.90 -17.74 -37.14
C PHE B 79 -1.06 -18.89 -37.73
N LYS B 80 0.26 -18.69 -37.87
CA LYS B 80 1.20 -19.70 -38.41
C LYS B 80 1.24 -20.92 -37.47
N ASP B 81 1.18 -20.70 -36.16
CA ASP B 81 1.26 -21.76 -35.12
C ASP B 81 -0.04 -22.57 -35.10
N GLN B 82 -1.10 -22.08 -35.76
CA GLN B 82 -2.40 -22.78 -35.89
C GLN B 82 -2.38 -23.68 -37.14
N GLY B 83 -1.34 -23.54 -37.97
CA GLY B 83 -1.22 -24.24 -39.26
C GLY B 83 -1.64 -23.36 -40.43
N TYR B 84 -2.38 -22.29 -40.16
CA TYR B 84 -3.00 -21.43 -41.21
C TYR B 84 -1.91 -20.93 -42.16
N GLN B 85 -2.29 -20.64 -43.42
CA GLN B 85 -1.39 -20.00 -44.43
C GLN B 85 -1.62 -18.48 -44.40
N VAL B 86 -0.56 -17.69 -44.17
CA VAL B 86 -0.64 -16.22 -43.95
C VAL B 86 -0.06 -15.49 -45.17
N GLU B 87 -0.78 -14.51 -45.71
CA GLU B 87 -0.28 -13.51 -46.69
C GLU B 87 -0.28 -12.14 -46.02
N PHE B 88 0.89 -11.49 -45.95
CA PHE B 88 1.15 -10.26 -45.16
C PHE B 88 1.53 -9.12 -46.12
N HIS B 89 0.86 -7.98 -45.99
CA HIS B 89 1.21 -6.70 -46.67
C HIS B 89 1.39 -5.59 -45.63
N LYS B 90 2.26 -4.61 -45.92
CA LYS B 90 2.55 -3.45 -45.02
C LYS B 90 1.63 -2.27 -45.37
N SER B 91 0.93 -2.34 -46.50
CA SER B 91 0.04 -1.27 -47.02
C SER B 91 -1.37 -1.82 -47.21
N SER B 92 -2.37 -0.93 -47.33
CA SER B 92 -3.67 -1.21 -47.98
C SER B 92 -3.41 -1.70 -49.40
N LEU B 93 -4.43 -2.28 -50.04
CA LEU B 93 -4.40 -2.70 -51.47
C LEU B 93 -5.41 -1.89 -52.26
N PRO B 94 -5.13 -1.56 -53.55
CA PRO B 94 -6.13 -0.97 -54.43
C PRO B 94 -7.32 -1.91 -54.63
N GLU B 95 -8.53 -1.36 -54.78
CA GLU B 95 -9.81 -2.11 -54.88
C GLU B 95 -9.66 -3.25 -55.88
N ASP B 96 -8.85 -3.06 -56.94
CA ASP B 96 -8.58 -4.07 -58.01
C ASP B 96 -8.02 -5.34 -57.37
N GLU B 97 -6.81 -5.25 -56.81
CA GLU B 97 -6.00 -6.40 -56.36
C GLU B 97 -6.70 -7.07 -55.16
N LEU B 98 -7.43 -6.30 -54.35
CA LEU B 98 -8.14 -6.78 -53.14
C LEU B 98 -9.25 -7.75 -53.57
N ILE B 99 -10.13 -7.31 -54.47
CA ILE B 99 -11.26 -8.13 -55.02
C ILE B 99 -10.70 -9.45 -55.56
N GLU B 100 -9.56 -9.42 -56.27
CA GLU B 100 -8.87 -10.63 -56.78
C GLU B 100 -8.48 -11.53 -55.59
N LYS B 101 -7.91 -10.92 -54.53
CA LYS B 101 -7.22 -11.64 -53.43
C LYS B 101 -8.24 -12.28 -52.48
N ILE B 102 -9.39 -11.63 -52.29
CA ILE B 102 -10.38 -11.93 -51.21
C ILE B 102 -11.34 -13.04 -51.68
N LYS B 103 -11.27 -13.42 -52.96
CA LYS B 103 -12.06 -14.54 -53.54
C LYS B 103 -11.87 -15.78 -52.67
N ASP B 104 -10.62 -16.23 -52.47
CA ASP B 104 -10.35 -17.53 -51.79
C ASP B 104 -9.70 -17.35 -50.42
N VAL B 105 -10.16 -16.38 -49.65
CA VAL B 105 -9.62 -16.03 -48.30
C VAL B 105 -10.65 -16.39 -47.22
N HIS B 106 -10.18 -16.95 -46.10
CA HIS B 106 -11.02 -17.48 -44.99
C HIS B 106 -11.13 -16.43 -43.87
N ALA B 107 -10.09 -15.63 -43.66
CA ALA B 107 -10.08 -14.54 -42.65
C ALA B 107 -9.16 -13.41 -43.14
N ILE B 108 -9.63 -12.17 -43.02
CA ILE B 108 -8.86 -10.95 -43.41
C ILE B 108 -8.68 -10.07 -42.16
N GLY B 109 -7.46 -9.59 -41.95
CA GLY B 109 -7.14 -8.56 -40.95
C GLY B 109 -6.83 -7.23 -41.62
N ILE B 110 -7.53 -6.18 -41.21
CA ILE B 110 -7.32 -4.79 -41.72
C ILE B 110 -7.00 -3.88 -40.53
N ARG B 111 -6.65 -2.62 -40.82
CA ARG B 111 -6.72 -1.51 -39.85
C ARG B 111 -7.73 -0.47 -40.38
N SER B 112 -7.56 0.80 -40.04
CA SER B 112 -8.60 1.86 -40.24
C SER B 112 -8.70 2.27 -41.72
N LYS B 113 -7.70 1.95 -42.55
CA LYS B 113 -7.60 2.48 -43.94
C LYS B 113 -8.44 1.63 -44.91
N THR B 114 -8.23 0.30 -44.93
CA THR B 114 -8.89 -0.62 -45.90
C THR B 114 -10.41 -0.60 -45.67
N ARG B 115 -11.17 -0.04 -46.62
CA ARG B 115 -12.65 -0.01 -46.57
C ARG B 115 -13.18 -1.32 -47.16
N LEU B 116 -13.90 -2.10 -46.35
CA LEU B 116 -14.58 -3.35 -46.79
C LEU B 116 -16.08 -3.05 -46.95
N THR B 117 -16.45 -2.73 -48.20
CA THR B 117 -17.84 -2.39 -48.52
C THR B 117 -18.48 -3.55 -49.26
N GLU B 118 -19.80 -3.54 -49.39
CA GLU B 118 -20.52 -4.59 -50.14
C GLU B 118 -19.79 -4.78 -51.45
N LYS B 119 -19.42 -3.68 -52.07
CA LYS B 119 -18.77 -3.75 -53.41
C LYS B 119 -17.70 -4.85 -53.40
N ILE B 120 -16.93 -4.97 -52.33
CA ILE B 120 -15.71 -5.83 -52.26
C ILE B 120 -16.01 -7.09 -51.44
N LEU B 121 -16.94 -7.05 -50.49
CA LEU B 121 -17.30 -8.21 -49.63
C LEU B 121 -18.15 -9.21 -50.41
N GLN B 122 -18.77 -8.78 -51.53
CA GLN B 122 -19.77 -9.57 -52.27
C GLN B 122 -19.07 -10.69 -53.05
N HIS B 123 -17.75 -10.59 -53.26
CA HIS B 123 -16.93 -11.56 -54.02
C HIS B 123 -16.28 -12.57 -53.07
N ALA B 124 -16.54 -12.46 -51.76
CA ALA B 124 -15.83 -13.20 -50.69
C ALA B 124 -16.53 -14.53 -50.41
N ARG B 125 -16.25 -15.54 -51.23
CA ARG B 125 -16.91 -16.88 -51.19
C ARG B 125 -16.68 -17.52 -49.81
N ASN B 126 -15.44 -17.45 -49.29
CA ASN B 126 -14.94 -18.36 -48.24
C ASN B 126 -14.84 -17.61 -46.89
N LEU B 127 -15.09 -16.30 -46.88
CA LEU B 127 -14.73 -15.42 -45.74
C LEU B 127 -15.57 -15.79 -44.50
N VAL B 128 -14.89 -16.24 -43.44
CA VAL B 128 -15.49 -16.68 -42.14
C VAL B 128 -15.63 -15.46 -41.21
N CYS B 129 -14.59 -14.63 -41.11
CA CYS B 129 -14.49 -13.52 -40.11
C CYS B 129 -13.51 -12.44 -40.57
N ILE B 130 -13.74 -11.20 -40.12
CA ILE B 130 -12.87 -10.01 -40.35
C ILE B 130 -12.26 -9.58 -39.01
N GLY B 131 -10.94 -9.35 -38.99
CA GLY B 131 -10.23 -8.73 -37.85
C GLY B 131 -9.93 -7.26 -38.12
N CYS B 132 -10.53 -6.37 -37.33
CA CYS B 132 -10.11 -4.94 -37.21
C CYS B 132 -9.03 -4.83 -36.14
N PHE B 133 -7.77 -4.79 -36.55
CA PHE B 133 -6.59 -4.65 -35.66
C PHE B 133 -6.43 -3.18 -35.25
N CYS B 134 -7.43 -2.69 -34.51
CA CYS B 134 -7.65 -1.25 -34.19
C CYS B 134 -8.98 -1.12 -33.43
N ILE B 135 -9.37 0.10 -33.06
CA ILE B 135 -10.63 0.39 -32.31
C ILE B 135 -11.80 0.49 -33.29
N GLY B 136 -11.65 1.19 -34.41
CA GLY B 136 -12.76 1.46 -35.32
C GLY B 136 -13.25 0.30 -36.16
N THR B 137 -14.55 0.28 -36.48
CA THR B 137 -15.17 -0.78 -37.31
C THR B 137 -15.91 -0.12 -38.49
N ASN B 138 -15.88 1.20 -38.59
CA ASN B 138 -16.62 1.97 -39.62
C ASN B 138 -16.14 1.63 -41.02
N GLN B 139 -14.84 1.37 -41.18
CA GLN B 139 -14.28 0.99 -42.49
C GLN B 139 -14.98 -0.26 -43.02
N VAL B 140 -15.77 -0.92 -42.19
CA VAL B 140 -16.44 -2.19 -42.58
C VAL B 140 -17.96 -1.98 -42.61
N ASP B 141 -18.61 -2.46 -43.66
CA ASP B 141 -20.08 -2.57 -43.77
C ASP B 141 -20.54 -3.73 -42.87
N LEU B 142 -20.73 -3.44 -41.59
CA LEU B 142 -21.10 -4.45 -40.55
C LEU B 142 -22.42 -5.12 -40.94
N LYS B 143 -23.50 -4.35 -41.17
CA LYS B 143 -24.85 -4.85 -41.53
C LYS B 143 -24.72 -5.86 -42.68
N TYR B 144 -24.03 -5.49 -43.77
CA TYR B 144 -23.86 -6.38 -44.96
C TYR B 144 -23.10 -7.65 -44.55
N ALA B 145 -21.96 -7.50 -43.85
CA ALA B 145 -21.08 -8.61 -43.42
C ALA B 145 -21.90 -9.63 -42.62
N ALA B 146 -22.75 -9.15 -41.71
CA ALA B 146 -23.61 -9.97 -40.82
C ALA B 146 -24.60 -10.79 -41.66
N SER B 147 -25.22 -10.16 -42.67
CA SER B 147 -26.23 -10.77 -43.56
C SER B 147 -25.61 -11.87 -44.44
N LYS B 148 -24.28 -11.92 -44.56
CA LYS B 148 -23.54 -12.99 -45.30
C LYS B 148 -22.94 -14.00 -44.32
N GLY B 149 -23.17 -13.80 -43.02
CA GLY B 149 -22.65 -14.68 -41.95
C GLY B 149 -21.17 -14.44 -41.68
N ILE B 150 -20.72 -13.18 -41.81
CA ILE B 150 -19.29 -12.80 -41.64
C ILE B 150 -19.14 -12.03 -40.32
N ALA B 151 -18.46 -12.64 -39.34
CA ALA B 151 -18.29 -12.10 -37.98
C ALA B 151 -17.10 -11.13 -37.96
N VAL B 152 -17.28 -9.95 -37.35
CA VAL B 152 -16.23 -8.89 -37.25
C VAL B 152 -15.83 -8.73 -35.79
N PHE B 153 -14.52 -8.62 -35.54
CA PHE B 153 -13.89 -8.42 -34.21
C PHE B 153 -12.93 -7.21 -34.27
N ASN B 154 -12.74 -6.56 -33.12
CA ASN B 154 -11.84 -5.38 -32.98
C ASN B 154 -11.10 -5.50 -31.65
N SER B 155 -10.27 -4.50 -31.32
CA SER B 155 -9.58 -4.31 -30.02
C SER B 155 -9.88 -2.93 -29.48
N PRO B 156 -10.97 -2.75 -28.70
CA PRO B 156 -11.41 -1.42 -28.30
C PRO B 156 -10.51 -0.76 -27.24
N PHE B 157 -9.84 -1.53 -26.37
CA PHE B 157 -9.35 -1.08 -25.04
C PHE B 157 -7.84 -1.28 -24.88
N SER B 158 -7.16 -1.84 -25.88
CA SER B 158 -5.76 -2.33 -25.73
C SER B 158 -4.78 -1.15 -25.85
N ASN B 159 -5.28 0.07 -25.83
CA ASN B 159 -4.48 1.32 -26.02
C ASN B 159 -4.48 2.16 -24.73
N SER B 160 -5.21 1.71 -23.71
CA SER B 160 -5.49 2.48 -22.47
C SER B 160 -4.17 2.93 -21.82
N ARG B 161 -3.25 2.00 -21.61
CA ARG B 161 -2.02 2.22 -20.83
C ARG B 161 -1.14 3.22 -21.59
N SER B 162 -1.09 3.10 -22.93
CA SER B 162 -0.26 3.96 -23.81
C SER B 162 -0.74 5.41 -23.71
N VAL B 163 -2.05 5.63 -23.56
CA VAL B 163 -2.65 6.99 -23.45
C VAL B 163 -2.40 7.55 -22.05
N ALA B 164 -2.56 6.73 -21.00
CA ALA B 164 -2.38 7.15 -19.58
C ALA B 164 -0.93 7.62 -19.36
N GLU B 165 0.05 6.82 -19.80
CA GLU B 165 1.49 7.17 -19.73
C GLU B 165 1.72 8.51 -20.44
N LEU B 166 1.17 8.68 -21.65
CA LEU B 166 1.36 9.92 -22.42
C LEU B 166 0.89 11.11 -21.56
N VAL B 167 -0.25 10.98 -20.87
CA VAL B 167 -0.87 12.14 -20.15
C VAL B 167 0.04 12.48 -18.96
N ILE B 168 0.61 11.49 -18.29
CA ILE B 168 1.57 11.70 -17.17
C ILE B 168 2.76 12.50 -17.71
N GLY B 169 3.37 12.01 -18.79
CA GLY B 169 4.51 12.69 -19.45
C GLY B 169 4.20 14.15 -19.73
N GLU B 170 2.98 14.44 -20.18
CA GLU B 170 2.56 15.77 -20.67
C GLU B 170 2.20 16.66 -19.49
N ILE B 171 1.64 16.10 -18.40
CA ILE B 171 1.39 16.87 -17.14
C ILE B 171 2.73 17.43 -16.68
N ILE B 172 3.76 16.58 -16.60
CA ILE B 172 5.12 16.97 -16.14
C ILE B 172 5.70 17.97 -17.13
N SER B 173 5.58 17.67 -18.43
CA SER B 173 6.21 18.46 -19.51
C SER B 173 5.61 19.87 -19.53
N LEU B 174 4.29 19.97 -19.35
CA LEU B 174 3.57 21.27 -19.24
C LEU B 174 3.98 22.00 -17.95
N ALA B 175 3.99 21.28 -16.82
CA ALA B 175 4.31 21.82 -15.48
C ALA B 175 5.65 22.55 -15.52
N ARG B 176 6.59 22.06 -16.34
CA ARG B 176 8.01 22.44 -16.29
C ARG B 176 8.40 23.17 -17.59
N GLN B 177 7.47 23.25 -18.54
CA GLN B 177 7.65 23.90 -19.87
C GLN B 177 8.86 23.27 -20.59
N LEU B 178 8.95 21.93 -20.61
CA LEU B 178 10.12 21.21 -21.19
C LEU B 178 10.24 21.53 -22.67
N GLY B 179 9.17 21.31 -23.43
CA GLY B 179 9.10 21.59 -24.88
C GLY B 179 9.72 22.95 -25.22
N ASP B 180 9.26 24.01 -24.54
CA ASP B 180 9.74 25.40 -24.76
C ASP B 180 11.24 25.48 -24.48
N ARG B 181 11.68 24.91 -23.35
CA ARG B 181 13.10 24.93 -22.91
C ARG B 181 13.96 24.29 -24.00
N SER B 182 13.53 23.16 -24.56
CA SER B 182 14.32 22.37 -25.54
C SER B 182 14.32 23.06 -26.91
N ILE B 183 13.21 23.71 -27.28
CA ILE B 183 13.08 24.47 -28.55
C ILE B 183 14.03 25.69 -28.48
N GLU B 184 14.03 26.40 -27.36
CA GLU B 184 14.92 27.57 -27.10
C GLU B 184 16.38 27.14 -27.35
N LEU B 185 16.84 26.09 -26.66
CA LEU B 185 18.29 25.74 -26.59
C LEU B 185 18.73 25.22 -27.95
N HIS B 186 17.82 24.67 -28.75
CA HIS B 186 18.08 24.13 -30.10
C HIS B 186 18.32 25.28 -31.08
N THR B 187 17.70 26.44 -30.85
CA THR B 187 17.94 27.70 -31.62
C THR B 187 19.06 28.51 -30.96
N GLY B 188 19.58 28.03 -29.83
CA GLY B 188 20.79 28.58 -29.18
C GLY B 188 20.46 29.54 -28.05
N THR B 189 19.18 29.67 -27.69
CA THR B 189 18.70 30.53 -26.57
C THR B 189 18.77 29.75 -25.25
N TRP B 190 19.43 30.32 -24.22
CA TRP B 190 19.48 29.77 -22.84
C TRP B 190 18.53 30.58 -21.95
N ASN B 191 17.44 29.95 -21.49
CA ASN B 191 16.38 30.64 -20.68
C ASN B 191 16.01 29.75 -19.49
N LYS B 192 16.85 29.72 -18.45
CA LYS B 192 16.61 28.99 -17.18
C LYS B 192 15.54 29.73 -16.38
N VAL B 193 14.34 29.16 -16.31
CA VAL B 193 13.11 29.77 -15.71
C VAL B 193 12.50 28.78 -14.71
N ALA B 194 12.13 29.25 -13.51
CA ALA B 194 11.41 28.46 -12.48
C ALA B 194 10.09 29.16 -12.12
N ALA B 195 9.86 30.36 -12.66
CA ALA B 195 8.55 31.03 -12.45
C ALA B 195 7.52 30.30 -13.32
N ARG B 196 6.34 30.00 -12.77
CA ARG B 196 5.28 29.24 -13.52
C ARG B 196 5.75 27.80 -13.73
N CYS B 197 6.69 27.32 -12.93
CA CYS B 197 7.12 25.89 -13.01
C CYS B 197 6.66 25.23 -11.71
N TRP B 198 5.96 24.09 -11.80
CA TRP B 198 5.37 23.51 -10.56
C TRP B 198 5.71 22.03 -10.40
N GLU B 199 5.92 21.59 -9.15
CA GLU B 199 6.09 20.13 -8.90
C GLU B 199 4.69 19.53 -8.93
N VAL B 200 4.48 18.48 -9.71
CA VAL B 200 3.11 17.92 -9.89
C VAL B 200 2.60 17.42 -8.53
N ARG B 201 3.51 17.02 -7.62
CA ARG B 201 3.12 16.60 -6.25
C ARG B 201 2.32 17.73 -5.59
N GLY B 202 1.11 17.42 -5.10
CA GLY B 202 0.25 18.35 -4.34
C GLY B 202 -0.67 19.16 -5.25
N LYS B 203 -0.55 18.99 -6.57
CA LYS B 203 -1.47 19.57 -7.56
C LYS B 203 -2.69 18.66 -7.73
N THR B 204 -3.77 19.19 -8.33
CA THR B 204 -5.05 18.47 -8.56
C THR B 204 -5.20 18.14 -10.04
N LEU B 205 -5.32 16.85 -10.34
CA LEU B 205 -5.74 16.33 -11.67
C LEU B 205 -7.26 16.20 -11.68
N GLY B 206 -7.93 16.92 -12.58
CA GLY B 206 -9.35 16.72 -12.93
C GLY B 206 -9.52 15.81 -14.13
N ILE B 207 -10.02 14.59 -13.91
CA ILE B 207 -10.28 13.60 -15.00
C ILE B 207 -11.76 13.68 -15.41
N ILE B 208 -12.02 14.11 -16.64
CA ILE B 208 -13.36 14.12 -17.28
C ILE B 208 -13.52 12.82 -18.07
N GLY B 209 -14.29 11.87 -17.53
CA GLY B 209 -14.47 10.53 -18.11
C GLY B 209 -13.56 9.52 -17.43
N TYR B 210 -14.11 8.78 -16.46
CA TYR B 210 -13.37 7.85 -15.58
C TYR B 210 -13.57 6.42 -16.11
N GLY B 211 -13.21 6.21 -17.37
CA GLY B 211 -13.38 4.93 -18.08
C GLY B 211 -12.15 4.06 -17.96
N HIS B 212 -11.86 3.28 -19.00
CA HIS B 212 -10.67 2.39 -19.09
C HIS B 212 -9.40 3.23 -18.93
N ILE B 213 -9.31 4.35 -19.63
CA ILE B 213 -8.10 5.24 -19.66
C ILE B 213 -8.12 6.13 -18.41
N GLY B 214 -9.23 6.85 -18.17
CA GLY B 214 -9.41 7.68 -16.98
C GLY B 214 -8.92 6.98 -15.73
N SER B 215 -9.30 5.70 -15.54
CA SER B 215 -9.09 4.94 -14.28
C SER B 215 -7.62 4.52 -14.17
N GLN B 216 -6.99 4.08 -15.26
CA GLN B 216 -5.55 3.73 -15.27
C GLN B 216 -4.72 4.99 -14.98
N LEU B 217 -5.14 6.13 -15.55
CA LEU B 217 -4.50 7.45 -15.30
C LEU B 217 -4.61 7.82 -13.81
N SER B 218 -5.79 7.62 -13.22
CA SER B 218 -6.09 7.92 -11.79
C SER B 218 -4.98 7.35 -10.90
N VAL B 219 -4.60 6.09 -11.13
CA VAL B 219 -3.66 5.33 -10.25
C VAL B 219 -2.24 5.89 -10.43
N LEU B 220 -1.81 6.08 -11.68
CA LEU B 220 -0.48 6.65 -12.03
C LEU B 220 -0.37 8.06 -11.41
N ALA B 221 -1.42 8.88 -11.54
CA ALA B 221 -1.45 10.27 -11.03
C ALA B 221 -1.27 10.29 -9.50
N GLU B 222 -1.93 9.37 -8.79
CA GLU B 222 -1.85 9.30 -7.31
C GLU B 222 -0.41 8.91 -6.91
N ALA B 223 0.18 7.97 -7.66
CA ALA B 223 1.58 7.51 -7.49
C ALA B 223 2.55 8.67 -7.74
N MET B 224 2.22 9.60 -8.64
CA MET B 224 3.04 10.81 -8.91
C MET B 224 2.67 11.93 -7.93
N GLY B 225 1.75 11.65 -6.99
CA GLY B 225 1.48 12.51 -5.83
C GLY B 225 0.43 13.57 -6.12
N LEU B 226 -0.44 13.30 -7.09
CA LEU B 226 -1.56 14.22 -7.45
C LEU B 226 -2.83 13.75 -6.72
N HIS B 227 -3.58 14.72 -6.19
CA HIS B 227 -5.02 14.61 -5.88
C HIS B 227 -5.80 14.45 -7.19
N VAL B 228 -6.70 13.47 -7.24
CA VAL B 228 -7.56 13.16 -8.42
C VAL B 228 -9.01 13.48 -8.09
N LEU B 229 -9.62 14.42 -8.81
CA LEU B 229 -11.10 14.56 -8.95
C LEU B 229 -11.51 13.98 -10.30
N TYR B 230 -12.75 13.48 -10.42
CA TYR B 230 -13.33 13.05 -11.73
C TYR B 230 -14.83 13.37 -11.78
N TYR B 231 -15.26 14.00 -12.88
CA TYR B 231 -16.67 14.11 -13.32
C TYR B 231 -16.96 13.02 -14.36
N ASP B 232 -18.14 12.39 -14.25
CA ASP B 232 -18.65 11.40 -15.22
C ASP B 232 -20.18 11.41 -15.16
N ILE B 233 -20.86 11.18 -16.28
CA ILE B 233 -22.35 11.20 -16.37
C ILE B 233 -22.91 9.94 -15.70
N VAL B 234 -22.02 9.07 -15.22
CA VAL B 234 -22.38 7.85 -14.45
C VAL B 234 -21.64 7.90 -13.10
N THR B 235 -22.25 7.34 -12.05
CA THR B 235 -21.59 7.06 -10.74
C THR B 235 -20.67 5.85 -10.89
N ILE B 236 -19.40 6.01 -10.51
CA ILE B 236 -18.31 5.01 -10.69
C ILE B 236 -17.50 4.92 -9.39
N MET B 237 -17.11 3.70 -9.00
CA MET B 237 -16.32 3.42 -7.77
C MET B 237 -14.88 3.88 -7.99
N ALA B 238 -14.41 4.83 -7.16
CA ALA B 238 -13.03 5.37 -7.18
C ALA B 238 -12.02 4.23 -7.02
N LEU B 239 -10.93 4.26 -7.81
CA LEU B 239 -9.65 3.58 -7.49
C LEU B 239 -8.84 4.46 -6.52
N GLY B 240 -7.89 3.87 -5.79
CA GLY B 240 -7.04 4.59 -4.82
C GLY B 240 -7.88 5.47 -3.93
N THR B 241 -7.62 6.79 -3.95
CA THR B 241 -8.24 7.80 -3.04
C THR B 241 -8.79 8.96 -3.87
N ALA B 242 -9.15 8.72 -5.14
CA ALA B 242 -9.84 9.70 -6.03
C ALA B 242 -11.26 9.95 -5.51
N ARG B 243 -11.81 11.13 -5.79
CA ARG B 243 -13.18 11.53 -5.35
C ARG B 243 -13.98 11.98 -6.57
N GLN B 244 -15.14 11.35 -6.78
CA GLN B 244 -16.10 11.75 -7.85
C GLN B 244 -16.82 13.03 -7.45
N VAL B 245 -16.99 13.96 -8.39
CA VAL B 245 -17.56 15.31 -8.16
C VAL B 245 -18.85 15.43 -8.99
N SER B 246 -19.84 16.15 -8.46
CA SER B 246 -21.26 16.13 -8.93
C SER B 246 -21.39 16.91 -10.24
N THR B 247 -20.68 18.04 -10.35
CA THR B 247 -20.75 18.95 -11.52
C THR B 247 -19.36 19.05 -12.18
N LEU B 248 -19.35 19.24 -13.51
CA LEU B 248 -18.14 19.63 -14.29
C LEU B 248 -17.53 20.89 -13.67
N ASP B 249 -18.36 21.83 -13.24
CA ASP B 249 -17.92 23.21 -12.84
C ASP B 249 -17.12 23.13 -11.53
N GLU B 250 -17.44 22.18 -10.64
CA GLU B 250 -16.64 21.92 -9.40
C GLU B 250 -15.25 21.43 -9.79
N LEU B 251 -15.17 20.50 -10.75
CA LEU B 251 -13.89 19.95 -11.26
C LEU B 251 -13.05 21.09 -11.84
N LEU B 252 -13.60 21.89 -12.76
CA LEU B 252 -12.88 23.00 -13.44
C LEU B 252 -12.37 23.99 -12.39
N ASN B 253 -13.11 24.16 -11.29
CA ASN B 253 -12.84 25.18 -10.25
C ASN B 253 -11.62 24.76 -9.41
N LYS B 254 -11.46 23.45 -9.19
CA LYS B 254 -10.60 22.90 -8.10
C LYS B 254 -9.42 22.13 -8.69
N SER B 255 -9.24 22.19 -10.02
CA SER B 255 -8.26 21.36 -10.76
C SER B 255 -7.13 22.25 -11.29
N ASP B 256 -5.90 21.73 -11.27
CA ASP B 256 -4.69 22.40 -11.79
C ASP B 256 -4.47 21.90 -13.23
N PHE B 257 -4.66 20.60 -13.45
CA PHE B 257 -4.66 19.96 -14.79
C PHE B 257 -6.04 19.34 -15.04
N VAL B 258 -6.65 19.66 -16.19
CA VAL B 258 -7.92 19.04 -16.66
C VAL B 258 -7.59 18.19 -17.89
N THR B 259 -7.94 16.91 -17.83
CA THR B 259 -7.70 15.94 -18.93
C THR B 259 -9.03 15.29 -19.31
N LEU B 260 -9.24 15.02 -20.60
CA LEU B 260 -10.51 14.50 -21.16
C LEU B 260 -10.31 13.06 -21.62
N HIS B 261 -11.20 12.17 -21.20
CA HIS B 261 -11.18 10.73 -21.59
C HIS B 261 -12.61 10.27 -21.88
N VAL B 262 -13.31 10.97 -22.79
CA VAL B 262 -14.76 10.79 -23.09
C VAL B 262 -14.91 10.26 -24.52
N PRO B 263 -16.05 9.59 -24.83
CA PRO B 263 -16.41 9.27 -26.21
C PRO B 263 -16.96 10.49 -26.99
N ALA B 264 -17.04 10.38 -28.32
CA ALA B 264 -17.64 11.38 -29.22
C ALA B 264 -19.16 11.17 -29.27
N THR B 265 -19.89 12.05 -28.59
CA THR B 265 -21.38 12.06 -28.48
C THR B 265 -21.85 13.49 -28.66
N PRO B 266 -23.16 13.72 -28.90
CA PRO B 266 -23.69 15.09 -28.95
C PRO B 266 -23.37 15.92 -27.70
N GLU B 267 -23.29 15.28 -26.53
CA GLU B 267 -23.10 15.95 -25.21
C GLU B 267 -21.63 16.34 -25.01
N THR B 268 -20.69 15.60 -25.62
CA THR B 268 -19.23 15.84 -25.48
C THR B 268 -18.75 16.84 -26.53
N GLU B 269 -19.49 16.98 -27.64
CA GLU B 269 -19.16 17.95 -28.72
C GLU B 269 -18.88 19.33 -28.10
N LYS B 270 -17.64 19.79 -28.17
CA LYS B 270 -17.23 21.17 -27.80
C LYS B 270 -17.60 21.46 -26.34
N MET B 271 -17.56 20.44 -25.47
CA MET B 271 -18.03 20.53 -24.07
C MET B 271 -17.06 21.39 -23.23
N LEU B 272 -15.79 21.50 -23.63
CA LEU B 272 -14.84 22.53 -23.14
C LEU B 272 -14.79 23.68 -24.15
N SER B 273 -15.30 24.85 -23.75
CA SER B 273 -15.30 26.10 -24.55
C SER B 273 -15.15 27.30 -23.60
N ALA B 274 -15.30 28.52 -24.11
CA ALA B 274 -15.02 29.78 -23.38
C ALA B 274 -15.55 29.68 -21.95
N PRO B 275 -16.85 29.35 -21.74
CA PRO B 275 -17.42 29.34 -20.39
C PRO B 275 -16.77 28.34 -19.43
N GLN B 276 -16.23 27.23 -19.93
CA GLN B 276 -15.52 26.20 -19.13
C GLN B 276 -14.13 26.72 -18.72
N PHE B 277 -13.39 27.30 -19.68
CA PHE B 277 -12.07 27.95 -19.47
C PHE B 277 -12.21 29.12 -18.48
N ALA B 278 -13.33 29.83 -18.52
CA ALA B 278 -13.66 30.95 -17.61
C ALA B 278 -13.82 30.42 -16.18
N ALA B 279 -14.27 29.16 -16.03
CA ALA B 279 -14.56 28.51 -14.73
C ALA B 279 -13.28 27.85 -14.17
N MET B 280 -12.23 27.74 -14.98
CA MET B 280 -10.97 27.04 -14.62
C MET B 280 -10.04 28.00 -13.88
N LYS B 281 -9.07 27.46 -13.12
CA LYS B 281 -8.12 28.26 -12.33
C LYS B 281 -7.24 29.09 -13.27
N ASP B 282 -6.86 30.29 -12.85
CA ASP B 282 -5.81 31.09 -13.54
C ASP B 282 -4.52 30.25 -13.52
N GLY B 283 -3.99 29.93 -14.70
CA GLY B 283 -2.71 29.22 -14.88
C GLY B 283 -2.89 27.71 -14.84
N ALA B 284 -4.13 27.22 -15.02
CA ALA B 284 -4.43 25.77 -15.11
C ALA B 284 -4.11 25.28 -16.52
N TYR B 285 -4.12 23.96 -16.72
CA TYR B 285 -3.62 23.27 -17.93
C TYR B 285 -4.71 22.35 -18.46
N VAL B 286 -4.80 22.24 -19.79
CA VAL B 286 -5.83 21.42 -20.50
C VAL B 286 -5.11 20.37 -21.32
N ILE B 287 -5.50 19.10 -21.15
CA ILE B 287 -4.96 17.98 -21.98
C ILE B 287 -6.11 17.25 -22.67
N ASN B 288 -6.04 17.12 -24.00
CA ASN B 288 -7.09 16.40 -24.76
C ASN B 288 -6.49 15.29 -25.62
N ALA B 289 -6.65 14.06 -25.19
CA ALA B 289 -6.21 12.92 -26.01
C ALA B 289 -7.42 12.03 -26.19
N SER B 290 -8.59 12.63 -26.36
CA SER B 290 -9.84 11.86 -26.54
C SER B 290 -10.32 11.98 -27.98
N ARG B 291 -11.22 12.92 -28.24
CA ARG B 291 -11.79 13.10 -29.59
C ARG B 291 -11.56 14.54 -30.03
N GLY B 292 -11.21 14.76 -31.29
CA GLY B 292 -10.85 16.10 -31.79
C GLY B 292 -12.01 17.05 -31.82
N THR B 293 -13.17 16.59 -31.39
CA THR B 293 -14.41 17.42 -31.42
C THR B 293 -14.71 17.99 -30.03
N VAL B 294 -14.16 17.36 -28.98
CA VAL B 294 -14.61 17.52 -27.57
C VAL B 294 -14.15 18.88 -27.01
N VAL B 295 -13.16 19.53 -27.63
CA VAL B 295 -12.64 20.85 -27.16
C VAL B 295 -12.76 21.89 -28.28
N ASP B 296 -13.05 23.15 -27.92
CA ASP B 296 -13.08 24.24 -28.93
C ASP B 296 -11.69 24.85 -28.96
N ILE B 297 -10.92 24.52 -29.98
CA ILE B 297 -9.52 25.01 -30.04
C ILE B 297 -9.52 26.55 -30.07
N PRO B 298 -10.39 27.27 -30.80
CA PRO B 298 -10.31 28.73 -30.85
C PRO B 298 -10.55 29.37 -29.48
N SER B 299 -11.44 28.80 -28.67
CA SER B 299 -11.66 29.31 -27.29
C SER B 299 -10.40 29.13 -26.45
N LEU B 300 -9.72 28.01 -26.62
CA LEU B 300 -8.51 27.72 -25.82
C LEU B 300 -7.42 28.67 -26.27
N ILE B 301 -7.34 28.91 -27.56
CA ILE B 301 -6.32 29.85 -28.11
C ILE B 301 -6.53 31.23 -27.46
N GLN B 302 -7.79 31.67 -27.33
CA GLN B 302 -8.16 32.94 -26.66
C GLN B 302 -7.69 32.91 -25.20
N ALA B 303 -8.00 31.83 -24.48
CA ALA B 303 -7.71 31.63 -23.05
C ALA B 303 -6.19 31.64 -22.81
N VAL B 304 -5.42 30.96 -23.67
CA VAL B 304 -3.93 30.94 -23.60
C VAL B 304 -3.42 32.36 -23.85
N LYS B 305 -3.99 33.06 -24.84
CA LYS B 305 -3.58 34.43 -25.23
C LYS B 305 -3.84 35.40 -24.06
N ALA B 306 -4.87 35.12 -23.24
CA ALA B 306 -5.32 35.99 -22.13
C ALA B 306 -4.60 35.61 -20.83
N ASN B 307 -3.72 34.62 -20.88
CA ASN B 307 -2.92 34.13 -19.72
C ASN B 307 -3.86 33.54 -18.66
N LYS B 308 -5.00 33.00 -19.09
CA LYS B 308 -5.93 32.22 -18.22
C LYS B 308 -5.49 30.74 -18.18
N ILE B 309 -5.06 30.21 -19.33
CA ILE B 309 -4.52 28.82 -19.47
C ILE B 309 -3.01 28.92 -19.71
N ALA B 310 -2.23 28.23 -18.89
CA ALA B 310 -0.75 28.33 -18.85
C ALA B 310 -0.13 27.35 -19.85
N GLY B 311 -0.88 26.31 -20.26
CA GLY B 311 -0.41 25.32 -21.24
C GLY B 311 -1.51 24.38 -21.68
N ALA B 312 -1.30 23.67 -22.78
CA ALA B 312 -2.21 22.62 -23.29
C ALA B 312 -1.40 21.58 -24.07
N ALA B 313 -1.85 20.32 -24.03
CA ALA B 313 -1.41 19.24 -24.92
C ALA B 313 -2.62 18.68 -25.67
N LEU B 314 -2.57 18.72 -27.01
CA LEU B 314 -3.60 18.15 -27.91
C LEU B 314 -3.01 16.99 -28.71
N ASP B 315 -3.70 15.86 -28.76
CA ASP B 315 -3.31 14.67 -29.55
C ASP B 315 -4.28 14.51 -30.73
N VAL B 316 -5.39 15.24 -30.70
CA VAL B 316 -6.58 15.04 -31.58
C VAL B 316 -7.15 16.41 -31.96
N TYR B 317 -7.70 16.50 -33.17
CA TYR B 317 -8.15 17.77 -33.80
C TYR B 317 -9.42 17.53 -34.61
N PRO B 318 -10.28 18.56 -34.78
CA PRO B 318 -11.49 18.44 -35.59
C PRO B 318 -11.25 17.84 -36.98
N HIS B 319 -10.12 18.17 -37.62
CA HIS B 319 -9.71 17.65 -38.94
C HIS B 319 -8.25 17.18 -38.88
N GLU B 320 -8.01 15.93 -39.29
CA GLU B 320 -6.66 15.29 -39.28
C GLU B 320 -6.34 14.81 -40.69
N PRO B 321 -5.07 14.96 -41.14
CA PRO B 321 -4.62 14.27 -42.35
C PRO B 321 -5.01 12.78 -42.34
N ALA B 322 -5.12 12.17 -43.51
CA ALA B 322 -5.47 10.74 -43.68
C ALA B 322 -4.20 9.94 -44.00
N LYS B 323 -3.21 10.57 -44.62
CA LYS B 323 -1.82 10.03 -44.73
C LYS B 323 -0.90 10.89 -43.85
N ASN B 324 0.26 10.34 -43.48
CA ASN B 324 1.42 11.11 -42.97
C ASN B 324 2.03 11.88 -44.14
N GLY B 325 2.45 13.13 -43.90
CA GLY B 325 3.21 13.93 -44.86
C GLY B 325 3.57 15.30 -44.31
N GLU B 326 4.39 16.02 -45.08
CA GLU B 326 4.88 17.39 -44.76
C GLU B 326 3.83 18.42 -45.22
N GLY B 327 3.77 19.56 -44.53
CA GLY B 327 2.74 20.59 -44.72
C GLY B 327 1.34 19.99 -44.81
N SER B 328 1.04 18.94 -44.04
CA SER B 328 -0.34 18.39 -43.86
C SER B 328 -1.10 19.21 -42.81
N PHE B 329 -0.41 19.70 -41.78
CA PHE B 329 -1.02 20.36 -40.59
C PHE B 329 -0.94 21.88 -40.76
N ASN B 330 -1.99 22.48 -41.32
CA ASN B 330 -1.98 23.87 -41.87
C ASN B 330 -3.40 24.45 -41.85
N ASP B 331 -3.55 25.67 -42.38
CA ASP B 331 -4.84 26.39 -42.24
C ASP B 331 -5.89 25.87 -43.20
N GLU B 332 -5.48 25.20 -44.27
CA GLU B 332 -6.50 24.59 -45.14
C GLU B 332 -7.23 23.51 -44.34
N LEU B 333 -6.51 22.76 -43.50
CA LEU B 333 -7.11 21.65 -42.72
C LEU B 333 -7.83 22.21 -41.50
N ASN B 334 -7.16 23.10 -40.78
CA ASN B 334 -7.80 23.72 -39.59
C ASN B 334 -7.38 25.18 -39.67
N SER B 335 -8.32 26.12 -39.58
CA SER B 335 -8.02 27.56 -39.78
C SER B 335 -7.03 28.12 -38.77
N TRP B 336 -7.11 27.68 -37.52
CA TRP B 336 -6.27 28.26 -36.45
C TRP B 336 -4.84 27.74 -36.44
N THR B 337 -4.52 26.73 -37.23
CA THR B 337 -3.16 26.14 -37.14
C THR B 337 -2.12 27.23 -36.97
N SER B 338 -2.21 28.28 -37.77
CA SER B 338 -1.14 29.31 -37.75
C SER B 338 -1.04 29.95 -36.38
N GLU B 339 -2.17 30.18 -35.73
CA GLU B 339 -2.15 30.89 -34.44
C GLU B 339 -1.80 29.88 -33.36
N LEU B 340 -2.39 28.69 -33.46
CA LEU B 340 -2.15 27.65 -32.43
C LEU B 340 -0.64 27.44 -32.26
N VAL B 341 0.11 27.29 -33.36
CA VAL B 341 1.54 26.91 -33.35
C VAL B 341 2.39 28.15 -33.03
N SER B 342 1.77 29.32 -32.83
CA SER B 342 2.45 30.60 -32.49
C SER B 342 2.70 30.66 -30.98
N LEU B 343 1.97 29.85 -30.20
CA LEU B 343 1.76 30.06 -28.74
C LEU B 343 2.88 29.39 -27.94
N PRO B 344 3.18 29.88 -26.72
CA PRO B 344 4.05 29.16 -25.80
C PRO B 344 3.33 28.02 -25.07
N ASN B 345 4.07 26.94 -24.79
CA ASN B 345 3.71 25.82 -23.88
C ASN B 345 2.44 25.14 -24.38
N ILE B 346 2.35 24.91 -25.69
CA ILE B 346 1.37 23.97 -26.31
C ILE B 346 2.12 22.78 -26.91
N ILE B 347 1.93 21.59 -26.35
CA ILE B 347 2.37 20.30 -26.95
C ILE B 347 1.32 19.84 -27.97
N LEU B 348 1.72 19.72 -29.24
CA LEU B 348 0.89 19.14 -30.32
C LEU B 348 1.47 17.79 -30.73
N THR B 349 0.61 16.78 -30.82
CA THR B 349 1.00 15.40 -31.21
C THR B 349 0.05 14.94 -32.31
N PRO B 350 0.54 14.12 -33.27
CA PRO B 350 -0.30 13.60 -34.34
C PRO B 350 -1.02 12.29 -33.98
N HIS B 351 -1.98 12.31 -33.07
CA HIS B 351 -2.77 11.10 -32.71
C HIS B 351 -1.85 9.96 -32.31
N ILE B 352 -0.95 10.19 -31.37
CA ILE B 352 0.06 9.17 -31.00
C ILE B 352 -0.25 8.48 -29.67
N GLY B 353 -1.42 8.68 -29.10
CA GLY B 353 -1.76 8.11 -27.78
C GLY B 353 -1.58 6.61 -27.68
N GLY B 354 -2.01 5.86 -28.69
CA GLY B 354 -1.86 4.40 -28.71
C GLY B 354 -0.71 3.99 -29.61
N SER B 355 0.05 4.96 -30.07
CA SER B 355 1.15 4.67 -31.02
C SER B 355 2.40 4.12 -30.33
N THR B 356 2.29 2.96 -29.69
CA THR B 356 3.43 2.23 -29.06
C THR B 356 3.53 0.81 -29.63
N GLU B 357 4.71 0.20 -29.54
CA GLU B 357 4.98 -1.21 -29.91
C GLU B 357 4.16 -2.12 -28.99
N GLU B 358 4.09 -1.80 -27.70
CA GLU B 358 3.30 -2.59 -26.71
C GLU B 358 1.84 -2.68 -27.18
N ALA B 359 1.22 -1.52 -27.48
CA ALA B 359 -0.21 -1.41 -27.87
C ALA B 359 -0.49 -2.24 -29.12
N GLN B 360 0.33 -2.05 -30.18
CA GLN B 360 0.18 -2.74 -31.48
C GLN B 360 0.27 -4.26 -31.27
N SER B 361 1.22 -4.72 -30.44
CA SER B 361 1.52 -6.16 -30.24
C SER B 361 0.35 -6.82 -29.49
N SER B 362 -0.28 -6.10 -28.56
CA SER B 362 -1.39 -6.63 -27.72
C SER B 362 -2.72 -6.50 -28.47
N ILE B 363 -2.82 -5.59 -29.44
CA ILE B 363 -3.88 -5.60 -30.49
C ILE B 363 -3.72 -6.87 -31.34
N GLY B 364 -2.49 -7.17 -31.77
CA GLY B 364 -2.15 -8.40 -32.49
C GLY B 364 -2.67 -9.65 -31.78
N ILE B 365 -2.38 -9.77 -30.48
CA ILE B 365 -2.75 -10.98 -29.67
C ILE B 365 -4.27 -11.00 -29.51
N GLU B 366 -4.87 -9.89 -29.09
CA GLU B 366 -6.31 -9.78 -28.74
C GLU B 366 -7.16 -10.26 -29.92
N VAL B 367 -6.83 -9.80 -31.13
CA VAL B 367 -7.70 -9.91 -32.34
C VAL B 367 -7.40 -11.23 -33.05
N ALA B 368 -6.14 -11.61 -33.20
CA ALA B 368 -5.72 -12.92 -33.76
C ALA B 368 -6.25 -14.05 -32.88
N THR B 369 -6.20 -13.90 -31.56
CA THR B 369 -6.77 -14.90 -30.61
C THR B 369 -8.28 -14.99 -30.86
N ALA B 370 -8.95 -13.85 -31.02
CA ALA B 370 -10.42 -13.75 -31.16
C ALA B 370 -10.87 -14.48 -32.42
N LEU B 371 -10.24 -14.18 -33.56
CA LEU B 371 -10.47 -14.88 -34.85
C LEU B 371 -10.18 -16.38 -34.66
N SER B 372 -9.03 -16.69 -34.05
CA SER B 372 -8.53 -18.08 -33.92
C SER B 372 -9.56 -18.92 -33.15
N LYS B 373 -10.22 -18.34 -32.15
CA LYS B 373 -11.22 -19.04 -31.31
C LYS B 373 -12.56 -19.10 -32.06
N TYR B 374 -12.84 -18.15 -32.96
CA TYR B 374 -14.07 -18.16 -33.79
C TYR B 374 -13.91 -19.22 -34.90
N ILE B 375 -12.73 -19.28 -35.52
CA ILE B 375 -12.41 -20.25 -36.61
C ILE B 375 -12.35 -21.67 -36.03
N ASN B 376 -11.85 -21.84 -34.80
CA ASN B 376 -11.50 -23.17 -34.23
C ASN B 376 -12.66 -23.70 -33.37
N GLU B 377 -13.49 -22.81 -32.81
CA GLU B 377 -14.46 -23.16 -31.74
C GLU B 377 -15.82 -22.51 -32.01
N GLY B 378 -15.89 -21.58 -32.97
CA GLY B 378 -17.11 -20.84 -33.32
C GLY B 378 -17.47 -19.79 -32.28
N ASN B 379 -16.53 -19.42 -31.41
CA ASN B 379 -16.71 -18.42 -30.34
C ASN B 379 -16.87 -17.03 -30.97
N SER B 380 -18.02 -16.39 -30.75
CA SER B 380 -18.40 -15.09 -31.34
C SER B 380 -18.51 -14.02 -30.24
N VAL B 381 -18.09 -14.32 -29.01
CA VAL B 381 -18.08 -13.36 -27.87
C VAL B 381 -17.12 -12.20 -28.20
N GLY B 382 -17.57 -10.96 -28.04
CA GLY B 382 -16.77 -9.75 -28.32
C GLY B 382 -16.90 -9.28 -29.75
N SER B 383 -17.61 -10.04 -30.58
CA SER B 383 -17.94 -9.65 -31.98
C SER B 383 -18.82 -8.40 -31.95
N VAL B 384 -18.74 -7.57 -33.00
CA VAL B 384 -19.44 -6.26 -33.03
C VAL B 384 -20.64 -6.31 -33.97
N ASN B 385 -20.69 -7.29 -34.88
CA ASN B 385 -21.81 -7.40 -35.85
C ASN B 385 -22.55 -8.72 -35.70
N PHE B 386 -22.27 -9.50 -34.68
CA PHE B 386 -22.84 -10.86 -34.65
C PHE B 386 -23.42 -11.18 -33.29
N PRO B 387 -24.35 -12.16 -33.24
CA PRO B 387 -24.82 -12.63 -31.96
C PRO B 387 -23.59 -13.15 -31.20
N GLU B 388 -23.55 -13.01 -29.89
CA GLU B 388 -22.42 -13.43 -29.02
C GLU B 388 -22.75 -14.80 -28.42
N VAL B 389 -22.07 -15.83 -28.92
CA VAL B 389 -22.37 -17.26 -28.64
C VAL B 389 -21.05 -18.04 -28.44
N SER B 390 -20.99 -18.87 -27.41
CA SER B 390 -19.87 -19.78 -27.09
C SER B 390 -20.38 -20.97 -26.27
N LEU B 391 -19.59 -22.05 -26.24
CA LEU B 391 -19.86 -23.26 -25.40
C LEU B 391 -18.53 -23.69 -24.77
N LYS B 392 -18.57 -24.33 -23.60
CA LYS B 392 -17.38 -24.94 -22.96
C LYS B 392 -16.71 -25.85 -24.00
N SER B 393 -15.37 -25.85 -24.06
CA SER B 393 -14.58 -26.78 -24.90
C SER B 393 -14.97 -28.22 -24.55
N LEU B 394 -14.75 -29.15 -25.48
CA LEU B 394 -14.92 -30.61 -25.26
C LEU B 394 -13.58 -31.21 -24.80
N ASP B 395 -13.64 -32.13 -23.84
CA ASP B 395 -12.49 -32.91 -23.32
C ASP B 395 -11.81 -33.64 -24.49
N TYR B 396 -10.50 -33.91 -24.37
CA TYR B 396 -9.65 -34.61 -25.37
C TYR B 396 -10.25 -35.97 -25.70
N ASP B 397 -10.99 -36.56 -24.75
CA ASP B 397 -11.37 -38.00 -24.77
C ASP B 397 -12.81 -38.15 -25.27
N GLN B 398 -13.45 -37.06 -25.73
CA GLN B 398 -14.86 -37.09 -26.22
C GLN B 398 -14.87 -37.46 -27.71
N GLU B 399 -14.42 -38.67 -28.02
CA GLU B 399 -14.40 -39.25 -29.40
C GLU B 399 -15.81 -39.17 -29.99
N ASN B 400 -15.90 -38.79 -31.26
CA ASN B 400 -17.14 -38.88 -32.08
C ASN B 400 -18.19 -37.89 -31.58
N THR B 401 -17.76 -36.79 -30.93
CA THR B 401 -18.60 -35.58 -30.74
C THR B 401 -18.26 -34.55 -31.81
N VAL B 402 -19.28 -33.95 -32.41
CA VAL B 402 -19.15 -32.96 -33.52
C VAL B 402 -19.85 -31.66 -33.10
N ARG B 403 -19.31 -30.52 -33.51
CA ARG B 403 -19.88 -29.19 -33.19
C ARG B 403 -20.49 -28.60 -34.46
N VAL B 404 -21.78 -28.26 -34.39
CA VAL B 404 -22.54 -27.61 -35.49
C VAL B 404 -22.51 -26.10 -35.28
N LEU B 405 -21.98 -25.36 -36.26
CA LEU B 405 -22.02 -23.86 -36.31
C LEU B 405 -22.95 -23.43 -37.45
N TYR B 406 -24.19 -23.05 -37.14
CA TYR B 406 -25.28 -22.82 -38.14
C TYR B 406 -25.75 -21.38 -38.04
N ILE B 407 -25.23 -20.50 -38.91
CA ILE B 407 -25.70 -19.10 -39.06
C ILE B 407 -26.87 -19.10 -40.05
N HIS B 408 -27.94 -18.39 -39.70
CA HIS B 408 -29.28 -18.58 -40.30
C HIS B 408 -30.11 -17.31 -40.13
N ARG B 409 -31.19 -17.20 -40.90
CA ARG B 409 -32.10 -16.03 -40.90
C ARG B 409 -33.03 -16.14 -39.69
N ASN B 410 -33.17 -15.03 -38.95
CA ASN B 410 -33.88 -15.00 -37.65
C ASN B 410 -35.38 -15.04 -37.89
N VAL B 411 -35.91 -16.22 -38.23
CA VAL B 411 -37.36 -16.40 -38.55
C VAL B 411 -37.88 -17.65 -37.86
N PRO B 412 -39.21 -17.74 -37.62
CA PRO B 412 -39.79 -18.90 -36.95
C PRO B 412 -39.52 -20.17 -37.77
N GLY B 413 -39.26 -21.28 -37.08
CA GLY B 413 -39.28 -22.64 -37.65
C GLY B 413 -37.89 -23.25 -37.81
N VAL B 414 -36.81 -22.47 -37.63
CA VAL B 414 -35.45 -22.88 -38.08
C VAL B 414 -34.85 -23.88 -37.08
N LEU B 415 -35.06 -23.67 -35.78
CA LEU B 415 -34.57 -24.63 -34.76
C LEU B 415 -35.33 -25.96 -34.91
N LYS B 416 -36.63 -25.87 -35.20
CA LYS B 416 -37.49 -27.06 -35.51
C LYS B 416 -36.83 -27.92 -36.59
N THR B 417 -36.44 -27.31 -37.72
CA THR B 417 -35.76 -27.97 -38.85
C THR B 417 -34.46 -28.61 -38.37
N VAL B 418 -33.58 -27.80 -37.78
CA VAL B 418 -32.19 -28.21 -37.42
C VAL B 418 -32.27 -29.38 -36.45
N ASN B 419 -33.12 -29.26 -35.42
CA ASN B 419 -33.18 -30.25 -34.31
C ASN B 419 -33.87 -31.53 -34.82
N ASP B 420 -34.69 -31.40 -35.88
CA ASP B 420 -35.20 -32.57 -36.67
C ASP B 420 -34.04 -33.24 -37.39
N ILE B 421 -33.20 -32.48 -38.09
CA ILE B 421 -32.03 -33.02 -38.85
C ILE B 421 -31.07 -33.74 -37.89
N LEU B 422 -31.05 -33.42 -36.60
CA LEU B 422 -30.05 -34.00 -35.67
C LEU B 422 -30.72 -34.85 -34.58
N SER B 423 -31.87 -35.47 -34.86
CA SER B 423 -32.65 -36.19 -33.81
C SER B 423 -32.14 -37.60 -33.58
N ASP B 424 -31.30 -38.09 -34.48
CA ASP B 424 -30.77 -39.48 -34.34
C ASP B 424 -29.59 -39.38 -33.39
N HIS B 425 -29.33 -38.19 -32.87
CA HIS B 425 -28.12 -38.01 -32.04
C HIS B 425 -28.45 -37.24 -30.77
N ASN B 426 -27.81 -37.60 -29.66
CA ASN B 426 -27.95 -36.83 -28.40
C ASN B 426 -27.25 -35.48 -28.61
N ILE B 427 -28.00 -34.38 -28.43
CA ILE B 427 -27.44 -33.02 -28.29
C ILE B 427 -27.01 -32.82 -26.84
N GLU B 428 -25.70 -32.91 -26.60
CA GLU B 428 -25.07 -32.70 -25.27
C GLU B 428 -25.45 -31.30 -24.79
N LYS B 429 -25.35 -30.30 -25.68
CA LYS B 429 -25.79 -28.91 -25.40
C LYS B 429 -25.85 -28.08 -26.70
N GLN B 430 -26.42 -26.88 -26.58
CA GLN B 430 -26.94 -26.11 -27.74
C GLN B 430 -27.27 -24.68 -27.27
N PHE B 431 -26.81 -23.68 -28.03
CA PHE B 431 -26.98 -22.23 -27.76
C PHE B 431 -27.28 -21.51 -29.08
N SER B 432 -28.42 -20.83 -29.12
CA SER B 432 -28.85 -19.96 -30.25
C SER B 432 -29.15 -18.57 -29.70
N ASP B 433 -28.62 -17.53 -30.35
CA ASP B 433 -28.93 -16.10 -30.09
C ASP B 433 -29.17 -15.40 -31.43
N SER B 434 -29.99 -14.34 -31.41
CA SER B 434 -30.36 -13.51 -32.58
C SER B 434 -29.78 -12.11 -32.43
N HIS B 435 -29.31 -11.52 -33.53
CA HIS B 435 -28.91 -10.09 -33.64
C HIS B 435 -29.59 -9.47 -34.86
N GLY B 436 -30.74 -8.86 -34.66
CA GLY B 436 -31.61 -8.35 -35.75
C GLY B 436 -32.10 -9.48 -36.63
N GLU B 437 -31.61 -9.55 -37.86
CA GLU B 437 -32.17 -10.41 -38.93
C GLU B 437 -31.34 -11.68 -39.06
N ILE B 438 -30.13 -11.69 -38.47
CA ILE B 438 -29.24 -12.87 -38.43
C ILE B 438 -29.35 -13.54 -37.06
N ALA B 439 -29.07 -14.84 -37.00
CA ALA B 439 -29.01 -15.63 -35.75
C ALA B 439 -27.98 -16.76 -35.94
N TYR B 440 -27.51 -17.31 -34.81
CA TYR B 440 -26.32 -18.17 -34.71
C TYR B 440 -26.60 -19.28 -33.71
N LEU B 441 -26.71 -20.52 -34.21
CA LEU B 441 -26.84 -21.76 -33.40
C LEU B 441 -25.47 -22.44 -33.31
N MET B 442 -25.08 -22.81 -32.10
CA MET B 442 -23.94 -23.73 -31.82
C MET B 442 -24.52 -24.94 -31.08
N ALA B 443 -24.19 -26.15 -31.52
CA ALA B 443 -24.68 -27.41 -30.92
C ALA B 443 -23.56 -28.45 -30.84
N ASP B 444 -23.46 -29.15 -29.71
CA ASP B 444 -22.54 -30.30 -29.50
C ASP B 444 -23.37 -31.59 -29.53
N ILE B 445 -23.06 -32.49 -30.46
CA ILE B 445 -23.80 -33.76 -30.69
C ILE B 445 -22.82 -34.93 -30.62
N SER B 446 -23.22 -36.02 -29.95
CA SER B 446 -22.39 -37.21 -29.66
C SER B 446 -22.75 -38.37 -30.60
N SER B 447 -21.85 -39.36 -30.71
CA SER B 447 -22.06 -40.62 -31.47
C SER B 447 -22.24 -40.32 -32.96
N VAL B 448 -21.24 -39.66 -33.58
CA VAL B 448 -21.19 -39.30 -35.02
C VAL B 448 -19.90 -39.89 -35.61
N ASN B 449 -20.01 -40.80 -36.58
CA ASN B 449 -18.84 -41.39 -37.31
C ASN B 449 -18.67 -40.65 -38.65
N GLN B 450 -17.49 -40.77 -39.28
CA GLN B 450 -17.09 -40.05 -40.52
C GLN B 450 -18.24 -40.09 -41.53
N SER B 451 -18.97 -41.21 -41.59
CA SER B 451 -20.12 -41.44 -42.50
C SER B 451 -21.20 -40.37 -42.26
N GLU B 452 -21.67 -40.24 -41.01
CA GLU B 452 -22.89 -39.49 -40.66
C GLU B 452 -22.62 -37.98 -40.74
N ILE B 453 -21.35 -37.57 -40.69
CA ILE B 453 -20.93 -36.14 -40.76
C ILE B 453 -21.38 -35.58 -42.11
N LYS B 454 -20.92 -36.19 -43.21
CA LYS B 454 -21.22 -35.79 -44.62
C LYS B 454 -22.73 -35.62 -44.79
N ASP B 455 -23.53 -36.58 -44.28
CA ASP B 455 -25.01 -36.55 -44.31
C ASP B 455 -25.49 -35.23 -43.69
N ILE B 456 -25.04 -34.92 -42.47
CA ILE B 456 -25.54 -33.78 -41.64
C ILE B 456 -25.16 -32.45 -42.33
N TYR B 457 -23.93 -32.32 -42.82
CA TYR B 457 -23.47 -31.13 -43.57
C TYR B 457 -24.45 -30.86 -44.72
N GLU B 458 -24.63 -31.86 -45.58
CA GLU B 458 -25.42 -31.76 -46.85
C GLU B 458 -26.84 -31.31 -46.51
N LYS B 459 -27.45 -31.87 -45.46
CA LYS B 459 -28.84 -31.58 -45.06
C LYS B 459 -28.97 -30.13 -44.57
N LEU B 460 -28.07 -29.71 -43.67
CA LEU B 460 -28.08 -28.35 -43.09
C LEU B 460 -27.76 -27.34 -44.20
N ASN B 461 -26.91 -27.72 -45.14
CA ASN B 461 -26.49 -26.87 -46.29
C ASN B 461 -27.69 -26.61 -47.21
N GLN B 462 -28.71 -27.49 -47.17
CA GLN B 462 -29.84 -27.45 -48.13
C GLN B 462 -31.05 -26.73 -47.51
N THR B 463 -30.93 -26.23 -46.29
CA THR B 463 -32.08 -25.60 -45.59
C THR B 463 -32.39 -24.19 -46.11
N SER B 464 -33.60 -23.74 -45.87
CA SER B 464 -34.07 -22.45 -46.44
C SER B 464 -33.49 -21.24 -45.72
N ALA B 465 -33.21 -21.37 -44.43
CA ALA B 465 -32.75 -20.20 -43.65
C ALA B 465 -31.24 -20.15 -43.55
N LYS B 466 -30.55 -21.10 -44.16
CA LYS B 466 -29.08 -21.17 -44.02
C LYS B 466 -28.38 -19.96 -44.61
N VAL B 467 -27.44 -19.38 -43.85
CA VAL B 467 -26.59 -18.28 -44.37
C VAL B 467 -25.17 -18.85 -44.36
N SER B 468 -24.87 -19.69 -43.38
CA SER B 468 -23.53 -20.32 -43.27
C SER B 468 -23.53 -21.51 -42.31
N ILE B 469 -22.98 -22.65 -42.73
CA ILE B 469 -22.84 -23.84 -41.85
C ILE B 469 -21.38 -24.32 -41.93
N ARG B 470 -20.75 -24.51 -40.78
CA ARG B 470 -19.45 -25.21 -40.62
C ARG B 470 -19.65 -26.35 -39.61
N LEU B 471 -18.94 -27.46 -39.81
CA LEU B 471 -18.85 -28.57 -38.83
C LEU B 471 -17.41 -28.67 -38.32
N LEU B 472 -17.25 -28.76 -37.00
CA LEU B 472 -15.96 -29.02 -36.32
C LEU B 472 -16.01 -30.39 -35.67
N TYR B 473 -14.96 -31.20 -35.87
CA TYR B 473 -14.86 -32.59 -35.35
C TYR B 473 -13.39 -32.87 -34.99
N PRO C 27 -12.31 32.91 -10.21
CA PRO C 27 -11.26 32.58 -11.18
C PRO C 27 -10.30 31.52 -10.63
N GLY C 28 -9.92 31.63 -9.35
CA GLY C 28 -8.93 30.76 -8.68
C GLY C 28 -7.53 31.03 -9.19
N ALA C 29 -6.52 30.26 -8.70
CA ALA C 29 -5.14 30.28 -9.25
C ALA C 29 -4.39 29.01 -8.85
N VAL C 30 -3.68 28.41 -9.82
CA VAL C 30 -2.68 27.33 -9.56
C VAL C 30 -1.58 27.95 -8.69
N SER C 31 -1.31 27.34 -7.53
CA SER C 31 -0.42 27.88 -6.46
C SER C 31 0.62 26.83 -6.06
N THR C 32 1.70 27.28 -5.40
CA THR C 32 2.78 26.41 -4.83
C THR C 32 2.14 25.35 -3.93
N SER C 33 2.46 24.07 -4.15
CA SER C 33 2.14 22.94 -3.24
C SER C 33 2.69 23.22 -1.84
N PRO C 34 2.11 22.63 -0.77
CA PRO C 34 2.79 22.53 0.52
C PRO C 34 4.07 21.67 0.44
N THR C 35 5.05 21.85 1.33
CA THR C 35 6.22 21.00 1.36
C THR C 35 6.30 20.21 2.68
N ARG C 44 20.56 3.86 4.95
CA ARG C 44 20.59 2.65 4.09
C ARG C 44 22.01 2.51 3.53
N ARG C 45 22.92 3.38 3.95
CA ARG C 45 24.28 3.37 3.37
C ARG C 45 25.30 3.07 4.46
N VAL C 46 26.20 2.13 4.21
CA VAL C 46 27.30 1.90 5.19
C VAL C 46 28.19 3.14 5.13
N SER C 47 28.59 3.67 6.28
CA SER C 47 29.50 4.83 6.30
C SER C 47 30.88 4.35 6.74
N LYS C 50 35.18 6.32 9.63
CA LYS C 50 36.29 6.50 10.60
C LYS C 50 35.94 5.75 11.89
N GLN C 51 36.66 4.67 12.17
CA GLN C 51 36.36 3.81 13.35
C GLN C 51 36.45 4.60 14.67
N PRO C 52 35.71 4.26 15.74
CA PRO C 52 35.85 5.00 17.00
C PRO C 52 37.07 4.53 17.81
N LYS C 53 37.54 5.39 18.73
CA LYS C 53 38.57 5.04 19.76
C LYS C 53 37.87 4.35 20.94
N ALA C 54 38.37 3.19 21.36
CA ALA C 54 37.90 2.45 22.56
C ALA C 54 38.57 3.04 23.81
N LEU C 55 37.80 3.72 24.65
CA LEU C 55 38.32 4.49 25.82
C LEU C 55 38.28 3.62 27.08
N LYS C 56 39.42 3.49 27.77
CA LYS C 56 39.58 2.72 29.04
C LYS C 56 39.56 3.71 30.21
N PRO C 57 38.94 3.36 31.36
CA PRO C 57 39.08 4.16 32.57
C PRO C 57 40.50 4.12 33.14
N PHE C 58 40.94 5.22 33.75
CA PHE C 58 42.36 5.47 34.16
C PHE C 58 42.71 4.56 35.36
N SER C 59 41.92 4.62 36.42
CA SER C 59 42.08 3.82 37.66
C SER C 59 40.92 2.82 37.78
N THR C 60 40.90 1.81 36.90
CA THR C 60 40.01 0.61 36.99
C THR C 60 40.85 -0.66 36.84
N GLY C 61 40.45 -1.74 37.53
CA GLY C 61 41.10 -3.06 37.48
C GLY C 61 40.32 -4.02 36.60
N ASP C 62 39.01 -4.13 36.84
CA ASP C 62 37.99 -4.70 35.91
C ASP C 62 36.63 -4.08 36.26
N MET C 63 35.73 -3.93 35.28
CA MET C 63 34.35 -3.46 35.54
C MET C 63 33.50 -4.64 36.05
N ASN C 64 32.80 -4.45 37.18
CA ASN C 64 31.90 -5.46 37.79
C ASN C 64 30.45 -5.03 37.60
N ILE C 65 29.65 -5.87 36.93
CA ILE C 65 28.17 -5.70 36.79
C ILE C 65 27.46 -6.73 37.68
N LEU C 66 26.51 -6.27 38.48
CA LEU C 66 25.51 -7.13 39.19
C LEU C 66 24.14 -6.97 38.54
N LEU C 67 23.54 -8.07 38.08
CA LEU C 67 22.18 -8.11 37.47
C LEU C 67 21.25 -8.95 38.35
N LEU C 68 20.14 -8.37 38.80
CA LEU C 68 19.12 -9.04 39.67
C LEU C 68 17.84 -9.32 38.86
N GLU C 69 16.91 -10.05 39.46
CA GLU C 69 15.48 -10.13 39.05
C GLU C 69 15.37 -10.73 37.64
N ASN C 70 16.36 -11.52 37.23
CA ASN C 70 16.32 -12.33 35.98
C ASN C 70 16.19 -11.39 34.78
N VAL C 71 17.14 -10.47 34.62
CA VAL C 71 17.30 -9.63 33.41
C VAL C 71 17.59 -10.56 32.22
N ASN C 72 17.15 -10.18 31.03
CA ASN C 72 17.22 -11.00 29.79
C ASN C 72 18.68 -11.26 29.42
N ALA C 73 18.94 -12.36 28.70
CA ALA C 73 20.29 -12.85 28.34
C ALA C 73 20.94 -11.91 27.31
N THR C 74 20.15 -11.08 26.61
CA THR C 74 20.66 -10.08 25.64
C THR C 74 21.53 -9.06 26.38
N ALA C 75 21.10 -8.61 27.57
CA ALA C 75 21.85 -7.69 28.44
C ALA C 75 23.18 -8.35 28.83
N ILE C 76 23.10 -9.59 29.31
CA ILE C 76 24.26 -10.42 29.75
C ILE C 76 25.30 -10.49 28.63
N LYS C 77 24.86 -10.79 27.40
CA LYS C 77 25.74 -10.96 26.22
C LYS C 77 26.45 -9.63 25.93
N ILE C 78 25.71 -8.52 25.97
CA ILE C 78 26.23 -7.16 25.62
C ILE C 78 27.36 -6.79 26.60
N PHE C 79 27.20 -7.13 27.88
CA PHE C 79 28.14 -6.78 28.98
C PHE C 79 29.40 -7.64 28.90
N LYS C 80 29.25 -8.95 28.63
CA LYS C 80 30.39 -9.91 28.49
C LYS C 80 31.22 -9.53 27.27
N ASP C 81 30.59 -9.06 26.19
CA ASP C 81 31.28 -8.68 24.92
C ASP C 81 32.02 -7.35 25.09
N GLN C 82 31.77 -6.63 26.19
CA GLN C 82 32.48 -5.37 26.55
C GLN C 82 33.72 -5.70 27.38
N GLY C 83 33.87 -6.96 27.80
CA GLY C 83 34.94 -7.42 28.70
C GLY C 83 34.50 -7.47 30.15
N TYR C 84 33.40 -6.78 30.49
CA TYR C 84 32.94 -6.61 31.90
C TYR C 84 32.80 -7.98 32.55
N GLN C 85 32.96 -8.06 33.87
CA GLN C 85 32.63 -9.23 34.71
C GLN C 85 31.19 -9.14 35.19
N VAL C 86 30.36 -10.14 34.85
CA VAL C 86 28.90 -10.10 35.12
C VAL C 86 28.56 -11.15 36.18
N GLU C 87 27.82 -10.73 37.22
CA GLU C 87 27.17 -11.64 38.19
C GLU C 87 25.66 -11.55 38.01
N PHE C 88 25.02 -12.68 37.72
CA PHE C 88 23.59 -12.79 37.32
C PHE C 88 22.81 -13.58 38.39
N HIS C 89 21.69 -13.02 38.86
CA HIS C 89 20.71 -13.70 39.77
C HIS C 89 19.31 -13.64 39.15
N LYS C 90 18.46 -14.63 39.47
CA LYS C 90 17.08 -14.76 38.95
C LYS C 90 16.09 -14.09 39.91
N SER C 91 16.52 -13.77 41.13
CA SER C 91 15.66 -13.23 42.22
C SER C 91 16.20 -11.86 42.67
N SER C 92 15.37 -11.06 43.33
CA SER C 92 15.80 -9.95 44.22
C SER C 92 16.68 -10.54 45.33
N LEU C 93 17.38 -9.69 46.08
CA LEU C 93 18.31 -10.12 47.17
C LEU C 93 17.79 -9.60 48.52
N PRO C 94 18.03 -10.32 49.64
CA PRO C 94 17.81 -9.75 50.97
C PRO C 94 18.74 -8.55 51.21
N GLU C 95 18.27 -7.53 51.94
CA GLU C 95 19.00 -6.27 52.19
C GLU C 95 20.44 -6.58 52.66
N ASP C 96 20.61 -7.68 53.41
CA ASP C 96 21.93 -8.14 53.94
C ASP C 96 22.90 -8.36 52.78
N GLU C 97 22.61 -9.33 51.91
CA GLU C 97 23.54 -9.84 50.88
C GLU C 97 23.79 -8.75 49.83
N LEU C 98 22.81 -7.87 49.61
CA LEU C 98 22.87 -6.77 48.61
C LEU C 98 23.93 -5.76 49.04
N ILE C 99 23.82 -5.24 50.27
CA ILE C 99 24.80 -4.29 50.89
C ILE C 99 26.20 -4.86 50.74
N GLU C 100 26.39 -6.15 51.02
CA GLU C 100 27.71 -6.84 50.87
C GLU C 100 28.16 -6.75 49.41
N LYS C 101 27.23 -7.02 48.47
CA LYS C 101 27.54 -7.27 47.03
C LYS C 101 27.89 -5.93 46.34
N ILE C 102 27.24 -4.85 46.74
CA ILE C 102 27.19 -3.54 46.01
C ILE C 102 28.40 -2.69 46.41
N LYS C 103 29.17 -3.11 47.41
CA LYS C 103 30.43 -2.43 47.85
C LYS C 103 31.33 -2.24 46.61
N ASP C 104 31.50 -3.30 45.82
CA ASP C 104 32.63 -3.49 44.87
C ASP C 104 32.12 -3.45 43.43
N VAL C 105 30.91 -2.92 43.22
CA VAL C 105 30.14 -3.04 41.93
C VAL C 105 30.14 -1.68 41.23
N HIS C 106 30.31 -1.71 39.90
CA HIS C 106 30.42 -0.52 39.01
C HIS C 106 29.05 -0.17 38.42
N ALA C 107 28.22 -1.18 38.13
CA ALA C 107 26.86 -1.01 37.59
C ALA C 107 25.96 -2.14 38.08
N ILE C 108 24.74 -1.80 38.51
CA ILE C 108 23.70 -2.77 38.94
C ILE C 108 22.49 -2.65 38.01
N GLY C 109 21.97 -3.79 37.55
CA GLY C 109 20.67 -3.91 36.85
C GLY C 109 19.61 -4.51 37.75
N ILE C 110 18.49 -3.81 37.92
CA ILE C 110 17.32 -4.27 38.73
C ILE C 110 16.08 -4.31 37.83
N ARG C 111 14.97 -4.82 38.35
CA ARG C 111 13.60 -4.55 37.83
C ARG C 111 12.79 -3.88 38.95
N SER C 112 11.49 -4.09 38.99
CA SER C 112 10.65 -3.31 39.94
C SER C 112 10.82 -3.76 41.39
N LYS C 113 11.02 -5.04 41.63
CA LYS C 113 11.02 -5.49 43.05
C LYS C 113 12.19 -4.93 43.86
N THR C 114 13.42 -4.92 43.35
CA THR C 114 14.55 -4.49 44.20
C THR C 114 14.35 -3.03 44.58
N ARG C 115 14.54 -2.67 45.84
CA ARG C 115 14.40 -1.26 46.25
C ARG C 115 15.79 -0.70 46.57
N LEU C 116 16.25 0.27 45.78
CA LEU C 116 17.56 0.92 46.02
C LEU C 116 17.31 2.25 46.75
N THR C 117 17.24 2.19 48.10
CA THR C 117 17.06 3.35 49.01
C THR C 117 18.42 3.96 49.36
N GLU C 118 18.42 5.16 49.94
CA GLU C 118 19.59 5.77 50.61
C GLU C 118 20.28 4.72 51.48
N LYS C 119 19.50 3.94 52.24
CA LYS C 119 19.98 2.95 53.23
C LYS C 119 21.02 2.02 52.57
N ILE C 120 20.78 1.62 51.32
CA ILE C 120 21.58 0.55 50.64
C ILE C 120 22.52 1.18 49.59
N LEU C 121 22.18 2.35 49.05
CA LEU C 121 23.02 3.05 48.03
C LEU C 121 24.22 3.71 48.71
N GLN C 122 24.16 3.91 50.03
CA GLN C 122 25.16 4.71 50.78
C GLN C 122 26.47 3.91 50.93
N HIS C 123 26.43 2.59 50.72
CA HIS C 123 27.60 1.67 50.82
C HIS C 123 28.29 1.47 49.47
N ALA C 124 27.77 2.11 48.42
CA ALA C 124 28.12 1.84 47.00
C ALA C 124 29.30 2.73 46.57
N ARG C 125 30.53 2.31 46.89
CA ARG C 125 31.76 3.12 46.69
C ARG C 125 31.92 3.42 45.19
N ASN C 126 31.75 2.41 44.34
CA ASN C 126 32.26 2.38 42.95
C ASN C 126 31.11 2.54 41.95
N LEU C 127 29.87 2.61 42.44
CA LEU C 127 28.66 2.54 41.58
C LEU C 127 28.62 3.75 40.64
N VAL C 128 28.72 3.49 39.33
CA VAL C 128 28.72 4.50 38.23
C VAL C 128 27.27 4.79 37.80
N CYS C 129 26.46 3.76 37.61
CA CYS C 129 25.09 3.87 37.03
C CYS C 129 24.21 2.67 37.43
N ILE C 130 22.90 2.91 37.47
CA ILE C 130 21.84 1.90 37.74
C ILE C 130 21.03 1.68 36.46
N GLY C 131 20.83 0.41 36.06
CA GLY C 131 19.88 0.02 35.01
C GLY C 131 18.56 -0.49 35.58
N CYS C 132 17.47 0.24 35.37
CA CYS C 132 16.08 -0.25 35.53
C CYS C 132 15.62 -0.97 34.26
N PHE C 133 15.72 -2.29 34.21
CA PHE C 133 15.30 -3.15 33.07
C PHE C 133 13.78 -3.33 33.11
N CYS C 134 13.06 -2.22 32.91
CA CYS C 134 11.61 -2.05 33.14
C CYS C 134 11.25 -0.57 32.95
N ILE C 135 9.98 -0.20 33.13
CA ILE C 135 9.53 1.20 32.89
C ILE C 135 9.58 1.97 34.22
N GLY C 136 9.67 1.26 35.35
CA GLY C 136 9.60 1.91 36.67
C GLY C 136 10.92 2.41 37.20
N THR C 137 10.88 3.54 37.92
CA THR C 137 12.10 4.12 38.53
C THR C 137 11.83 4.44 40.01
N ASN C 138 10.60 4.28 40.49
CA ASN C 138 10.21 4.65 41.88
C ASN C 138 10.91 3.74 42.91
N GLN C 139 11.28 2.54 42.53
CA GLN C 139 11.99 1.59 43.42
C GLN C 139 13.43 2.09 43.66
N VAL C 140 13.80 3.21 43.02
CA VAL C 140 15.13 3.87 43.20
C VAL C 140 14.92 5.27 43.79
N ASP C 141 15.71 5.62 44.81
CA ASP C 141 15.85 6.99 45.34
C ASP C 141 16.66 7.82 44.34
N LEU C 142 15.98 8.37 43.33
CA LEU C 142 16.60 9.13 42.21
C LEU C 142 17.38 10.33 42.77
N LYS C 143 16.72 11.18 43.57
CA LYS C 143 17.31 12.41 44.17
C LYS C 143 18.64 12.05 44.86
N TYR C 144 18.65 11.03 45.72
CA TYR C 144 19.86 10.60 46.47
C TYR C 144 20.92 10.13 45.48
N ALA C 145 20.55 9.26 44.52
CA ALA C 145 21.47 8.65 43.53
C ALA C 145 22.20 9.77 42.78
N ALA C 146 21.46 10.81 42.38
CA ALA C 146 21.95 11.96 41.59
C ALA C 146 23.00 12.73 42.41
N SER C 147 22.72 12.94 43.70
CA SER C 147 23.58 13.72 44.64
C SER C 147 24.90 12.98 44.89
N LYS C 148 24.99 11.69 44.57
CA LYS C 148 26.24 10.88 44.69
C LYS C 148 26.88 10.67 43.32
N GLY C 149 26.28 11.27 42.27
CA GLY C 149 26.76 11.17 40.88
C GLY C 149 26.44 9.82 40.25
N ILE C 150 25.31 9.22 40.61
CA ILE C 150 24.88 7.88 40.14
C ILE C 150 23.74 8.05 39.12
N ALA C 151 24.02 7.76 37.85
CA ALA C 151 23.07 7.96 36.72
C ALA C 151 22.14 6.74 36.59
N VAL C 152 20.83 6.98 36.48
CA VAL C 152 19.80 5.90 36.36
C VAL C 152 19.19 5.94 34.96
N PHE C 153 19.05 4.76 34.35
CA PHE C 153 18.43 4.54 33.01
C PHE C 153 17.28 3.53 33.13
N ASN C 154 16.28 3.66 32.26
CA ASN C 154 15.13 2.72 32.16
C ASN C 154 14.83 2.41 30.69
N SER C 155 13.80 1.62 30.43
CA SER C 155 13.21 1.35 29.10
C SER C 155 11.72 1.67 29.13
N PRO C 156 11.31 2.93 28.83
CA PRO C 156 9.92 3.34 29.00
C PRO C 156 8.96 2.74 27.96
N PHE C 157 9.44 2.43 26.75
CA PHE C 157 8.62 2.28 25.51
C PHE C 157 8.83 0.91 24.85
N SER C 158 9.55 0.00 25.50
CA SER C 158 10.01 -1.29 24.92
C SER C 158 8.83 -2.29 24.81
N ASN C 159 7.65 -1.92 25.29
CA ASN C 159 6.55 -2.88 25.56
C ASN C 159 5.38 -2.63 24.61
N SER C 160 5.45 -1.57 23.80
CA SER C 160 4.31 -1.00 23.04
C SER C 160 3.67 -2.07 22.15
N ARG C 161 4.50 -2.77 21.37
CA ARG C 161 4.06 -3.77 20.36
C ARG C 161 3.34 -4.91 21.08
N SER C 162 3.88 -5.35 22.23
CA SER C 162 3.35 -6.49 23.01
C SER C 162 1.96 -6.17 23.53
N VAL C 163 1.69 -4.92 23.90
CA VAL C 163 0.36 -4.47 24.41
C VAL C 163 -0.63 -4.33 23.24
N ALA C 164 -0.18 -3.79 22.10
CA ALA C 164 -1.01 -3.60 20.89
C ALA C 164 -1.52 -4.97 20.40
N GLU C 165 -0.61 -5.94 20.23
CA GLU C 165 -0.96 -7.32 19.78
C GLU C 165 -1.97 -7.92 20.76
N LEU C 166 -1.76 -7.76 22.06
CA LEU C 166 -2.70 -8.29 23.08
C LEU C 166 -4.10 -7.74 22.80
N VAL C 167 -4.22 -6.45 22.49
CA VAL C 167 -5.54 -5.79 22.35
C VAL C 167 -6.23 -6.31 21.08
N ILE C 168 -5.46 -6.56 20.02
CA ILE C 168 -6.00 -7.16 18.77
C ILE C 168 -6.59 -8.54 19.12
N GLY C 169 -5.80 -9.39 19.78
CA GLY C 169 -6.21 -10.74 20.17
C GLY C 169 -7.51 -10.70 20.98
N GLU C 170 -7.65 -9.70 21.85
CA GLU C 170 -8.76 -9.58 22.82
C GLU C 170 -9.98 -8.98 22.13
N ILE C 171 -9.79 -8.09 21.15
CA ILE C 171 -10.91 -7.56 20.31
C ILE C 171 -11.60 -8.75 19.64
N ILE C 172 -10.81 -9.61 19.00
CA ILE C 172 -11.30 -10.81 18.28
C ILE C 172 -11.91 -11.78 19.29
N SER C 173 -11.23 -12.00 20.41
CA SER C 173 -11.64 -13.00 21.42
C SER C 173 -12.98 -12.59 22.02
N LEU C 174 -13.17 -11.31 22.33
CA LEU C 174 -14.44 -10.75 22.88
C LEU C 174 -15.52 -10.81 21.80
N ALA C 175 -15.19 -10.40 20.58
CA ALA C 175 -16.12 -10.37 19.42
C ALA C 175 -16.78 -11.73 19.24
N ARG C 176 -16.04 -12.81 19.52
CA ARG C 176 -16.41 -14.20 19.13
C ARG C 176 -16.68 -15.03 20.39
N GLN C 177 -16.47 -14.46 21.57
CA GLN C 177 -16.63 -15.11 22.89
C GLN C 177 -15.80 -16.40 22.95
N LEU C 178 -14.52 -16.35 22.52
CA LEU C 178 -13.62 -17.53 22.45
C LEU C 178 -13.45 -18.15 23.84
N GLY C 179 -13.03 -17.34 24.81
CA GLY C 179 -12.81 -17.77 26.21
C GLY C 179 -13.97 -18.61 26.72
N ASP C 180 -15.20 -18.12 26.57
CA ASP C 180 -16.43 -18.80 27.04
C ASP C 180 -16.58 -20.14 26.31
N ARG C 181 -16.40 -20.13 24.99
CA ARG C 181 -16.52 -21.34 24.12
C ARG C 181 -15.55 -22.42 24.62
N SER C 182 -14.30 -22.03 24.93
CA SER C 182 -13.21 -22.97 25.30
C SER C 182 -13.43 -23.50 26.73
N ILE C 183 -13.97 -22.66 27.63
CA ILE C 183 -14.28 -23.04 29.04
C ILE C 183 -15.43 -24.05 29.02
N GLU C 184 -16.46 -23.79 28.23
CA GLU C 184 -17.61 -24.71 28.02
C GLU C 184 -17.11 -26.10 27.62
N LEU C 185 -16.37 -26.22 26.52
CA LEU C 185 -16.00 -27.56 25.98
C LEU C 185 -15.09 -28.30 26.94
N HIS C 186 -14.28 -27.58 27.70
CA HIS C 186 -13.35 -28.18 28.67
C HIS C 186 -14.15 -28.84 29.81
N THR C 187 -15.33 -28.31 30.11
CA THR C 187 -16.31 -28.86 31.10
C THR C 187 -17.23 -29.87 30.41
N GLY C 188 -17.13 -29.99 29.08
CA GLY C 188 -17.85 -31.00 28.27
C GLY C 188 -19.13 -30.48 27.67
N THR C 189 -19.39 -29.16 27.77
CA THR C 189 -20.54 -28.46 27.14
C THR C 189 -20.18 -28.07 25.70
N TRP C 190 -21.03 -28.46 24.74
CA TRP C 190 -20.97 -28.06 23.31
C TRP C 190 -22.02 -26.97 23.04
N ASN C 191 -21.61 -25.75 22.77
CA ASN C 191 -22.51 -24.59 22.65
C ASN C 191 -22.10 -23.74 21.44
N LYS C 192 -22.44 -24.21 20.22
CA LYS C 192 -22.20 -23.50 18.94
C LYS C 192 -23.17 -22.32 18.82
N VAL C 193 -22.65 -21.09 19.00
CA VAL C 193 -23.45 -19.83 19.09
C VAL C 193 -22.88 -18.81 18.10
N ALA C 194 -23.75 -18.18 17.29
CA ALA C 194 -23.41 -17.13 16.31
C ALA C 194 -24.05 -15.80 16.71
N ALA C 195 -24.97 -15.87 17.66
CA ALA C 195 -25.73 -14.68 18.09
C ALA C 195 -24.84 -13.69 18.81
N ARG C 196 -24.86 -12.45 18.36
CA ARG C 196 -24.07 -11.38 19.01
C ARG C 196 -22.61 -11.76 18.94
N CYS C 197 -22.26 -12.63 18.00
CA CYS C 197 -20.83 -12.93 17.75
C CYS C 197 -20.53 -12.20 16.45
N TRP C 198 -19.47 -11.42 16.41
CA TRP C 198 -19.27 -10.54 15.25
C TRP C 198 -17.91 -10.64 14.60
N GLU C 199 -17.83 -10.19 13.35
CA GLU C 199 -16.51 -10.09 12.67
C GLU C 199 -16.02 -8.70 13.01
N VAL C 200 -14.72 -8.55 13.23
CA VAL C 200 -14.18 -7.20 13.58
C VAL C 200 -14.28 -6.29 12.35
N ARG C 201 -14.02 -6.80 11.16
CA ARG C 201 -14.07 -6.01 9.91
C ARG C 201 -15.36 -5.18 9.91
N GLY C 202 -15.25 -3.86 9.74
CA GLY C 202 -16.40 -2.95 9.62
C GLY C 202 -16.85 -2.40 10.96
N LYS C 203 -16.26 -2.87 12.06
CA LYS C 203 -16.53 -2.39 13.44
C LYS C 203 -15.65 -1.16 13.71
N THR C 204 -15.97 -0.39 14.75
CA THR C 204 -15.26 0.86 15.11
C THR C 204 -14.48 0.64 16.40
N LEU C 205 -13.17 0.83 16.33
CA LEU C 205 -12.28 0.89 17.53
C LEU C 205 -12.16 2.35 17.98
N GLY C 206 -12.58 2.64 19.20
CA GLY C 206 -12.29 3.92 19.90
C GLY C 206 -11.06 3.82 20.77
N ILE C 207 -9.96 4.47 20.37
CA ILE C 207 -8.68 4.50 21.14
C ILE C 207 -8.63 5.76 22.00
N ILE C 208 -8.64 5.59 23.32
CA ILE C 208 -8.47 6.68 24.32
C ILE C 208 -6.99 6.76 24.71
N GLY C 209 -6.29 7.75 24.18
CA GLY C 209 -4.83 7.91 24.34
C GLY C 209 -4.09 7.39 23.13
N TYR C 210 -3.68 8.30 22.24
CA TYR C 210 -3.03 8.01 20.95
C TYR C 210 -1.52 8.18 21.10
N GLY C 211 -0.94 7.44 22.06
CA GLY C 211 0.49 7.50 22.40
C GLY C 211 1.33 6.50 21.62
N HIS C 212 2.41 6.00 22.22
CA HIS C 212 3.30 4.95 21.65
C HIS C 212 2.47 3.70 21.33
N ILE C 213 1.61 3.28 22.27
CA ILE C 213 0.80 2.04 22.17
C ILE C 213 -0.44 2.33 21.31
N GLY C 214 -1.21 3.36 21.65
CA GLY C 214 -2.39 3.79 20.89
C GLY C 214 -2.11 3.82 19.40
N SER C 215 -0.96 4.39 18.99
CA SER C 215 -0.61 4.65 17.56
C SER C 215 -0.23 3.34 16.85
N GLN C 216 0.56 2.47 17.49
CA GLN C 216 0.91 1.13 16.95
C GLN C 216 -0.37 0.30 16.78
N LEU C 217 -1.28 0.38 17.76
CA LEU C 217 -2.60 -0.31 17.74
C LEU C 217 -3.41 0.19 16.56
N SER C 218 -3.44 1.51 16.35
CA SER C 218 -4.19 2.17 15.24
C SER C 218 -3.93 1.43 13.93
N VAL C 219 -2.66 1.18 13.62
CA VAL C 219 -2.21 0.64 12.30
C VAL C 219 -2.65 -0.83 12.19
N LEU C 220 -2.40 -1.63 13.23
CA LEU C 220 -2.84 -3.06 13.31
C LEU C 220 -4.35 -3.15 13.11
N ALA C 221 -5.12 -2.31 13.82
CA ALA C 221 -6.60 -2.30 13.80
C ALA C 221 -7.12 -2.00 12.39
N GLU C 222 -6.50 -1.05 11.68
CA GLU C 222 -6.89 -0.68 10.30
C GLU C 222 -6.65 -1.87 9.37
N ALA C 223 -5.50 -2.53 9.54
CA ALA C 223 -5.08 -3.71 8.78
C ALA C 223 -6.03 -4.89 9.05
N MET C 224 -6.64 -4.97 10.24
CA MET C 224 -7.68 -5.98 10.58
C MET C 224 -9.06 -5.50 10.12
N GLY C 225 -9.14 -4.32 9.52
CA GLY C 225 -10.35 -3.81 8.84
C GLY C 225 -11.29 -3.08 9.80
N LEU C 226 -10.75 -2.52 10.89
CA LEU C 226 -11.52 -1.65 11.80
C LEU C 226 -11.35 -0.18 11.38
N HIS C 227 -12.45 0.56 11.43
CA HIS C 227 -12.46 2.05 11.56
C HIS C 227 -11.87 2.43 12.93
N VAL C 228 -10.92 3.37 12.95
CA VAL C 228 -10.26 3.89 14.19
C VAL C 228 -10.68 5.34 14.43
N LEU C 229 -11.36 5.60 15.55
CA LEU C 229 -11.46 6.94 16.17
C LEU C 229 -10.49 6.99 17.36
N TYR C 230 -10.00 8.18 17.72
CA TYR C 230 -9.21 8.41 18.97
C TYR C 230 -9.53 9.77 19.59
N TYR C 231 -9.78 9.77 20.91
CA TYR C 231 -9.75 10.96 21.80
C TYR C 231 -8.36 11.08 22.46
N ASP C 232 -7.84 12.30 22.56
CA ASP C 232 -6.61 12.64 23.33
C ASP C 232 -6.72 14.09 23.78
N ILE C 233 -6.14 14.43 24.93
CA ILE C 233 -6.18 15.80 25.53
C ILE C 233 -5.29 16.72 24.69
N VAL C 234 -4.56 16.16 23.72
CA VAL C 234 -3.68 16.90 22.78
C VAL C 234 -4.12 16.59 21.36
N THR C 235 -3.98 17.54 20.43
CA THR C 235 -4.14 17.32 18.97
C THR C 235 -2.90 16.60 18.43
N ILE C 236 -3.11 15.48 17.74
CA ILE C 236 -2.06 14.54 17.26
C ILE C 236 -2.37 14.16 15.80
N MET C 237 -1.35 14.05 14.95
CA MET C 237 -1.48 13.67 13.53
C MET C 237 -1.78 12.17 13.44
N ALA C 238 -2.93 11.82 12.86
CA ALA C 238 -3.37 10.44 12.59
C ALA C 238 -2.31 9.69 11.77
N LEU C 239 -2.03 8.43 12.14
CA LEU C 239 -1.45 7.41 11.23
C LEU C 239 -2.56 6.84 10.33
N GLY C 240 -2.20 6.37 9.14
CA GLY C 240 -3.15 5.81 8.15
C GLY C 240 -4.36 6.71 8.00
N THR C 241 -5.55 6.22 8.31
CA THR C 241 -6.84 6.89 8.04
C THR C 241 -7.69 6.94 9.32
N ALA C 242 -7.05 6.94 10.49
CA ALA C 242 -7.71 7.18 11.80
C ALA C 242 -8.15 8.65 11.86
N ARG C 243 -9.21 8.95 12.63
CA ARG C 243 -9.78 10.31 12.75
C ARG C 243 -9.84 10.69 14.23
N GLN C 244 -9.19 11.79 14.62
CA GLN C 244 -9.25 12.35 15.99
C GLN C 244 -10.60 13.02 16.22
N VAL C 245 -11.20 12.78 17.38
CA VAL C 245 -12.55 13.27 17.76
C VAL C 245 -12.38 14.24 18.95
N SER C 246 -13.23 15.26 19.00
CA SER C 246 -13.10 16.44 19.89
C SER C 246 -13.39 16.03 21.35
N THR C 247 -14.43 15.23 21.55
CA THR C 247 -14.93 14.83 22.89
C THR C 247 -14.82 13.30 23.06
N LEU C 248 -14.58 12.87 24.30
CA LEU C 248 -14.70 11.47 24.75
C LEU C 248 -16.09 10.93 24.40
N ASP C 249 -17.13 11.76 24.54
CA ASP C 249 -18.55 11.33 24.41
C ASP C 249 -18.85 10.93 22.96
N GLU C 250 -18.24 11.60 21.97
CA GLU C 250 -18.40 11.24 20.53
C GLU C 250 -17.78 9.86 20.29
N LEU C 251 -16.60 9.61 20.87
CA LEU C 251 -15.90 8.31 20.77
C LEU C 251 -16.80 7.20 21.34
N LEU C 252 -17.28 7.36 22.58
CA LEU C 252 -18.09 6.33 23.28
C LEU C 252 -19.37 6.06 22.47
N ASN C 253 -19.88 7.07 21.77
CA ASN C 253 -21.18 7.04 21.06
C ASN C 253 -21.05 6.18 19.79
N LYS C 254 -19.89 6.21 19.14
CA LYS C 254 -19.70 5.73 17.73
C LYS C 254 -18.80 4.49 17.70
N SER C 255 -18.42 3.95 18.85
CA SER C 255 -17.39 2.89 18.98
C SER C 255 -18.05 1.58 19.36
N ASP C 256 -17.55 0.49 18.78
CA ASP C 256 -17.98 -0.90 19.08
C ASP C 256 -17.04 -1.45 20.17
N PHE C 257 -15.75 -1.16 20.05
CA PHE C 257 -14.71 -1.48 21.07
C PHE C 257 -14.08 -0.17 21.56
N VAL C 258 -14.02 0.02 22.88
CA VAL C 258 -13.29 1.15 23.53
C VAL C 258 -12.09 0.57 24.26
N THR C 259 -10.89 1.03 23.92
CA THR C 259 -9.61 0.60 24.53
C THR C 259 -8.89 1.84 25.10
N LEU C 260 -8.22 1.69 26.24
CA LEU C 260 -7.59 2.79 27.01
C LEU C 260 -6.07 2.64 26.94
N HIS C 261 -5.36 3.70 26.58
CA HIS C 261 -3.88 3.73 26.49
C HIS C 261 -3.34 5.04 27.05
N VAL C 262 -3.70 5.35 28.30
CA VAL C 262 -3.42 6.65 29.00
C VAL C 262 -2.48 6.41 30.18
N PRO C 263 -1.76 7.44 30.65
CA PRO C 263 -1.03 7.35 31.92
C PRO C 263 -1.94 7.62 33.13
N ALA C 264 -1.41 7.38 34.34
CA ALA C 264 -2.12 7.59 35.63
C ALA C 264 -1.97 9.05 36.05
N THR C 265 -3.07 9.82 35.94
CA THR C 265 -3.17 11.25 36.32
C THR C 265 -4.51 11.44 37.02
N PRO C 266 -4.72 12.58 37.72
CA PRO C 266 -6.02 12.88 38.31
C PRO C 266 -7.17 12.88 37.29
N GLU C 267 -6.89 13.21 36.02
CA GLU C 267 -7.90 13.33 34.93
C GLU C 267 -8.29 11.93 34.42
N THR C 268 -7.39 10.96 34.49
CA THR C 268 -7.61 9.57 33.99
C THR C 268 -8.25 8.72 35.09
N GLU C 269 -8.08 9.09 36.36
CA GLU C 269 -8.66 8.36 37.52
C GLU C 269 -10.16 8.13 37.27
N LYS C 270 -10.56 6.87 37.10
CA LYS C 270 -11.98 6.46 37.04
C LYS C 270 -12.70 7.22 35.92
N MET C 271 -12.00 7.52 34.82
CA MET C 271 -12.51 8.36 33.71
C MET C 271 -13.58 7.61 32.92
N LEU C 272 -13.55 6.26 32.95
CA LEU C 272 -14.69 5.39 32.53
C LEU C 272 -15.46 4.95 33.79
N SER C 273 -16.69 5.46 33.92
CA SER C 273 -17.63 5.16 35.04
C SER C 273 -19.06 5.18 34.50
N ALA C 274 -20.06 5.07 35.37
CA ALA C 274 -21.49 4.91 35.01
C ALA C 274 -21.83 5.81 33.82
N PRO C 275 -21.58 7.14 33.89
CA PRO C 275 -21.98 8.05 32.82
C PRO C 275 -21.36 7.75 31.45
N GLN C 276 -20.14 7.20 31.43
CA GLN C 276 -19.40 6.83 30.18
C GLN C 276 -20.03 5.57 29.57
N PHE C 277 -20.29 4.56 30.40
CA PHE C 277 -20.95 3.28 30.02
C PHE C 277 -22.37 3.57 29.52
N ALA C 278 -23.05 4.57 30.09
CA ALA C 278 -24.39 5.03 29.67
C ALA C 278 -24.32 5.62 28.25
N ALA C 279 -23.18 6.19 27.87
CA ALA C 279 -22.97 6.91 26.60
C ALA C 279 -22.52 5.94 25.50
N MET C 280 -22.14 4.70 25.88
CA MET C 280 -21.57 3.69 24.94
C MET C 280 -22.70 2.91 24.27
N LYS C 281 -22.43 2.26 23.13
CA LYS C 281 -23.44 1.51 22.35
C LYS C 281 -23.92 0.32 23.18
N ASP C 282 -25.18 -0.06 23.05
CA ASP C 282 -25.71 -1.35 23.58
C ASP C 282 -24.91 -2.48 22.93
N GLY C 283 -24.21 -3.29 23.74
CA GLY C 283 -23.47 -4.47 23.31
C GLY C 283 -22.05 -4.14 22.88
N ALA C 284 -21.53 -2.97 23.26
CA ALA C 284 -20.13 -2.54 23.00
C ALA C 284 -19.21 -3.19 24.02
N TYR C 285 -17.88 -3.03 23.84
CA TYR C 285 -16.84 -3.80 24.56
C TYR C 285 -15.80 -2.81 25.14
N VAL C 286 -15.29 -3.09 26.34
CA VAL C 286 -14.32 -2.22 27.06
C VAL C 286 -13.04 -3.01 27.30
N ILE C 287 -11.90 -2.46 26.89
CA ILE C 287 -10.56 -3.10 27.09
C ILE C 287 -9.67 -2.11 27.83
N ASN C 288 -9.08 -2.55 28.96
CA ASN C 288 -8.15 -1.71 29.75
C ASN C 288 -6.86 -2.51 30.02
N ALA C 289 -5.81 -2.21 29.24
CA ALA C 289 -4.42 -2.62 29.51
C ALA C 289 -3.55 -1.39 29.80
N SER C 290 -4.13 -0.31 30.35
CA SER C 290 -3.40 0.94 30.71
C SER C 290 -2.99 0.90 32.18
N ARG C 291 -3.82 1.44 33.09
CA ARG C 291 -3.52 1.57 34.54
C ARG C 291 -4.71 1.07 35.36
N GLY C 292 -4.44 0.56 36.56
CA GLY C 292 -5.43 -0.14 37.41
C GLY C 292 -6.58 0.76 37.84
N THR C 293 -6.43 2.07 37.66
CA THR C 293 -7.22 3.14 38.34
C THR C 293 -8.19 3.77 37.35
N VAL C 294 -7.93 3.61 36.05
CA VAL C 294 -8.52 4.43 34.95
C VAL C 294 -9.98 4.00 34.70
N VAL C 295 -10.37 2.81 35.17
CA VAL C 295 -11.77 2.29 35.03
C VAL C 295 -12.37 2.04 36.42
N ASP C 296 -13.64 2.40 36.60
CA ASP C 296 -14.37 2.08 37.86
C ASP C 296 -14.95 0.69 37.67
N ILE C 297 -14.33 -0.34 38.23
CA ILE C 297 -14.80 -1.74 38.04
C ILE C 297 -16.26 -1.92 38.50
N PRO C 298 -16.70 -1.47 39.70
CA PRO C 298 -18.13 -1.55 40.07
C PRO C 298 -19.11 -1.14 38.97
N SER C 299 -18.91 0.03 38.35
CA SER C 299 -19.79 0.51 37.26
C SER C 299 -19.73 -0.46 36.08
N LEU C 300 -18.53 -0.86 35.67
CA LEU C 300 -18.34 -1.87 34.59
C LEU C 300 -19.21 -3.09 34.90
N ILE C 301 -19.14 -3.59 36.13
CA ILE C 301 -19.83 -4.83 36.58
C ILE C 301 -21.35 -4.61 36.46
N GLN C 302 -21.83 -3.44 36.87
CA GLN C 302 -23.26 -3.05 36.75
C GLN C 302 -23.69 -3.09 35.27
N ALA C 303 -22.90 -2.45 34.41
CA ALA C 303 -23.17 -2.30 32.95
C ALA C 303 -23.22 -3.68 32.28
N VAL C 304 -22.28 -4.57 32.62
CA VAL C 304 -22.23 -5.96 32.07
C VAL C 304 -23.47 -6.70 32.56
N LYS C 305 -23.82 -6.53 33.84
CA LYS C 305 -24.99 -7.21 34.48
C LYS C 305 -26.28 -6.75 33.79
N ALA C 306 -26.32 -5.51 33.30
CA ALA C 306 -27.51 -4.88 32.69
C ALA C 306 -27.55 -5.11 31.18
N ASN C 307 -26.60 -5.88 30.64
CA ASN C 307 -26.52 -6.25 29.21
C ASN C 307 -26.25 -5.00 28.36
N LYS C 308 -25.63 -3.97 28.94
CA LYS C 308 -25.22 -2.73 28.23
C LYS C 308 -23.86 -2.95 27.59
N ILE C 309 -22.96 -3.63 28.33
CA ILE C 309 -21.61 -4.04 27.86
C ILE C 309 -21.62 -5.56 27.65
N ALA C 310 -21.23 -6.00 26.46
CA ALA C 310 -21.31 -7.41 26.02
C ALA C 310 -20.06 -8.18 26.46
N GLY C 311 -18.94 -7.48 26.71
CA GLY C 311 -17.71 -8.10 27.24
C GLY C 311 -16.66 -7.07 27.58
N ALA C 312 -15.64 -7.49 28.34
CA ALA C 312 -14.50 -6.64 28.77
C ALA C 312 -13.25 -7.49 28.93
N ALA C 313 -12.09 -6.91 28.67
CA ALA C 313 -10.77 -7.49 28.98
C ALA C 313 -9.99 -6.49 29.85
N LEU C 314 -9.62 -6.92 31.07
CA LEU C 314 -8.82 -6.13 32.04
C LEU C 314 -7.46 -6.81 32.26
N ASP C 315 -6.38 -6.03 32.16
CA ASP C 315 -4.99 -6.51 32.40
C ASP C 315 -4.47 -5.90 33.72
N VAL C 316 -5.20 -4.92 34.26
CA VAL C 316 -4.75 -4.02 35.36
C VAL C 316 -5.93 -3.74 36.29
N TYR C 317 -5.64 -3.77 37.58
CA TYR C 317 -6.69 -3.62 38.60
C TYR C 317 -6.16 -2.66 39.66
N PRO C 318 -6.99 -1.92 40.42
CA PRO C 318 -6.47 -0.94 41.36
C PRO C 318 -5.45 -1.53 42.33
N HIS C 319 -5.71 -2.73 42.83
CA HIS C 319 -4.79 -3.46 43.75
C HIS C 319 -4.38 -4.80 43.12
N GLU C 320 -3.08 -5.08 43.10
CA GLU C 320 -2.48 -6.27 42.43
C GLU C 320 -1.63 -7.04 43.45
N PRO C 321 -1.63 -8.40 43.39
CA PRO C 321 -0.68 -9.19 44.16
C PRO C 321 0.76 -8.68 43.99
N ALA C 322 1.62 -8.99 44.95
CA ALA C 322 3.00 -8.46 45.05
C ALA C 322 3.98 -9.47 44.45
N LYS C 323 3.72 -10.76 44.66
CA LYS C 323 4.39 -11.90 43.99
C LYS C 323 3.34 -12.63 43.14
N ASN C 324 3.76 -13.59 42.32
CA ASN C 324 2.86 -14.63 41.73
C ASN C 324 2.48 -15.62 42.85
N GLY C 325 1.22 -16.05 42.89
CA GLY C 325 0.71 -16.88 43.99
C GLY C 325 -0.70 -17.39 43.73
N GLU C 326 -1.10 -18.45 44.43
CA GLU C 326 -2.19 -19.36 44.01
C GLU C 326 -3.53 -18.94 44.65
N GLY C 327 -3.52 -18.03 45.63
CA GLY C 327 -4.78 -17.53 46.23
C GLY C 327 -4.87 -16.02 46.28
N SER C 328 -4.19 -15.32 45.37
CA SER C 328 -3.79 -13.90 45.49
C SER C 328 -4.92 -12.97 45.02
N PHE C 329 -5.69 -13.39 44.00
CA PHE C 329 -6.73 -12.56 43.33
C PHE C 329 -8.10 -12.89 43.95
N ASN C 330 -8.54 -12.07 44.92
CA ASN C 330 -9.68 -12.36 45.83
C ASN C 330 -10.24 -11.05 46.42
N ASP C 331 -11.21 -11.19 47.32
CA ASP C 331 -12.07 -10.09 47.82
C ASP C 331 -11.30 -9.31 48.90
N GLU C 332 -10.24 -9.90 49.46
CA GLU C 332 -9.29 -9.19 50.37
C GLU C 332 -8.54 -8.12 49.56
N LEU C 333 -8.17 -8.45 48.32
CA LEU C 333 -7.36 -7.58 47.42
C LEU C 333 -8.27 -6.53 46.77
N ASN C 334 -9.37 -6.96 46.18
CA ASN C 334 -10.41 -6.09 45.57
C ASN C 334 -11.78 -6.65 45.94
N SER C 335 -12.63 -5.85 46.58
CA SER C 335 -13.92 -6.35 47.12
C SER C 335 -14.81 -6.94 46.04
N TRP C 336 -14.53 -6.64 44.79
CA TRP C 336 -15.46 -7.07 43.71
C TRP C 336 -14.97 -8.33 43.02
N THR C 337 -13.91 -8.93 43.52
CA THR C 337 -13.34 -10.05 42.75
C THR C 337 -14.35 -11.18 42.55
N SER C 338 -15.11 -11.56 43.57
CA SER C 338 -16.00 -12.74 43.45
C SER C 338 -17.13 -12.45 42.49
N GLU C 339 -17.52 -11.20 42.37
CA GLU C 339 -18.61 -10.74 41.48
C GLU C 339 -18.10 -10.67 40.03
N LEU C 340 -16.93 -10.04 39.84
CA LEU C 340 -16.25 -9.87 38.53
C LEU C 340 -16.06 -11.24 37.86
N VAL C 341 -15.56 -12.23 38.59
CA VAL C 341 -15.16 -13.56 38.03
C VAL C 341 -16.40 -14.43 37.82
N SER C 342 -17.59 -13.93 38.18
CA SER C 342 -18.90 -14.64 38.02
C SER C 342 -19.40 -14.46 36.59
N LEU C 343 -18.93 -13.41 35.90
CA LEU C 343 -19.62 -12.79 34.74
C LEU C 343 -19.16 -13.47 33.46
N PRO C 344 -20.03 -13.53 32.42
CA PRO C 344 -19.65 -14.10 31.13
C PRO C 344 -18.91 -13.08 30.25
N ASN C 345 -17.99 -13.57 29.42
CA ASN C 345 -17.24 -12.83 28.37
C ASN C 345 -16.44 -11.69 29.03
N ILE C 346 -15.84 -11.96 30.20
CA ILE C 346 -14.79 -11.07 30.80
C ILE C 346 -13.44 -11.81 30.79
N ILE C 347 -12.49 -11.32 29.97
CA ILE C 347 -11.06 -11.79 29.96
C ILE C 347 -10.30 -11.04 31.06
N LEU C 348 -9.74 -11.80 32.00
CA LEU C 348 -8.96 -11.19 33.09
C LEU C 348 -7.54 -11.69 32.96
N THR C 349 -6.58 -10.78 32.93
CA THR C 349 -5.16 -11.16 32.70
C THR C 349 -4.31 -10.63 33.84
N PRO C 350 -3.19 -11.29 34.20
CA PRO C 350 -2.29 -10.76 35.22
C PRO C 350 -1.19 -9.77 34.82
N HIS C 351 -1.54 -8.55 34.39
CA HIS C 351 -0.52 -7.57 33.93
C HIS C 351 0.47 -8.25 32.97
N ILE C 352 -0.04 -8.93 31.94
CA ILE C 352 0.84 -9.64 30.96
C ILE C 352 0.98 -8.82 29.68
N GLY C 353 0.59 -7.54 29.71
CA GLY C 353 0.64 -6.72 28.49
C GLY C 353 2.05 -6.60 27.96
N GLY C 354 3.03 -6.41 28.85
CA GLY C 354 4.45 -6.37 28.43
C GLY C 354 5.18 -7.64 28.81
N SER C 355 4.45 -8.76 28.91
CA SER C 355 5.05 -10.05 29.32
C SER C 355 5.28 -10.94 28.10
N THR C 356 6.22 -10.54 27.22
CA THR C 356 6.69 -11.36 26.07
C THR C 356 8.21 -11.47 26.09
N GLU C 357 8.75 -12.49 25.41
CA GLU C 357 10.21 -12.70 25.20
C GLU C 357 10.78 -11.54 24.40
N GLU C 358 10.06 -11.09 23.37
CA GLU C 358 10.50 -9.96 22.51
C GLU C 358 10.71 -8.72 23.38
N ALA C 359 9.73 -8.36 24.21
CA ALA C 359 9.73 -7.15 25.05
C ALA C 359 10.91 -7.17 26.03
N GLN C 360 11.09 -8.29 26.73
CA GLN C 360 12.16 -8.48 27.74
C GLN C 360 13.52 -8.35 27.06
N SER C 361 13.67 -8.93 25.87
CA SER C 361 14.96 -9.02 25.14
C SER C 361 15.36 -7.61 24.66
N SER C 362 14.38 -6.79 24.29
CA SER C 362 14.61 -5.42 23.74
C SER C 362 14.77 -4.41 24.87
N ILE C 363 14.22 -4.72 26.06
CA ILE C 363 14.56 -4.04 27.34
C ILE C 363 16.03 -4.34 27.66
N GLY C 364 16.44 -5.60 27.56
CA GLY C 364 17.85 -6.03 27.71
C GLY C 364 18.79 -5.18 26.87
N ILE C 365 18.50 -5.03 25.58
CA ILE C 365 19.39 -4.33 24.60
C ILE C 365 19.38 -2.83 24.93
N GLU C 366 18.20 -2.25 25.10
CA GLU C 366 18.00 -0.78 25.28
C GLU C 366 18.82 -0.31 26.48
N VAL C 367 18.77 -1.04 27.59
CA VAL C 367 19.27 -0.56 28.92
C VAL C 367 20.74 -0.93 29.07
N ALA C 368 21.14 -2.15 28.66
CA ALA C 368 22.56 -2.58 28.63
C ALA C 368 23.37 -1.68 27.68
N THR C 369 22.79 -1.33 26.53
CA THR C 369 23.43 -0.39 25.57
C THR C 369 23.61 0.96 26.27
N ALA C 370 22.58 1.44 26.96
CA ALA C 370 22.54 2.77 27.59
C ALA C 370 23.64 2.88 28.65
N LEU C 371 23.71 1.90 29.56
CA LEU C 371 24.79 1.77 30.58
C LEU C 371 26.13 1.72 29.86
N SER C 372 26.25 0.86 28.85
CA SER C 372 27.52 0.55 28.15
C SER C 372 28.10 1.83 27.55
N LYS C 373 27.23 2.71 27.05
CA LYS C 373 27.65 3.99 26.40
C LYS C 373 27.95 5.03 27.50
N TYR C 374 27.31 4.93 28.66
CA TYR C 374 27.56 5.84 29.80
C TYR C 374 28.89 5.47 30.47
N ILE C 375 29.15 4.17 30.60
CA ILE C 375 30.40 3.63 31.23
C ILE C 375 31.58 3.90 30.29
N ASN C 376 31.39 3.79 28.97
CA ASN C 376 32.50 3.76 27.98
C ASN C 376 32.76 5.16 27.42
N GLU C 377 31.76 6.05 27.44
CA GLU C 377 31.77 7.33 26.69
C GLU C 377 31.19 8.47 27.53
N GLY C 378 30.55 8.15 28.65
CA GLY C 378 29.94 9.13 29.56
C GLY C 378 28.62 9.67 29.05
N ASN C 379 28.01 9.01 28.05
CA ASN C 379 26.71 9.39 27.44
C ASN C 379 25.58 9.22 28.47
N SER C 380 24.91 10.32 28.82
CA SER C 380 23.85 10.37 29.87
C SER C 380 22.49 10.68 29.25
N VAL C 381 22.39 10.65 27.91
CA VAL C 381 21.12 10.93 27.18
C VAL C 381 20.09 9.84 27.52
N GLY C 382 18.88 10.23 27.89
CA GLY C 382 17.79 9.30 28.24
C GLY C 382 17.78 8.92 29.71
N SER C 383 18.80 9.32 30.46
CA SER C 383 18.85 9.20 31.94
C SER C 383 17.69 9.98 32.57
N VAL C 384 17.16 9.51 33.70
CA VAL C 384 15.94 10.11 34.31
C VAL C 384 16.28 10.95 35.54
N ASN C 385 17.49 10.80 36.08
CA ASN C 385 17.89 11.55 37.30
C ASN C 385 19.07 12.45 37.03
N PHE C 386 19.74 12.28 35.89
CA PHE C 386 21.00 13.03 35.63
C PHE C 386 20.82 14.00 34.48
N PRO C 387 21.71 15.02 34.31
CA PRO C 387 21.64 15.90 33.15
C PRO C 387 21.92 15.08 31.90
N GLU C 388 21.35 15.46 30.76
CA GLU C 388 21.51 14.75 29.46
C GLU C 388 22.70 15.36 28.73
N VAL C 389 23.78 14.61 28.57
CA VAL C 389 25.08 15.14 28.06
C VAL C 389 25.77 14.03 27.25
N SER C 390 26.27 14.39 26.06
CA SER C 390 26.97 13.49 25.11
C SER C 390 27.86 14.34 24.19
N LEU C 391 28.88 13.71 23.59
CA LEU C 391 29.76 14.29 22.53
C LEU C 391 29.99 13.19 21.49
N LYS C 392 30.25 13.56 20.23
CA LYS C 392 30.66 12.61 19.16
C LYS C 392 31.83 11.77 19.68
N SER C 393 31.86 10.47 19.37
CA SER C 393 33.01 9.58 19.63
C SER C 393 34.26 10.18 18.98
N LEU C 394 35.45 9.81 19.47
CA LEU C 394 36.76 10.24 18.91
C LEU C 394 37.23 9.21 17.87
N ASP C 395 37.84 9.70 16.78
CA ASP C 395 38.47 8.86 15.72
C ASP C 395 39.51 7.94 16.37
N TYR C 396 39.74 6.76 15.78
CA TYR C 396 40.69 5.72 16.29
C TYR C 396 42.09 6.32 16.39
N ASP C 397 42.38 7.34 15.58
CA ASP C 397 43.77 7.82 15.30
C ASP C 397 44.08 9.05 16.18
N GLN C 398 43.15 9.45 17.06
CA GLN C 398 43.35 10.61 17.98
C GLN C 398 44.05 10.11 19.25
N GLU C 399 45.25 9.55 19.11
CA GLU C 399 46.14 9.17 20.24
C GLU C 399 46.35 10.39 21.13
N ASN C 400 46.34 10.18 22.44
CA ASN C 400 46.72 11.18 23.46
C ASN C 400 45.65 12.28 23.52
N THR C 401 44.42 11.97 23.14
CA THR C 401 43.20 12.70 23.58
C THR C 401 42.56 11.95 24.75
N VAL C 402 42.13 12.71 25.76
CA VAL C 402 41.53 12.17 27.02
C VAL C 402 40.16 12.82 27.20
N ARG C 403 39.20 12.06 27.73
CA ARG C 403 37.83 12.57 27.99
C ARG C 403 37.63 12.71 29.49
N VAL C 404 37.30 13.93 29.94
CA VAL C 404 37.03 14.25 31.37
C VAL C 404 35.52 14.19 31.58
N LEU C 405 35.08 13.33 32.51
CA LEU C 405 33.70 13.23 33.00
C LEU C 405 33.65 13.74 34.45
N TYR C 406 33.18 14.97 34.65
CA TYR C 406 33.26 15.71 35.93
C TYR C 406 31.85 16.05 36.41
N ILE C 407 31.28 15.20 37.28
CA ILE C 407 29.97 15.45 37.96
C ILE C 407 30.25 16.28 39.22
N HIS C 408 29.44 17.30 39.46
CA HIS C 408 29.78 18.44 40.36
C HIS C 408 28.50 19.14 40.83
N ARG C 409 28.62 19.93 41.90
CA ARG C 409 27.50 20.68 42.52
C ARG C 409 27.24 21.93 41.67
N ASN C 410 25.97 22.16 41.32
CA ASN C 410 25.55 23.21 40.35
C ASN C 410 25.65 24.58 41.03
N VAL C 411 26.87 25.11 41.16
CA VAL C 411 27.12 26.42 41.83
C VAL C 411 28.09 27.23 40.98
N PRO C 412 28.10 28.57 41.14
CA PRO C 412 29.03 29.42 40.41
C PRO C 412 30.48 29.03 40.72
N GLY C 413 31.36 29.09 39.72
CA GLY C 413 32.82 29.09 39.90
C GLY C 413 33.48 27.81 39.42
N VAL C 414 32.70 26.75 39.16
CA VAL C 414 33.24 25.37 39.02
C VAL C 414 33.90 25.21 37.64
N LEU C 415 33.29 25.76 36.58
CA LEU C 415 33.89 25.70 35.22
C LEU C 415 35.20 26.50 35.20
N LYS C 416 35.21 27.63 35.90
CA LYS C 416 36.42 28.48 36.09
C LYS C 416 37.58 27.63 36.61
N THR C 417 37.36 26.91 37.71
CA THR C 417 38.35 25.99 38.34
C THR C 417 38.81 24.94 37.32
N VAL C 418 37.85 24.20 36.74
CA VAL C 418 38.13 23.01 35.89
C VAL C 418 38.93 23.48 34.67
N ASN C 419 38.51 24.57 34.04
CA ASN C 419 39.09 25.05 32.76
C ASN C 419 40.47 25.65 33.05
N ASP C 420 40.68 26.14 34.27
CA ASP C 420 42.02 26.51 34.81
C ASP C 420 42.90 25.25 34.89
N ILE C 421 42.39 24.19 35.53
CA ILE C 421 43.15 22.92 35.72
C ILE C 421 43.56 22.34 34.36
N LEU C 422 42.80 22.61 33.30
CA LEU C 422 42.96 21.92 31.99
C LEU C 422 43.71 22.82 30.99
N SER C 423 44.16 24.01 31.41
CA SER C 423 44.49 25.13 30.49
C SER C 423 45.81 24.88 29.75
N ASP C 424 46.59 23.86 30.13
CA ASP C 424 47.87 23.52 29.47
C ASP C 424 47.61 22.51 28.36
N HIS C 425 46.35 22.26 28.04
CA HIS C 425 45.90 21.37 26.93
C HIS C 425 44.82 22.08 26.12
N ASN C 426 44.80 21.85 24.80
CA ASN C 426 43.67 22.30 23.94
C ASN C 426 42.44 21.46 24.28
N ILE C 427 41.35 22.13 24.68
CA ILE C 427 39.99 21.54 24.77
C ILE C 427 39.39 21.54 23.36
N GLU C 428 39.40 20.36 22.73
CA GLU C 428 38.78 20.13 21.40
C GLU C 428 37.29 20.51 21.50
N LYS C 429 36.63 20.08 22.57
CA LYS C 429 35.21 20.44 22.84
C LYS C 429 34.81 20.05 24.28
N GLN C 430 33.62 20.50 24.68
CA GLN C 430 33.22 20.59 26.10
C GLN C 430 31.71 20.87 26.17
N PHE C 431 31.00 20.15 27.04
CA PHE C 431 29.54 20.24 27.26
C PHE C 431 29.25 20.09 28.75
N SER C 432 28.57 21.09 29.33
CA SER C 432 28.07 21.08 30.72
C SER C 432 26.57 21.38 30.70
N ASP C 433 25.79 20.61 31.46
CA ASP C 433 24.34 20.85 31.72
C ASP C 433 24.07 20.60 33.22
N SER C 434 23.06 21.29 33.75
CA SER C 434 22.61 21.20 35.17
C SER C 434 21.23 20.55 35.24
N HIS C 435 21.00 19.73 36.27
CA HIS C 435 19.69 19.15 36.62
C HIS C 435 19.41 19.39 38.11
N GLY C 436 18.74 20.49 38.44
CA GLY C 436 18.59 21.00 39.81
C GLY C 436 19.94 21.33 40.43
N GLU C 437 20.38 20.53 41.40
CA GLU C 437 21.51 20.86 42.31
C GLU C 437 22.77 20.12 41.85
N ILE C 438 22.62 19.13 40.95
CA ILE C 438 23.75 18.37 40.34
C ILE C 438 23.97 18.89 38.90
N ALA C 439 25.19 18.77 38.39
CA ALA C 439 25.59 19.16 37.02
C ALA C 439 26.73 18.28 36.54
N TYR C 440 26.95 18.23 35.22
CA TYR C 440 27.76 17.20 34.53
C TYR C 440 28.50 17.87 33.35
N LEU C 441 29.83 17.96 33.48
CA LEU C 441 30.75 18.46 32.43
C LEU C 441 31.42 17.27 31.74
N MET C 442 31.40 17.27 30.41
CA MET C 442 32.25 16.39 29.56
C MET C 442 33.19 17.28 28.76
N ALA C 443 34.48 16.97 28.74
CA ALA C 443 35.50 17.69 27.94
C ALA C 443 36.44 16.71 27.23
N ASP C 444 36.76 17.01 25.98
CA ASP C 444 37.80 16.31 25.18
C ASP C 444 39.03 17.21 25.09
N ILE C 445 40.18 16.72 25.56
CA ILE C 445 41.46 17.47 25.63
C ILE C 445 42.55 16.67 24.91
N SER C 446 43.38 17.35 24.12
CA SER C 446 44.40 16.74 23.22
C SER C 446 45.80 16.94 23.81
N SER C 447 46.78 16.15 23.35
CA SER C 447 48.22 16.24 23.70
C SER C 447 48.40 15.98 25.21
N VAL C 448 47.96 14.82 25.67
CA VAL C 448 48.08 14.34 27.09
C VAL C 448 48.85 13.02 27.09
N ASN C 449 50.02 12.98 27.73
CA ASN C 449 50.93 11.80 27.78
C ASN C 449 50.75 11.11 29.14
N GLN C 450 51.18 9.85 29.24
CA GLN C 450 50.84 8.93 30.35
C GLN C 450 51.08 9.63 31.69
N SER C 451 52.12 10.48 31.75
CA SER C 451 52.51 11.27 32.95
C SER C 451 51.35 12.18 33.38
N GLU C 452 50.85 13.00 32.46
CA GLU C 452 50.04 14.22 32.75
C GLU C 452 48.63 13.81 33.22
N ILE C 453 48.22 12.58 32.90
CA ILE C 453 46.89 11.99 33.29
C ILE C 453 46.75 12.07 34.81
N LYS C 454 47.65 11.39 35.53
CA LYS C 454 47.66 11.26 37.02
C LYS C 454 47.52 12.66 37.63
N ASP C 455 48.28 13.63 37.15
CA ASP C 455 48.25 15.05 37.61
C ASP C 455 46.79 15.56 37.54
N ILE C 456 46.16 15.42 36.37
CA ILE C 456 44.83 16.03 36.06
C ILE C 456 43.76 15.36 36.95
N TYR C 457 43.79 14.04 37.05
CA TYR C 457 42.84 13.28 37.91
C TYR C 457 42.91 13.84 39.33
N GLU C 458 44.12 13.86 39.90
CA GLU C 458 44.37 14.23 41.32
C GLU C 458 43.82 15.65 41.58
N LYS C 459 44.03 16.57 40.63
CA LYS C 459 43.62 18.00 40.77
C LYS C 459 42.10 18.10 40.76
N LEU C 460 41.43 17.43 39.82
CA LEU C 460 39.94 17.44 39.68
C LEU C 460 39.33 16.76 40.90
N ASN C 461 39.98 15.71 41.42
CA ASN C 461 39.52 14.94 42.59
C ASN C 461 39.57 15.83 43.85
N GLN C 462 40.41 16.87 43.84
CA GLN C 462 40.71 17.71 45.04
C GLN C 462 39.79 18.94 45.08
N THR C 463 38.98 19.18 44.04
CA THR C 463 38.15 20.41 43.90
C THR C 463 36.93 20.34 44.83
N SER C 464 36.43 21.48 45.29
CA SER C 464 35.43 21.59 46.37
C SER C 464 34.07 21.07 45.88
N ALA C 465 33.74 21.36 44.62
CA ALA C 465 32.40 21.17 44.02
C ALA C 465 32.25 19.74 43.49
N LYS C 466 33.37 19.01 43.40
CA LYS C 466 33.45 17.64 42.85
C LYS C 466 32.45 16.73 43.57
N VAL C 467 31.68 15.96 42.79
CA VAL C 467 30.78 14.86 43.25
C VAL C 467 31.35 13.53 42.74
N SER C 468 31.75 13.46 41.47
CA SER C 468 32.45 12.29 40.88
C SER C 468 33.25 12.71 39.65
N ILE C 469 34.40 12.08 39.45
CA ILE C 469 35.31 12.29 38.28
C ILE C 469 35.76 10.92 37.79
N ARG C 470 35.65 10.67 36.49
CA ARG C 470 36.36 9.60 35.75
C ARG C 470 37.15 10.25 34.61
N LEU C 471 38.29 9.67 34.27
CA LEU C 471 39.04 9.96 33.02
C LEU C 471 38.97 8.74 32.11
N LEU C 472 38.64 8.96 30.83
CA LEU C 472 38.70 7.94 29.76
C LEU C 472 39.81 8.32 28.79
N TYR C 473 40.69 7.37 28.45
CA TYR C 473 41.89 7.56 27.61
C TYR C 473 42.15 6.27 26.82
N PRO D 27 14.99 -30.09 14.97
CA PRO D 27 14.55 -29.68 13.64
C PRO D 27 14.46 -28.16 13.66
N GLY D 28 14.59 -27.58 14.85
CA GLY D 28 14.51 -26.12 15.02
C GLY D 28 13.77 -25.80 16.29
N ALA D 29 13.80 -24.55 16.73
CA ALA D 29 13.03 -24.16 17.92
C ALA D 29 12.37 -22.79 17.71
N VAL D 30 11.21 -22.60 18.30
CA VAL D 30 10.56 -21.26 18.25
C VAL D 30 11.36 -20.41 19.20
N SER D 31 11.85 -19.30 18.69
CA SER D 31 12.76 -18.40 19.47
C SER D 31 12.41 -16.93 19.20
N THR D 32 12.96 -16.04 20.02
CA THR D 32 12.68 -14.57 20.01
C THR D 32 12.90 -14.03 18.60
N SER D 33 11.91 -13.30 18.06
CA SER D 33 12.00 -12.53 16.80
C SER D 33 13.16 -11.54 16.91
N PRO D 34 13.82 -11.17 15.79
CA PRO D 34 14.84 -10.12 15.82
C PRO D 34 14.22 -8.74 16.10
N THR D 35 14.80 -7.98 17.05
CA THR D 35 14.22 -6.72 17.61
C THR D 35 14.23 -5.64 16.52
N GLN D 36 13.10 -4.97 16.29
CA GLN D 36 12.73 -4.36 14.99
C GLN D 36 13.85 -3.40 14.55
N SER D 37 14.13 -3.36 13.25
CA SER D 37 15.37 -2.80 12.65
C SER D 37 15.28 -2.88 11.12
N PRO D 43 3.51 9.79 16.65
CA PRO D 43 3.54 10.63 15.45
C PRO D 43 3.82 12.10 15.82
N ARG D 44 3.62 13.03 14.89
CA ARG D 44 3.79 14.48 15.19
C ARG D 44 2.70 14.92 16.14
N ARG D 45 3.03 15.79 17.09
CA ARG D 45 2.03 16.20 18.10
C ARG D 45 2.06 17.70 18.33
N VAL D 46 1.06 18.24 19.03
CA VAL D 46 1.08 19.68 19.43
C VAL D 46 1.00 19.76 20.95
N GLN D 51 6.16 29.38 24.32
CA GLN D 51 6.61 28.87 25.63
C GLN D 51 8.12 29.09 25.79
N PRO D 52 8.92 29.10 24.70
CA PRO D 52 10.30 29.58 24.78
C PRO D 52 10.38 31.11 24.90
N LYS D 53 11.51 31.61 25.42
CA LYS D 53 11.81 33.06 25.58
C LYS D 53 12.32 33.62 24.24
N ALA D 54 11.78 34.76 23.81
CA ALA D 54 12.28 35.53 22.65
C ALA D 54 13.49 36.37 23.06
N LEU D 55 14.69 36.00 22.56
CA LEU D 55 15.99 36.63 22.92
C LEU D 55 16.30 37.76 21.94
N LYS D 56 16.82 38.87 22.47
CA LYS D 56 17.20 40.01 21.61
C LYS D 56 18.69 40.29 21.78
N PRO D 57 19.39 40.73 20.71
CA PRO D 57 20.80 41.08 20.85
C PRO D 57 20.95 42.41 21.59
N PHE D 58 22.12 42.66 22.18
CA PHE D 58 22.35 43.94 22.87
C PHE D 58 22.25 45.07 21.84
N SER D 59 22.81 44.87 20.65
CA SER D 59 22.71 45.89 19.57
C SER D 59 21.24 46.19 19.31
N ASP D 62 17.48 47.52 14.96
CA ASP D 62 16.92 46.28 14.35
C ASP D 62 17.92 45.73 13.33
N MET D 63 17.94 44.42 13.15
CA MET D 63 18.94 43.79 12.26
C MET D 63 18.65 44.11 10.80
N ASN D 64 19.67 44.10 9.96
CA ASN D 64 19.51 44.47 8.54
C ASN D 64 19.86 43.28 7.64
N ILE D 65 18.89 42.80 6.87
CA ILE D 65 19.12 41.68 5.90
C ILE D 65 19.20 42.27 4.50
N LEU D 66 20.22 41.87 3.73
CA LEU D 66 20.30 42.05 2.26
C LEU D 66 20.07 40.71 1.57
N LEU D 67 19.09 40.65 0.67
CA LEU D 67 18.81 39.47 -0.20
C LEU D 67 19.05 39.84 -1.66
N LEU D 68 19.94 39.10 -2.33
CA LEU D 68 20.29 39.29 -3.77
C LEU D 68 19.70 38.15 -4.62
N GLU D 69 19.77 38.30 -5.94
CA GLU D 69 19.60 37.20 -6.94
C GLU D 69 18.19 36.62 -6.84
N ASN D 70 17.22 37.43 -6.38
CA ASN D 70 15.78 37.11 -6.43
C ASN D 70 15.51 35.85 -5.60
N VAL D 71 15.87 35.88 -4.31
CA VAL D 71 15.50 34.82 -3.33
C VAL D 71 13.97 34.81 -3.19
N ASN D 72 13.41 33.62 -2.91
CA ASN D 72 11.96 33.35 -2.86
C ASN D 72 11.30 34.20 -1.76
N ALA D 73 10.00 34.50 -1.91
CA ALA D 73 9.23 35.39 -1.01
C ALA D 73 9.00 34.73 0.34
N THR D 74 9.13 33.39 0.42
CA THR D 74 9.03 32.64 1.71
C THR D 74 10.11 33.12 2.67
N ALA D 75 11.35 33.28 2.18
CA ALA D 75 12.50 33.81 2.93
C ALA D 75 12.16 35.22 3.43
N ILE D 76 11.72 36.09 2.52
CA ILE D 76 11.33 37.50 2.80
C ILE D 76 10.33 37.53 3.95
N LYS D 77 9.28 36.71 3.91
CA LYS D 77 8.19 36.78 4.90
C LYS D 77 8.71 36.30 6.26
N ILE D 78 9.57 35.27 6.29
CA ILE D 78 10.17 34.72 7.54
C ILE D 78 10.96 35.82 8.26
N PHE D 79 11.70 36.63 7.51
CA PHE D 79 12.62 37.68 8.01
C PHE D 79 11.82 38.87 8.54
N LYS D 80 10.79 39.30 7.80
CA LYS D 80 9.91 40.44 8.19
C LYS D 80 9.14 40.09 9.48
N ASP D 81 8.72 38.83 9.63
CA ASP D 81 7.94 38.34 10.79
C ASP D 81 8.84 38.25 12.04
N GLN D 82 10.16 38.34 11.86
CA GLN D 82 11.16 38.34 12.97
C GLN D 82 11.41 39.78 13.44
N GLY D 83 10.87 40.76 12.70
CA GLY D 83 11.09 42.21 12.96
C GLY D 83 12.17 42.79 12.07
N TYR D 84 13.01 41.93 11.47
CA TYR D 84 14.22 42.35 10.71
C TYR D 84 13.80 43.33 9.61
N GLN D 85 14.71 44.22 9.21
CA GLN D 85 14.57 45.12 8.03
C GLN D 85 15.18 44.40 6.82
N VAL D 86 14.40 44.21 5.75
CA VAL D 86 14.84 43.46 4.54
C VAL D 86 15.03 44.44 3.38
N GLU D 87 16.18 44.36 2.71
CA GLU D 87 16.44 44.95 1.38
C GLU D 87 16.54 43.82 0.34
N PHE D 88 15.68 43.86 -0.67
CA PHE D 88 15.48 42.77 -1.67
C PHE D 88 15.86 43.28 -3.07
N HIS D 89 16.73 42.54 -3.77
CA HIS D 89 17.08 42.78 -5.20
C HIS D 89 16.84 41.50 -6.01
N LYS D 90 16.53 41.65 -7.31
CA LYS D 90 16.24 40.53 -8.25
C LYS D 90 17.54 40.10 -8.96
N SER D 91 18.60 40.92 -8.85
CA SER D 91 19.89 40.72 -9.58
C SER D 91 21.04 40.66 -8.56
N SER D 92 22.20 40.12 -8.97
CA SER D 92 23.52 40.40 -8.36
C SER D 92 23.76 41.91 -8.39
N LEU D 93 24.72 42.41 -7.60
CA LEU D 93 25.16 43.82 -7.59
C LEU D 93 26.62 43.90 -8.02
N PRO D 94 27.03 44.96 -8.74
CA PRO D 94 28.45 45.19 -9.03
C PRO D 94 29.24 45.43 -7.74
N GLU D 95 30.50 44.96 -7.75
CA GLU D 95 31.48 45.03 -6.63
C GLU D 95 31.38 46.38 -5.91
N ASP D 96 31.17 47.47 -6.66
CA ASP D 96 31.12 48.86 -6.12
C ASP D 96 29.99 48.97 -5.11
N GLU D 97 28.74 48.79 -5.57
CA GLU D 97 27.51 49.06 -4.77
C GLU D 97 27.41 48.06 -3.61
N LEU D 98 27.95 46.85 -3.80
CA LEU D 98 27.93 45.75 -2.80
C LEU D 98 28.75 46.16 -1.59
N ILE D 99 30.03 46.53 -1.81
CA ILE D 99 30.97 47.00 -0.75
C ILE D 99 30.29 48.11 0.07
N GLU D 100 29.62 49.06 -0.60
CA GLU D 100 28.88 50.16 0.08
C GLU D 100 27.79 49.56 0.97
N LYS D 101 27.04 48.58 0.44
CA LYS D 101 25.76 48.08 1.02
C LYS D 101 26.05 47.20 2.25
N ILE D 102 27.14 46.43 2.19
CA ILE D 102 27.44 45.28 3.12
C ILE D 102 28.13 45.80 4.39
N LYS D 103 28.52 47.08 4.40
CA LYS D 103 29.17 47.73 5.56
C LYS D 103 28.28 47.53 6.79
N ASP D 104 26.97 47.77 6.64
CA ASP D 104 26.03 48.02 7.77
C ASP D 104 24.99 46.90 7.84
N VAL D 105 25.32 45.72 7.30
CA VAL D 105 24.37 44.58 7.11
C VAL D 105 24.74 43.46 8.09
N HIS D 106 23.72 42.80 8.66
CA HIS D 106 23.85 41.76 9.71
C HIS D 106 23.81 40.37 9.09
N ALA D 107 23.05 40.19 8.00
CA ALA D 107 22.94 38.92 7.25
C ALA D 107 22.69 39.21 5.77
N ILE D 108 23.38 38.49 4.90
CA ILE D 108 23.23 38.59 3.42
C ILE D 108 22.81 37.22 2.88
N GLY D 109 21.78 37.19 2.03
CA GLY D 109 21.39 36.02 1.21
C GLY D 109 21.78 36.20 -0.25
N ILE D 110 22.56 35.25 -0.78
CA ILE D 110 23.01 35.22 -2.20
C ILE D 110 22.53 33.93 -2.85
N ARG D 111 22.73 33.80 -4.16
CA ARG D 111 22.72 32.49 -4.87
C ARG D 111 24.09 32.29 -5.51
N SER D 112 24.18 31.59 -6.65
CA SER D 112 25.43 31.06 -7.25
C SER D 112 26.28 32.19 -7.85
N LYS D 113 25.66 33.34 -8.17
CA LYS D 113 26.27 34.39 -9.03
C LYS D 113 27.14 35.33 -8.18
N THR D 114 26.60 35.90 -7.10
CA THR D 114 27.31 36.87 -6.21
C THR D 114 28.54 36.18 -5.59
N ARG D 115 29.75 36.57 -5.99
CA ARG D 115 31.02 36.12 -5.35
C ARG D 115 31.28 36.97 -4.10
N LEU D 116 31.35 36.32 -2.93
CA LEU D 116 31.79 36.95 -1.66
C LEU D 116 33.25 36.55 -1.38
N THR D 117 34.20 37.33 -1.91
CA THR D 117 35.67 37.16 -1.73
C THR D 117 36.13 37.90 -0.46
N GLU D 118 37.35 37.61 -0.02
CA GLU D 118 38.09 38.43 0.99
C GLU D 118 37.93 39.91 0.63
N LYS D 119 38.09 40.27 -0.65
CA LYS D 119 38.08 41.67 -1.16
C LYS D 119 36.83 42.40 -0.63
N ILE D 120 35.68 41.73 -0.59
CA ILE D 120 34.36 42.39 -0.32
C ILE D 120 33.89 42.05 1.10
N LEU D 121 34.31 40.90 1.66
CA LEU D 121 33.92 40.47 3.02
C LEU D 121 34.71 41.26 4.08
N GLN D 122 35.82 41.90 3.68
CA GLN D 122 36.76 42.57 4.62
C GLN D 122 36.14 43.88 5.11
N HIS D 123 35.14 44.42 4.41
CA HIS D 123 34.45 45.69 4.76
C HIS D 123 33.16 45.41 5.53
N ALA D 124 32.88 44.14 5.83
CA ALA D 124 31.62 43.68 6.47
C ALA D 124 31.76 43.70 7.99
N ARG D 125 31.58 44.89 8.60
CA ARG D 125 31.77 45.13 10.05
C ARG D 125 30.81 44.25 10.85
N ASN D 126 29.55 44.17 10.42
CA ASN D 126 28.40 43.74 11.26
C ASN D 126 27.94 42.33 10.87
N LEU D 127 28.54 41.76 9.82
CA LEU D 127 28.00 40.53 9.17
C LEU D 127 28.12 39.34 10.14
N VAL D 128 26.96 38.79 10.53
CA VAL D 128 26.80 37.65 11.47
C VAL D 128 26.88 36.32 10.68
N CYS D 129 26.18 36.25 9.55
CA CYS D 129 25.99 34.99 8.77
C CYS D 129 25.65 35.29 7.30
N ILE D 130 26.01 34.34 6.43
CA ILE D 130 25.71 34.34 4.97
C ILE D 130 24.74 33.20 4.67
N GLY D 131 23.68 33.51 3.91
CA GLY D 131 22.77 32.46 3.46
C GLY D 131 22.93 32.18 1.99
N CYS D 132 23.35 30.97 1.64
CA CYS D 132 23.42 30.58 0.21
C CYS D 132 22.11 29.89 -0.17
N PHE D 133 21.14 30.63 -0.72
CA PHE D 133 19.85 30.05 -1.18
C PHE D 133 20.08 29.23 -2.43
N CYS D 134 20.73 28.09 -2.32
CA CYS D 134 21.20 27.21 -3.41
C CYS D 134 22.07 26.10 -2.81
N ILE D 135 22.63 25.22 -3.65
CA ILE D 135 23.45 24.08 -3.15
C ILE D 135 24.91 24.54 -3.03
N GLY D 136 25.41 25.27 -4.03
CA GLY D 136 26.83 25.68 -4.03
C GLY D 136 27.24 26.71 -3.00
N THR D 137 28.48 26.62 -2.54
CA THR D 137 29.07 27.59 -1.58
C THR D 137 30.45 28.05 -2.07
N ASN D 138 30.85 27.65 -3.29
CA ASN D 138 32.17 27.96 -3.89
C ASN D 138 32.28 29.44 -4.20
N GLN D 139 31.15 30.13 -4.35
CA GLN D 139 31.07 31.59 -4.63
C GLN D 139 31.38 32.37 -3.35
N VAL D 140 31.60 31.68 -2.23
CA VAL D 140 32.00 32.30 -0.92
C VAL D 140 33.38 31.78 -0.51
N ASP D 141 34.25 32.68 -0.08
CA ASP D 141 35.54 32.37 0.60
C ASP D 141 35.22 31.87 2.01
N LEU D 142 34.92 30.58 2.15
CA LEU D 142 34.51 29.95 3.43
C LEU D 142 35.61 30.13 4.49
N LYS D 143 36.85 29.74 4.16
CA LYS D 143 38.04 29.82 5.06
C LYS D 143 38.11 31.23 5.66
N TYR D 144 38.07 32.26 4.81
CA TYR D 144 38.15 33.68 5.25
C TYR D 144 36.95 34.03 6.14
N ALA D 145 35.74 33.68 5.71
CA ALA D 145 34.46 33.98 6.42
C ALA D 145 34.54 33.42 7.85
N ALA D 146 35.03 32.18 7.99
CA ALA D 146 35.16 31.47 9.27
C ALA D 146 36.14 32.22 10.19
N SER D 147 37.27 32.68 9.65
CA SER D 147 38.35 33.37 10.40
C SER D 147 37.87 34.74 10.91
N LYS D 148 36.75 35.26 10.38
CA LYS D 148 36.13 36.54 10.85
C LYS D 148 34.91 36.24 11.72
N GLY D 149 34.60 34.96 11.94
CA GLY D 149 33.45 34.51 12.74
C GLY D 149 32.13 34.64 11.98
N ILE D 150 32.16 34.42 10.66
CA ILE D 150 30.98 34.56 9.76
C ILE D 150 30.50 33.17 9.36
N ALA D 151 29.31 32.77 9.83
CA ALA D 151 28.74 31.43 9.62
C ALA D 151 27.99 31.39 8.27
N VAL D 152 28.25 30.37 7.46
CA VAL D 152 27.62 30.18 6.12
C VAL D 152 26.69 28.96 6.15
N PHE D 153 25.48 29.12 5.59
CA PHE D 153 24.45 28.06 5.46
C PHE D 153 24.01 27.93 4.00
N ASN D 154 23.58 26.74 3.60
CA ASN D 154 23.06 26.44 2.24
C ASN D 154 21.84 25.52 2.36
N SER D 155 21.25 25.11 1.24
CA SER D 155 20.19 24.08 1.14
C SER D 155 20.62 23.02 0.14
N PRO D 156 21.30 21.94 0.59
CA PRO D 156 21.93 21.00 -0.34
C PRO D 156 20.92 20.08 -1.07
N PHE D 157 19.77 19.78 -0.45
CA PHE D 157 18.90 18.62 -0.79
C PHE D 157 17.46 19.05 -1.10
N SER D 158 17.20 20.35 -1.20
CA SER D 158 15.84 20.95 -1.36
C SER D 158 15.31 20.72 -2.79
N ASN D 159 16.08 20.10 -3.67
CA ASN D 159 15.83 20.09 -5.14
C ASN D 159 15.52 18.67 -5.62
N SER D 160 15.63 17.67 -4.74
CA SER D 160 15.63 16.23 -5.08
C SER D 160 14.36 15.86 -5.86
N ARG D 161 13.19 16.28 -5.35
CA ARG D 161 11.87 15.91 -5.92
C ARG D 161 11.75 16.49 -7.33
N SER D 162 12.18 17.74 -7.51
CA SER D 162 12.08 18.48 -8.79
C SER D 162 12.89 17.78 -9.88
N VAL D 163 14.04 17.19 -9.51
CA VAL D 163 14.92 16.47 -10.48
C VAL D 163 14.31 15.10 -10.82
N ALA D 164 13.78 14.38 -9.82
CA ALA D 164 13.19 13.04 -9.99
C ALA D 164 11.99 13.13 -10.96
N GLU D 165 11.09 14.08 -10.73
CA GLU D 165 9.90 14.31 -11.60
C GLU D 165 10.38 14.59 -13.03
N LEU D 166 11.37 15.46 -13.19
CA LEU D 166 11.91 15.79 -14.54
C LEU D 166 12.32 14.49 -15.25
N VAL D 167 13.01 13.58 -14.56
CA VAL D 167 13.59 12.37 -15.20
C VAL D 167 12.45 11.45 -15.63
N ILE D 168 11.38 11.33 -14.82
CA ILE D 168 10.17 10.55 -15.19
C ILE D 168 9.61 11.13 -16.49
N GLY D 169 9.34 12.44 -16.50
CA GLY D 169 8.82 13.16 -17.68
C GLY D 169 9.63 12.85 -18.93
N GLU D 170 10.97 12.78 -18.78
CA GLU D 170 11.92 12.66 -19.91
C GLU D 170 12.05 11.19 -20.33
N ILE D 171 11.87 10.25 -19.40
CA ILE D 171 11.81 8.80 -19.75
C ILE D 171 10.65 8.61 -20.72
N ILE D 172 9.47 9.12 -20.35
CA ILE D 172 8.23 8.99 -21.15
C ILE D 172 8.42 9.77 -22.46
N SER D 173 8.96 10.98 -22.39
CA SER D 173 9.11 11.89 -23.56
C SER D 173 10.05 11.24 -24.58
N LEU D 174 11.16 10.64 -24.13
CA LEU D 174 12.12 9.93 -25.02
C LEU D 174 11.47 8.66 -25.57
N ALA D 175 10.81 7.88 -24.70
CA ALA D 175 10.13 6.62 -25.04
C ALA D 175 9.19 6.81 -26.23
N ARG D 176 8.55 7.98 -26.31
CA ARG D 176 7.40 8.24 -27.22
C ARG D 176 7.80 9.28 -28.28
N GLN D 177 9.03 9.81 -28.17
CA GLN D 177 9.58 10.86 -29.05
C GLN D 177 8.63 12.06 -29.11
N LEU D 178 8.18 12.54 -27.95
CA LEU D 178 7.19 13.64 -27.86
C LEU D 178 7.76 14.91 -28.48
N GLY D 179 8.95 15.32 -28.04
CA GLY D 179 9.66 16.51 -28.53
C GLY D 179 9.65 16.58 -30.05
N ASP D 180 10.07 15.50 -30.70
CA ASP D 180 10.16 15.39 -32.19
C ASP D 180 8.75 15.57 -32.78
N ARG D 181 7.77 14.87 -32.22
CA ARG D 181 6.37 14.89 -32.70
C ARG D 181 5.85 16.33 -32.66
N SER D 182 6.11 17.07 -31.59
CA SER D 182 5.57 18.43 -31.37
C SER D 182 6.32 19.46 -32.24
N ILE D 183 7.61 19.23 -32.49
CA ILE D 183 8.44 20.10 -33.39
C ILE D 183 7.91 19.94 -34.82
N GLU D 184 7.69 18.70 -35.25
CA GLU D 184 7.13 18.36 -36.59
C GLU D 184 5.82 19.14 -36.80
N LEU D 185 4.85 19.00 -35.88
CA LEU D 185 3.46 19.48 -36.09
C LEU D 185 3.44 21.02 -36.07
N HIS D 186 4.41 21.63 -35.38
CA HIS D 186 4.56 23.10 -35.27
C HIS D 186 5.03 23.68 -36.61
N THR D 187 5.80 22.89 -37.37
CA THR D 187 6.29 23.23 -38.74
C THR D 187 5.28 22.72 -39.78
N GLY D 188 4.24 22.01 -39.34
CA GLY D 188 3.10 21.60 -40.18
C GLY D 188 3.24 20.17 -40.71
N THR D 189 4.25 19.43 -40.24
CA THR D 189 4.47 18.00 -40.60
C THR D 189 3.68 17.09 -39.65
N TRP D 190 2.89 16.17 -40.21
CA TRP D 190 2.14 15.12 -39.48
C TRP D 190 2.86 13.77 -39.67
N ASN D 191 3.43 13.23 -38.60
CA ASN D 191 4.23 11.98 -38.64
C ASN D 191 3.84 11.08 -37.46
N LYS D 192 2.70 10.39 -37.58
CA LYS D 192 2.17 9.45 -36.54
C LYS D 192 3.00 8.17 -36.57
N VAL D 193 3.84 7.95 -35.56
CA VAL D 193 4.86 6.86 -35.53
C VAL D 193 4.68 6.02 -34.25
N ALA D 194 4.67 4.69 -34.42
CA ALA D 194 4.61 3.70 -33.32
C ALA D 194 5.91 2.88 -33.26
N ALA D 195 6.70 2.96 -34.34
CA ALA D 195 7.92 2.16 -34.45
C ALA D 195 8.98 2.61 -33.45
N ARG D 196 9.43 1.71 -32.58
CA ARG D 196 10.46 2.02 -31.57
C ARG D 196 9.93 3.12 -30.65
N CYS D 197 8.61 3.32 -30.64
CA CYS D 197 8.01 4.22 -29.63
C CYS D 197 7.46 3.24 -28.60
N TRP D 198 7.86 3.34 -27.34
CA TRP D 198 7.52 2.27 -26.38
C TRP D 198 6.74 2.72 -25.15
N GLU D 199 6.10 1.77 -24.48
CA GLU D 199 5.47 2.09 -23.17
C GLU D 199 6.57 1.88 -22.14
N VAL D 200 6.54 2.61 -21.02
CA VAL D 200 7.65 2.49 -20.04
C VAL D 200 7.43 1.25 -19.19
N ARG D 201 6.19 0.90 -18.88
CA ARG D 201 5.84 -0.31 -18.09
C ARG D 201 6.60 -1.51 -18.67
N GLY D 202 7.35 -2.22 -17.82
CA GLY D 202 8.07 -3.46 -18.17
C GLY D 202 9.49 -3.18 -18.63
N LYS D 203 9.85 -1.91 -18.84
CA LYS D 203 11.22 -1.49 -19.24
C LYS D 203 12.10 -1.40 -18.00
N THR D 204 13.43 -1.36 -18.19
CA THR D 204 14.43 -1.31 -17.10
C THR D 204 15.05 0.09 -17.04
N LEU D 205 14.90 0.75 -15.89
CA LEU D 205 15.65 1.98 -15.52
C LEU D 205 16.93 1.55 -14.80
N GLY D 206 18.09 1.90 -15.37
CA GLY D 206 19.41 1.85 -14.70
C GLY D 206 19.75 3.18 -14.04
N ILE D 207 19.75 3.22 -12.70
CA ILE D 207 20.13 4.44 -11.92
C ILE D 207 21.61 4.33 -11.51
N ILE D 208 22.44 5.23 -12.04
CA ILE D 208 23.88 5.40 -11.67
C ILE D 208 23.97 6.46 -10.57
N GLY D 209 24.16 6.03 -9.33
CA GLY D 209 24.19 6.90 -8.15
C GLY D 209 22.86 6.88 -7.42
N TYR D 210 22.77 6.08 -6.35
CA TYR D 210 21.51 5.80 -5.62
C TYR D 210 21.45 6.68 -4.36
N GLY D 211 21.58 8.00 -4.53
CA GLY D 211 21.61 8.98 -3.43
C GLY D 211 20.24 9.53 -3.08
N HIS D 212 20.17 10.78 -2.62
CA HIS D 212 18.91 11.53 -2.34
C HIS D 212 17.97 11.48 -3.55
N ILE D 213 18.50 11.80 -4.74
CA ILE D 213 17.70 11.93 -5.99
C ILE D 213 17.49 10.54 -6.59
N GLY D 214 18.57 9.77 -6.77
CA GLY D 214 18.50 8.37 -7.23
C GLY D 214 17.37 7.62 -6.56
N SER D 215 17.25 7.73 -5.23
CA SER D 215 16.35 6.91 -4.38
C SER D 215 14.90 7.38 -4.56
N GLN D 216 14.66 8.71 -4.56
CA GLN D 216 13.30 9.28 -4.82
C GLN D 216 12.83 8.86 -6.22
N LEU D 217 13.74 8.89 -7.21
CA LEU D 217 13.46 8.45 -8.59
C LEU D 217 13.07 6.97 -8.60
N SER D 218 13.81 6.14 -7.87
CA SER D 218 13.59 4.67 -7.77
C SER D 218 12.11 4.39 -7.53
N VAL D 219 11.51 5.11 -6.56
CA VAL D 219 10.14 4.84 -6.05
C VAL D 219 9.12 5.27 -7.12
N LEU D 220 9.29 6.46 -7.70
CA LEU D 220 8.44 7.00 -8.81
C LEU D 220 8.49 6.01 -9.99
N ALA D 221 9.68 5.56 -10.36
CA ALA D 221 9.91 4.66 -11.53
C ALA D 221 9.16 3.34 -11.32
N GLU D 222 9.19 2.77 -10.11
CA GLU D 222 8.51 1.49 -9.78
C GLU D 222 7.00 1.71 -9.90
N ALA D 223 6.50 2.84 -9.39
CA ALA D 223 5.09 3.25 -9.47
C ALA D 223 4.63 3.43 -10.93
N MET D 224 5.53 3.84 -11.84
CA MET D 224 5.24 3.94 -13.30
C MET D 224 5.48 2.59 -13.99
N GLY D 225 5.87 1.56 -13.20
CA GLY D 225 5.92 0.16 -13.66
C GLY D 225 7.25 -0.18 -14.32
N LEU D 226 8.32 0.52 -13.95
CA LEU D 226 9.70 0.19 -14.39
C LEU D 226 10.36 -0.72 -13.36
N HIS D 227 11.06 -1.76 -13.83
CA HIS D 227 12.18 -2.44 -13.14
C HIS D 227 13.33 -1.46 -12.93
N VAL D 228 13.84 -1.37 -11.70
CA VAL D 228 14.97 -0.46 -11.30
C VAL D 228 16.19 -1.33 -10.96
N LEU D 229 17.26 -1.18 -11.72
CA LEU D 229 18.64 -1.56 -11.31
C LEU D 229 19.38 -0.29 -10.90
N TYR D 230 20.38 -0.39 -10.02
CA TYR D 230 21.29 0.73 -9.67
C TYR D 230 22.72 0.21 -9.41
N TYR D 231 23.70 0.86 -10.05
CA TYR D 231 25.15 0.77 -9.71
C TYR D 231 25.53 1.93 -8.78
N ASP D 232 26.34 1.62 -7.78
CA ASP D 232 26.95 2.62 -6.86
C ASP D 232 28.27 2.05 -6.35
N ILE D 233 29.25 2.92 -6.08
CA ILE D 233 30.62 2.55 -5.60
C ILE D 233 30.51 2.02 -4.16
N VAL D 234 29.33 2.16 -3.57
CA VAL D 234 29.03 1.72 -2.17
C VAL D 234 27.82 0.79 -2.21
N THR D 235 27.75 -0.16 -1.27
CA THR D 235 26.56 -1.01 -1.02
C THR D 235 25.51 -0.19 -0.28
N ILE D 236 24.28 -0.15 -0.82
CA ILE D 236 23.14 0.67 -0.33
C ILE D 236 21.87 -0.19 -0.32
N MET D 237 21.05 -0.04 0.72
CA MET D 237 19.78 -0.80 0.90
C MET D 237 18.73 -0.26 -0.08
N ALA D 238 18.23 -1.12 -0.97
CA ALA D 238 17.17 -0.82 -1.96
C ALA D 238 15.94 -0.27 -1.24
N LEU D 239 15.30 0.77 -1.79
CA LEU D 239 13.87 1.12 -1.57
C LEU D 239 13.00 0.23 -2.46
N GLY D 240 11.72 0.03 -2.07
CA GLY D 240 10.79 -0.85 -2.80
C GLY D 240 11.46 -2.16 -3.17
N THR D 241 11.54 -2.47 -4.46
CA THR D 241 12.04 -3.78 -4.98
C THR D 241 13.10 -3.55 -6.06
N ALA D 242 13.85 -2.46 -5.97
CA ALA D 242 15.06 -2.19 -6.81
C ALA D 242 16.17 -3.18 -6.42
N ARG D 243 17.08 -3.48 -7.35
CA ARG D 243 18.18 -4.47 -7.14
C ARG D 243 19.51 -3.79 -7.49
N GLN D 244 20.46 -3.77 -6.55
CA GLN D 244 21.82 -3.24 -6.76
C GLN D 244 22.64 -4.22 -7.61
N VAL D 245 23.40 -3.70 -8.57
CA VAL D 245 24.19 -4.48 -9.56
C VAL D 245 25.68 -4.18 -9.34
N SER D 246 26.55 -5.18 -9.52
CA SER D 246 27.93 -5.19 -9.00
C SER D 246 28.83 -4.29 -9.86
N THR D 247 28.63 -4.33 -11.19
CA THR D 247 29.42 -3.56 -12.18
C THR D 247 28.51 -2.60 -12.95
N LEU D 248 29.07 -1.46 -13.37
CA LEU D 248 28.47 -0.53 -14.37
C LEU D 248 28.07 -1.31 -15.62
N ASP D 249 28.90 -2.26 -16.04
CA ASP D 249 28.75 -3.02 -17.32
C ASP D 249 27.44 -3.82 -17.30
N GLU D 250 27.10 -4.44 -16.16
CA GLU D 250 25.86 -5.22 -15.99
C GLU D 250 24.65 -4.29 -16.12
N LEU D 251 24.72 -3.09 -15.50
CA LEU D 251 23.66 -2.06 -15.59
C LEU D 251 23.44 -1.67 -17.05
N LEU D 252 24.50 -1.26 -17.75
CA LEU D 252 24.42 -0.78 -19.15
C LEU D 252 23.87 -1.89 -20.05
N ASN D 253 24.14 -3.15 -19.69
CA ASN D 253 23.80 -4.34 -20.52
C ASN D 253 22.29 -4.60 -20.45
N LYS D 254 21.67 -4.35 -19.29
CA LYS D 254 20.33 -4.88 -18.92
C LYS D 254 19.32 -3.73 -18.79
N SER D 255 19.71 -2.51 -19.15
CA SER D 255 18.91 -1.28 -18.94
C SER D 255 18.40 -0.75 -20.28
N ASP D 256 17.17 -0.21 -20.27
CA ASP D 256 16.52 0.43 -21.44
C ASP D 256 16.79 1.94 -21.35
N PHE D 257 16.69 2.50 -20.14
CA PHE D 257 17.04 3.91 -19.82
C PHE D 257 18.14 3.93 -18.77
N VAL D 258 19.21 4.68 -19.02
CA VAL D 258 20.32 4.92 -18.05
C VAL D 258 20.27 6.39 -17.64
N THR D 259 20.17 6.66 -16.33
CA THR D 259 20.13 8.03 -15.75
C THR D 259 21.27 8.16 -14.74
N LEU D 260 21.88 9.35 -14.67
CA LEU D 260 23.08 9.63 -13.83
C LEU D 260 22.68 10.57 -12.69
N HIS D 261 23.02 10.21 -11.46
CA HIS D 261 22.76 11.03 -10.24
C HIS D 261 24.00 10.98 -9.33
N VAL D 262 25.16 11.38 -9.89
CA VAL D 262 26.51 11.27 -9.26
C VAL D 262 27.04 12.67 -9.00
N PRO D 263 27.97 12.83 -8.02
CA PRO D 263 28.70 14.09 -7.86
C PRO D 263 29.86 14.22 -8.86
N ALA D 264 30.43 15.42 -8.98
CA ALA D 264 31.59 15.73 -9.84
C ALA D 264 32.88 15.38 -9.07
N THR D 265 33.52 14.28 -9.49
CA THR D 265 34.81 13.77 -8.96
C THR D 265 35.67 13.35 -10.14
N PRO D 266 36.99 13.13 -9.96
CA PRO D 266 37.83 12.59 -11.03
C PRO D 266 37.31 11.27 -11.60
N GLU D 267 36.62 10.46 -10.79
CA GLU D 267 36.12 9.11 -11.19
C GLU D 267 34.85 9.22 -12.04
N THR D 268 34.06 10.28 -11.84
CA THR D 268 32.78 10.50 -12.59
C THR D 268 33.05 11.28 -13.88
N GLU D 269 34.17 12.00 -13.96
CA GLU D 269 34.60 12.74 -15.17
C GLU D 269 34.51 11.81 -16.39
N LYS D 270 33.59 12.09 -17.31
CA LYS D 270 33.47 11.43 -18.62
C LYS D 270 33.31 9.91 -18.43
N MET D 271 32.62 9.49 -17.35
CA MET D 271 32.50 8.05 -16.96
C MET D 271 31.58 7.32 -17.95
N LEU D 272 30.69 8.05 -18.65
CA LEU D 272 29.99 7.55 -19.86
C LEU D 272 30.70 8.07 -21.12
N SER D 273 31.35 7.15 -21.84
CA SER D 273 32.12 7.43 -23.08
C SER D 273 31.98 6.23 -24.02
N ALA D 274 32.71 6.23 -25.14
CA ALA D 274 32.60 5.23 -26.24
C ALA D 274 32.36 3.84 -25.65
N PRO D 275 33.25 3.33 -24.77
CA PRO D 275 33.14 1.95 -24.28
C PRO D 275 31.85 1.66 -23.50
N GLN D 276 31.26 2.66 -22.83
CA GLN D 276 29.99 2.52 -22.07
C GLN D 276 28.81 2.42 -23.04
N PHE D 277 28.77 3.30 -24.05
CA PHE D 277 27.74 3.34 -25.12
C PHE D 277 27.79 2.04 -25.92
N ALA D 278 29.00 1.48 -26.10
CA ALA D 278 29.24 0.18 -26.79
C ALA D 278 28.61 -0.96 -25.98
N ALA D 279 28.53 -0.82 -24.64
CA ALA D 279 28.07 -1.87 -23.70
C ALA D 279 26.55 -1.78 -23.51
N MET D 280 25.91 -0.71 -24.01
CA MET D 280 24.47 -0.44 -23.79
C MET D 280 23.64 -1.16 -24.86
N LYS D 281 22.35 -1.37 -24.61
CA LYS D 281 21.43 -2.04 -25.56
C LYS D 281 21.30 -1.18 -26.81
N ASP D 282 21.14 -1.82 -27.97
CA ASP D 282 20.76 -1.14 -29.23
C ASP D 282 19.41 -0.45 -28.99
N GLY D 283 19.37 0.88 -29.12
CA GLY D 283 18.15 1.70 -29.01
C GLY D 283 17.83 2.08 -27.56
N ALA D 284 18.81 2.01 -26.65
CA ALA D 284 18.68 2.45 -25.24
C ALA D 284 18.82 3.96 -25.16
N TYR D 285 18.52 4.56 -24.00
CA TYR D 285 18.37 6.02 -23.80
C TYR D 285 19.23 6.47 -22.62
N VAL D 286 19.84 7.65 -22.73
CA VAL D 286 20.76 8.23 -21.70
C VAL D 286 20.17 9.55 -21.21
N ILE D 287 20.03 9.70 -19.89
CA ILE D 287 19.56 10.96 -19.25
C ILE D 287 20.63 11.44 -18.26
N ASN D 288 21.04 12.69 -18.37
CA ASN D 288 22.03 13.32 -17.46
C ASN D 288 21.47 14.65 -16.95
N ALA D 289 20.99 14.66 -15.71
CA ALA D 289 20.67 15.88 -14.93
C ALA D 289 21.59 15.98 -13.70
N SER D 290 22.80 15.38 -13.77
CA SER D 290 23.79 15.40 -12.65
C SER D 290 24.77 16.56 -12.82
N ARG D 291 25.90 16.34 -13.51
CA ARG D 291 27.00 17.33 -13.67
C ARG D 291 27.45 17.42 -15.13
N GLY D 292 27.90 18.60 -15.56
CA GLY D 292 28.20 18.93 -16.96
C GLY D 292 29.29 18.06 -17.55
N THR D 293 30.04 17.36 -16.70
CA THR D 293 31.38 16.77 -17.01
C THR D 293 31.27 15.25 -17.13
N VAL D 294 30.19 14.67 -16.59
CA VAL D 294 30.06 13.21 -16.28
C VAL D 294 29.84 12.41 -17.58
N VAL D 295 29.50 13.06 -18.69
CA VAL D 295 29.26 12.35 -19.98
C VAL D 295 30.14 12.96 -21.07
N ASP D 296 30.64 12.13 -21.99
CA ASP D 296 31.46 12.62 -23.13
C ASP D 296 30.51 12.92 -24.27
N ILE D 297 30.19 14.20 -24.47
CA ILE D 297 29.14 14.54 -25.46
C ILE D 297 29.53 14.05 -26.86
N PRO D 298 30.78 14.20 -27.36
CA PRO D 298 31.08 13.74 -28.70
C PRO D 298 30.88 12.24 -28.88
N SER D 299 31.18 11.43 -27.87
CA SER D 299 30.89 9.98 -27.96
C SER D 299 29.38 9.77 -28.03
N LEU D 300 28.63 10.40 -27.14
CA LEU D 300 27.15 10.37 -27.19
C LEU D 300 26.70 10.65 -28.63
N ILE D 301 27.23 11.73 -29.22
CA ILE D 301 26.84 12.23 -30.57
C ILE D 301 27.15 11.13 -31.60
N GLN D 302 28.31 10.49 -31.48
CA GLN D 302 28.74 9.35 -32.36
C GLN D 302 27.72 8.21 -32.23
N ALA D 303 27.39 7.83 -31.00
CA ALA D 303 26.49 6.69 -30.67
C ALA D 303 25.10 6.94 -31.25
N VAL D 304 24.57 8.16 -31.09
CA VAL D 304 23.24 8.56 -31.63
C VAL D 304 23.31 8.50 -33.16
N LYS D 305 24.41 8.99 -33.75
CA LYS D 305 24.61 9.04 -35.23
C LYS D 305 24.66 7.61 -35.78
N ALA D 306 25.15 6.64 -34.99
CA ALA D 306 25.38 5.24 -35.40
C ALA D 306 24.14 4.38 -35.08
N ASN D 307 23.06 5.00 -34.57
CA ASN D 307 21.78 4.33 -34.27
C ASN D 307 21.96 3.33 -33.13
N LYS D 308 22.95 3.56 -32.26
CA LYS D 308 23.18 2.73 -31.04
C LYS D 308 22.32 3.28 -29.89
N ILE D 309 22.25 4.60 -29.77
CA ILE D 309 21.43 5.32 -28.76
C ILE D 309 20.25 5.99 -29.48
N ALA D 310 19.03 5.73 -29.02
CA ALA D 310 17.76 6.14 -29.69
C ALA D 310 17.35 7.54 -29.23
N GLY D 311 17.84 7.99 -28.08
CA GLY D 311 17.52 9.32 -27.53
C GLY D 311 18.38 9.67 -26.32
N ALA D 312 18.45 10.96 -25.97
CA ALA D 312 19.12 11.46 -24.76
C ALA D 312 18.43 12.75 -24.28
N ALA D 313 18.45 12.97 -22.97
CA ALA D 313 18.06 14.25 -22.33
C ALA D 313 19.23 14.75 -21.48
N LEU D 314 19.74 15.94 -21.78
CA LEU D 314 20.84 16.62 -21.04
C LEU D 314 20.29 17.89 -20.38
N ASP D 315 20.59 18.10 -19.10
CA ASP D 315 20.22 19.32 -18.33
C ASP D 315 21.49 20.14 -18.04
N VAL D 316 22.66 19.54 -18.29
CA VAL D 316 23.99 20.03 -17.81
C VAL D 316 25.03 19.78 -18.89
N TYR D 317 26.02 20.66 -19.00
CA TYR D 317 27.02 20.70 -20.09
C TYR D 317 28.37 21.16 -19.52
N PRO D 318 29.50 20.76 -20.14
CA PRO D 318 30.82 21.17 -19.68
C PRO D 318 30.96 22.68 -19.46
N HIS D 319 30.32 23.49 -20.31
CA HIS D 319 30.31 24.97 -20.24
C HIS D 319 28.88 25.51 -20.42
N GLU D 320 28.44 26.39 -19.52
CA GLU D 320 27.08 26.98 -19.49
C GLU D 320 27.20 28.49 -19.49
N PRO D 321 26.32 29.23 -20.20
CA PRO D 321 26.26 30.68 -20.09
C PRO D 321 26.23 31.13 -18.62
N ALA D 322 26.60 32.39 -18.37
CA ALA D 322 26.64 33.02 -17.04
C ALA D 322 25.32 33.73 -16.78
N LYS D 323 24.75 34.34 -17.83
CA LYS D 323 23.40 34.97 -17.82
C LYS D 323 22.49 34.18 -18.76
N ASN D 324 21.18 34.38 -18.63
CA ASN D 324 20.17 34.03 -19.66
C ASN D 324 20.35 34.96 -20.86
N GLY D 325 20.18 34.43 -22.08
CA GLY D 325 19.78 35.22 -23.26
C GLY D 325 20.01 34.50 -24.57
N GLU D 326 19.89 35.22 -25.68
CA GLU D 326 19.75 34.67 -27.06
C GLU D 326 21.16 34.42 -27.66
N GLY D 327 21.26 33.40 -28.51
CA GLY D 327 22.54 32.89 -29.04
C GLY D 327 23.64 32.79 -27.98
N SER D 328 23.30 32.38 -26.75
CA SER D 328 24.27 32.06 -25.67
C SER D 328 24.82 30.64 -25.84
N PHE D 329 23.98 29.71 -26.32
CA PHE D 329 24.27 28.25 -26.41
C PHE D 329 24.72 27.96 -27.84
N ASN D 330 26.04 27.90 -28.06
CA ASN D 330 26.66 27.94 -29.42
C ASN D 330 28.05 27.32 -29.37
N ASP D 331 28.78 27.39 -30.49
CA ASP D 331 30.05 26.65 -30.74
C ASP D 331 31.20 27.38 -30.05
N GLU D 332 31.01 28.66 -29.70
CA GLU D 332 31.95 29.44 -28.84
C GLU D 332 31.94 28.84 -27.42
N LEU D 333 30.77 28.43 -26.94
CA LEU D 333 30.55 27.88 -25.57
C LEU D 333 30.98 26.41 -25.51
N ASN D 334 30.49 25.65 -26.48
CA ASN D 334 30.82 24.21 -26.56
C ASN D 334 30.96 23.92 -28.05
N SER D 335 32.04 23.26 -28.44
CA SER D 335 32.33 23.06 -29.87
C SER D 335 31.23 22.28 -30.59
N TRP D 336 30.61 21.32 -29.92
CA TRP D 336 29.68 20.40 -30.62
C TRP D 336 28.24 20.92 -30.57
N THR D 337 28.04 22.15 -30.14
CA THR D 337 26.64 22.58 -29.95
C THR D 337 25.90 22.41 -31.28
N SER D 338 26.52 22.78 -32.38
CA SER D 338 25.77 22.73 -33.66
C SER D 338 25.48 21.29 -34.03
N GLU D 339 26.41 20.38 -33.77
CA GLU D 339 26.20 18.97 -34.20
C GLU D 339 25.08 18.36 -33.38
N LEU D 340 25.04 18.66 -32.09
CA LEU D 340 24.01 18.08 -31.21
C LEU D 340 22.65 18.60 -31.63
N VAL D 341 22.55 19.89 -31.91
CA VAL D 341 21.20 20.46 -32.19
C VAL D 341 20.60 19.90 -33.48
N SER D 342 21.35 19.10 -34.22
CA SER D 342 20.85 18.56 -35.50
C SER D 342 20.46 17.09 -35.35
N LEU D 343 20.53 16.56 -34.13
CA LEU D 343 20.25 15.11 -33.94
C LEU D 343 18.78 14.91 -33.61
N PRO D 344 18.18 13.74 -33.94
CA PRO D 344 16.80 13.43 -33.55
C PRO D 344 16.68 12.93 -32.10
N ASN D 345 15.57 13.27 -31.43
CA ASN D 345 15.14 12.75 -30.11
C ASN D 345 16.21 13.07 -29.04
N ILE D 346 16.73 14.30 -29.06
CA ILE D 346 17.56 14.86 -27.96
C ILE D 346 16.80 15.99 -27.27
N ILE D 347 16.42 15.80 -26.00
CA ILE D 347 15.90 16.89 -25.12
C ILE D 347 17.10 17.64 -24.50
N LEU D 348 17.21 18.92 -24.75
CA LEU D 348 18.27 19.73 -24.11
C LEU D 348 17.60 20.74 -23.19
N THR D 349 18.07 20.84 -21.96
CA THR D 349 17.41 21.73 -20.97
C THR D 349 18.44 22.67 -20.35
N PRO D 350 18.06 23.90 -19.99
CA PRO D 350 18.97 24.83 -19.38
C PRO D 350 19.20 24.73 -17.87
N HIS D 351 19.74 23.59 -17.39
CA HIS D 351 19.99 23.36 -15.94
C HIS D 351 18.74 23.71 -15.14
N ILE D 352 17.60 23.11 -15.48
CA ILE D 352 16.31 23.48 -14.85
C ILE D 352 15.76 22.35 -13.99
N GLY D 353 16.60 21.43 -13.57
CA GLY D 353 16.16 20.28 -12.77
C GLY D 353 15.54 20.68 -11.45
N GLY D 354 16.09 21.68 -10.79
CA GLY D 354 15.47 22.17 -9.55
C GLY D 354 14.80 23.49 -9.78
N SER D 355 14.49 23.78 -11.04
CA SER D 355 13.89 25.09 -11.38
C SER D 355 12.38 25.01 -11.26
N THR D 356 11.86 24.78 -10.06
CA THR D 356 10.41 24.82 -9.76
C THR D 356 10.16 25.81 -8.63
N GLU D 357 8.93 26.31 -8.51
CA GLU D 357 8.49 27.22 -7.42
C GLU D 357 8.50 26.45 -6.10
N GLU D 358 8.16 25.16 -6.10
CA GLU D 358 8.22 24.31 -4.88
C GLU D 358 9.65 24.32 -4.33
N ALA D 359 10.65 24.01 -5.17
CA ALA D 359 12.08 23.87 -4.80
C ALA D 359 12.62 25.19 -4.25
N GLN D 360 12.36 26.29 -4.96
CA GLN D 360 12.84 27.65 -4.59
C GLN D 360 12.24 28.04 -3.23
N SER D 361 10.96 27.75 -3.02
CA SER D 361 10.21 28.19 -1.81
C SER D 361 10.73 27.44 -0.58
N SER D 362 11.13 26.17 -0.76
CA SER D 362 11.59 25.29 0.34
C SER D 362 13.09 25.51 0.61
N ILE D 363 13.83 26.00 -0.38
CA ILE D 363 15.18 26.62 -0.19
C ILE D 363 15.02 27.89 0.64
N GLY D 364 14.06 28.74 0.29
CA GLY D 364 13.69 29.94 1.06
C GLY D 364 13.49 29.63 2.54
N ILE D 365 12.68 28.63 2.85
CA ILE D 365 12.29 28.27 4.25
C ILE D 365 13.52 27.67 4.95
N GLU D 366 14.20 26.71 4.31
CA GLU D 366 15.32 25.95 4.92
C GLU D 366 16.40 26.93 5.39
N VAL D 367 16.74 27.91 4.56
CA VAL D 367 17.94 28.78 4.73
C VAL D 367 17.57 29.99 5.60
N ALA D 368 16.42 30.61 5.36
CA ALA D 368 15.91 31.74 6.18
C ALA D 368 15.67 31.26 7.62
N THR D 369 15.16 30.04 7.79
CA THR D 369 14.98 29.42 9.13
C THR D 369 16.36 29.29 9.78
N ALA D 370 17.35 28.81 9.02
CA ALA D 370 18.71 28.48 9.51
C ALA D 370 19.39 29.76 10.01
N LEU D 371 19.38 30.82 9.21
CA LEU D 371 19.88 32.17 9.60
C LEU D 371 19.11 32.65 10.83
N SER D 372 17.78 32.56 10.79
CA SER D 372 16.88 33.13 11.82
C SER D 372 17.22 32.52 13.17
N LYS D 373 17.56 31.22 13.19
CA LYS D 373 17.87 30.47 14.43
C LYS D 373 19.32 30.76 14.86
N TYR D 374 20.20 31.10 13.91
CA TYR D 374 21.61 31.45 14.22
C TYR D 374 21.64 32.87 14.78
N ILE D 375 20.85 33.78 14.21
CA ILE D 375 20.77 35.21 14.67
C ILE D 375 20.07 35.25 16.03
N ASN D 376 19.06 34.42 16.27
CA ASN D 376 18.13 34.55 17.42
C ASN D 376 18.57 33.66 18.59
N GLU D 377 19.34 32.60 18.31
CA GLU D 377 19.64 31.53 19.29
C GLU D 377 21.12 31.14 19.22
N GLY D 378 21.83 31.57 18.17
CA GLY D 378 23.25 31.20 17.95
C GLY D 378 23.42 29.77 17.46
N ASN D 379 22.34 29.14 16.97
CA ASN D 379 22.33 27.76 16.41
C ASN D 379 23.15 27.72 15.12
N SER D 380 24.23 26.93 15.10
CA SER D 380 25.17 26.81 13.96
C SER D 380 25.10 25.41 13.33
N VAL D 381 24.11 24.61 13.70
CA VAL D 381 23.91 23.22 13.17
C VAL D 381 23.61 23.32 11.67
N GLY D 382 24.32 22.52 10.86
CA GLY D 382 24.14 22.43 9.41
C GLY D 382 24.96 23.46 8.65
N SER D 383 25.79 24.25 9.35
CA SER D 383 26.71 25.21 8.70
C SER D 383 27.85 24.46 8.02
N VAL D 384 28.36 25.01 6.93
CA VAL D 384 29.40 24.31 6.12
C VAL D 384 30.80 24.82 6.45
N ASN D 385 30.93 25.85 7.29
CA ASN D 385 32.26 26.45 7.56
C ASN D 385 32.46 26.68 9.04
N PHE D 386 31.46 26.43 9.87
CA PHE D 386 31.55 26.81 11.28
C PHE D 386 31.40 25.60 12.16
N PRO D 387 31.86 25.65 13.43
CA PRO D 387 31.63 24.54 14.35
C PRO D 387 30.12 24.38 14.55
N GLU D 388 29.63 23.15 14.69
CA GLU D 388 28.16 22.93 14.80
C GLU D 388 27.74 22.95 16.26
N VAL D 389 26.97 23.95 16.68
CA VAL D 389 26.66 24.14 18.12
C VAL D 389 25.24 24.65 18.35
N SER D 390 24.58 24.14 19.37
CA SER D 390 23.20 24.53 19.75
C SER D 390 22.94 24.16 21.21
N LEU D 391 21.96 24.83 21.84
CA LEU D 391 21.45 24.52 23.20
C LEU D 391 19.92 24.60 23.17
N LYS D 392 19.24 23.84 24.03
CA LYS D 392 17.76 23.92 24.22
C LYS D 392 17.38 25.39 24.46
N SER D 393 16.27 25.83 23.89
CA SER D 393 15.64 27.16 24.16
C SER D 393 15.43 27.31 25.66
N LEU D 394 15.34 28.56 26.15
CA LEU D 394 15.04 28.89 27.56
C LEU D 394 13.54 29.12 27.72
N ASP D 395 12.96 28.68 28.85
CA ASP D 395 11.53 28.90 29.22
C ASP D 395 11.24 30.41 29.20
N TYR D 396 9.99 30.79 28.94
CA TYR D 396 9.45 32.17 29.07
C TYR D 396 9.70 32.70 30.48
N ASP D 397 9.86 31.80 31.46
CA ASP D 397 9.82 32.10 32.91
C ASP D 397 11.24 32.38 33.45
N GLN D 398 12.27 32.25 32.59
CA GLN D 398 13.70 32.35 33.00
C GLN D 398 14.15 33.81 32.90
N GLU D 399 13.53 34.71 33.67
CA GLU D 399 13.89 36.14 33.74
C GLU D 399 15.37 36.27 34.13
N ASN D 400 16.09 37.18 33.49
CA ASN D 400 17.48 37.60 33.87
C ASN D 400 18.46 36.46 33.59
N THR D 401 18.14 35.58 32.64
CA THR D 401 19.11 34.67 31.99
C THR D 401 19.60 35.29 30.67
N VAL D 402 20.91 35.21 30.42
CA VAL D 402 21.58 35.80 29.22
C VAL D 402 22.35 34.69 28.50
N ARG D 403 22.41 34.74 27.18
CA ARG D 403 23.15 33.74 26.37
C ARG D 403 24.41 34.39 25.79
N VAL D 404 25.57 33.80 26.06
CA VAL D 404 26.89 34.25 25.55
C VAL D 404 27.22 33.44 24.30
N LEU D 405 27.42 34.13 23.17
CA LEU D 405 27.90 33.54 21.89
C LEU D 405 29.32 34.07 21.62
N TYR D 406 30.34 33.25 21.88
CA TYR D 406 31.77 33.67 21.90
C TYR D 406 32.54 32.84 20.87
N ILE D 407 32.73 33.39 19.67
CA ILE D 407 33.60 32.80 18.60
C ILE D 407 35.03 33.28 18.85
N HIS D 408 35.99 32.37 18.77
CA HIS D 408 37.35 32.53 19.35
C HIS D 408 38.35 31.61 18.65
N ARG D 409 39.64 31.88 18.82
CA ARG D 409 40.75 31.13 18.19
C ARG D 409 40.97 29.83 18.98
N ASN D 410 41.08 28.71 18.28
CA ASN D 410 41.11 27.36 18.89
C ASN D 410 42.50 27.11 19.50
N VAL D 411 42.77 27.69 20.67
CA VAL D 411 44.08 27.53 21.38
C VAL D 411 43.82 27.28 22.87
N PRO D 412 44.80 26.69 23.58
CA PRO D 412 44.66 26.47 25.02
C PRO D 412 44.47 27.81 25.76
N GLY D 413 43.63 27.81 26.80
CA GLY D 413 43.55 28.90 27.79
C GLY D 413 42.23 29.64 27.72
N VAL D 414 41.47 29.50 26.62
CA VAL D 414 40.39 30.47 26.28
C VAL D 414 39.17 30.23 27.17
N LEU D 415 38.80 28.97 27.41
CA LEU D 415 37.65 28.64 28.30
C LEU D 415 37.99 29.07 29.74
N LYS D 416 39.24 28.88 30.15
CA LYS D 416 39.77 29.36 31.46
C LYS D 416 39.43 30.84 31.66
N THR D 417 39.80 31.68 30.70
CA THR D 417 39.53 33.15 30.69
C THR D 417 38.02 33.41 30.76
N VAL D 418 37.26 32.82 29.84
CA VAL D 418 35.80 33.11 29.67
C VAL D 418 35.08 32.72 30.96
N ASN D 419 35.38 31.54 31.50
CA ASN D 419 34.65 30.97 32.65
C ASN D 419 35.07 31.72 33.93
N ASP D 420 36.28 32.32 33.91
CA ASP D 420 36.73 33.31 34.91
C ASP D 420 35.85 34.56 34.83
N ILE D 421 35.69 35.12 33.62
CA ILE D 421 34.88 36.36 33.39
C ILE D 421 33.42 36.13 33.84
N LEU D 422 32.93 34.89 33.84
CA LEU D 422 31.49 34.58 34.05
C LEU D 422 31.25 34.06 35.48
N SER D 423 32.28 34.09 36.33
CA SER D 423 32.37 33.36 37.63
C SER D 423 31.31 33.82 38.63
N ASP D 424 30.78 35.05 38.46
CA ASP D 424 29.85 35.70 39.42
C ASP D 424 28.42 35.24 39.14
N HIS D 425 28.24 34.36 38.16
CA HIS D 425 26.92 33.88 37.68
C HIS D 425 26.95 32.36 37.59
N ASN D 426 25.84 31.71 37.96
CA ASN D 426 25.57 30.29 37.65
C ASN D 426 25.48 30.14 36.13
N ILE D 427 26.37 29.32 35.57
CA ILE D 427 26.26 28.77 34.19
C ILE D 427 25.28 27.59 34.21
N GLU D 428 24.04 27.84 33.79
CA GLU D 428 22.98 26.81 33.64
C GLU D 428 23.52 25.69 32.74
N LYS D 429 24.14 26.07 31.62
CA LYS D 429 24.83 25.12 30.70
C LYS D 429 25.68 25.87 29.67
N GLN D 430 26.45 25.10 28.89
CA GLN D 430 27.62 25.59 28.12
C GLN D 430 28.07 24.50 27.15
N PHE D 431 28.35 24.88 25.90
CA PHE D 431 28.81 24.01 24.79
C PHE D 431 29.86 24.76 23.96
N SER D 432 31.04 24.16 23.83
CA SER D 432 32.14 24.62 22.93
C SER D 432 32.55 23.47 22.01
N ASP D 433 32.69 23.77 20.70
CA ASP D 433 33.27 22.87 19.67
C ASP D 433 34.26 23.66 18.81
N SER D 434 35.26 22.97 18.26
CA SER D 434 36.33 23.53 17.41
C SER D 434 36.19 23.00 15.98
N HIS D 435 36.45 23.86 14.99
CA HIS D 435 36.52 23.50 13.55
C HIS D 435 37.84 24.05 12.97
N GLY D 436 38.89 23.22 12.97
CA GLY D 436 40.27 23.64 12.67
C GLY D 436 40.74 24.70 13.65
N GLU D 437 40.89 25.95 13.18
CA GLU D 437 41.64 27.02 13.89
C GLU D 437 40.64 27.98 14.55
N ILE D 438 39.34 27.86 14.24
CA ILE D 438 38.25 28.62 14.90
C ILE D 438 37.48 27.68 15.84
N ALA D 439 36.77 28.26 16.82
CA ALA D 439 35.96 27.54 17.82
C ALA D 439 34.84 28.46 18.33
N TYR D 440 33.79 27.86 18.93
CA TYR D 440 32.47 28.51 19.18
C TYR D 440 31.92 28.00 20.52
N LEU D 441 31.88 28.89 21.50
CA LEU D 441 31.28 28.65 22.84
C LEU D 441 29.90 29.31 22.89
N MET D 442 28.91 28.55 23.35
CA MET D 442 27.58 29.05 23.78
C MET D 442 27.42 28.74 25.27
N ALA D 443 26.97 29.72 26.06
CA ALA D 443 26.76 29.58 27.51
C ALA D 443 25.49 30.30 27.95
N ASP D 444 24.71 29.66 28.81
CA ASP D 444 23.50 30.21 29.46
C ASP D 444 23.82 30.52 30.91
N ILE D 445 23.65 31.78 31.32
CA ILE D 445 24.02 32.30 32.67
C ILE D 445 22.81 33.01 33.27
N SER D 446 22.53 32.77 34.55
CA SER D 446 21.35 33.28 35.30
C SER D 446 21.76 34.43 36.21
N SER D 447 20.77 35.21 36.68
CA SER D 447 20.93 36.30 37.67
C SER D 447 21.85 37.39 37.10
N VAL D 448 21.44 37.96 35.96
CA VAL D 448 22.14 39.09 35.27
C VAL D 448 21.16 40.26 35.13
N ASN D 449 21.49 41.41 35.74
CA ASN D 449 20.71 42.67 35.63
C ASN D 449 21.33 43.55 34.55
N GLN D 450 20.55 44.50 33.99
CA GLN D 450 20.92 45.31 32.80
C GLN D 450 22.33 45.86 32.96
N SER D 451 22.70 46.21 34.20
CA SER D 451 24.03 46.76 34.58
C SER D 451 25.13 45.76 34.23
N GLU D 452 25.02 44.51 34.69
CA GLU D 452 26.11 43.49 34.66
C GLU D 452 26.34 43.01 33.22
N ILE D 453 25.35 43.18 32.34
CA ILE D 453 25.45 42.75 30.90
C ILE D 453 26.59 43.53 30.25
N LYS D 454 26.51 44.87 30.26
CA LYS D 454 27.51 45.79 29.67
C LYS D 454 28.92 45.41 30.14
N ASP D 455 29.08 45.13 31.44
CA ASP D 455 30.36 44.70 32.05
C ASP D 455 30.88 43.46 31.32
N ILE D 456 30.04 42.44 31.18
CA ILE D 456 30.43 41.11 30.63
C ILE D 456 30.79 41.25 29.15
N TYR D 457 29.99 41.99 28.38
CA TYR D 457 30.29 42.31 26.96
C TYR D 457 31.71 42.86 26.86
N GLU D 458 31.98 43.97 27.58
CA GLU D 458 33.25 44.74 27.51
C GLU D 458 34.43 43.81 27.79
N LYS D 459 34.30 42.92 28.79
CA LYS D 459 35.37 42.00 29.25
C LYS D 459 35.65 40.95 28.16
N LEU D 460 34.60 40.33 27.61
CA LEU D 460 34.72 39.29 26.56
C LEU D 460 35.27 39.94 25.28
N ASN D 461 34.89 41.19 25.02
CA ASN D 461 35.33 41.96 23.83
C ASN D 461 36.84 42.23 23.92
N GLN D 462 37.40 42.23 25.13
CA GLN D 462 38.80 42.64 25.42
C GLN D 462 39.73 41.42 25.45
N THR D 463 39.21 40.20 25.28
CA THR D 463 40.00 38.96 25.43
C THR D 463 40.86 38.74 24.18
N SER D 464 42.00 38.07 24.34
CA SER D 464 43.08 37.91 23.31
C SER D 464 42.55 37.07 22.14
N ALA D 465 41.79 36.02 22.45
CA ALA D 465 41.43 34.92 21.53
C ALA D 465 40.14 35.28 20.78
N LYS D 466 39.46 36.34 21.21
CA LYS D 466 38.13 36.76 20.70
C LYS D 466 38.20 36.98 19.19
N VAL D 467 37.24 36.41 18.45
CA VAL D 467 37.00 36.65 16.99
C VAL D 467 35.66 37.38 16.82
N SER D 468 34.61 36.97 17.53
CA SER D 468 33.30 37.65 17.56
C SER D 468 32.53 37.25 18.82
N ILE D 469 31.81 38.21 19.42
CA ILE D 469 31.00 38.04 20.65
C ILE D 469 29.66 38.75 20.43
N ARG D 470 28.56 38.03 20.66
CA ARG D 470 27.20 38.61 20.80
C ARG D 470 26.63 38.16 22.14
N LEU D 471 25.80 39.01 22.75
CA LEU D 471 24.98 38.66 23.93
C LEU D 471 23.50 38.69 23.53
N LEU D 472 22.76 37.64 23.88
CA LEU D 472 21.29 37.57 23.71
C LEU D 472 20.64 37.62 25.09
N TYR D 473 19.64 38.50 25.24
CA TYR D 473 19.25 39.21 26.49
C TYR D 473 17.77 38.95 26.77
#